data_5H5D
# 
_entry.id   5H5D 
# 
_audit_conform.dict_name       mmcif_pdbx.dic 
_audit_conform.dict_version    5.380 
_audit_conform.dict_location   http://mmcif.pdb.org/dictionaries/ascii/mmcif_pdbx.dic 
# 
loop_
_database_2.database_id 
_database_2.database_code 
_database_2.pdbx_database_accession 
_database_2.pdbx_DOI 
PDB   5H5D         pdb_00005h5d 10.2210/pdb5h5d/pdb 
WWPDB D_1300002034 ?            ?                   
# 
loop_
_pdbx_database_related.content_type 
_pdbx_database_related.db_id 
_pdbx_database_related.db_name 
_pdbx_database_related.details 
unspecified 5H5F PDB . 
unspecified 5H5E PDB . 
# 
_pdbx_database_status.status_code                     REL 
_pdbx_database_status.status_code_sf                  REL 
_pdbx_database_status.status_code_mr                  ? 
_pdbx_database_status.entry_id                        5H5D 
_pdbx_database_status.recvd_initial_deposition_date   2016-11-05 
_pdbx_database_status.SG_entry                        N 
_pdbx_database_status.deposit_site                    PDBJ 
_pdbx_database_status.process_site                    PDBJ 
_pdbx_database_status.status_code_cs                  ? 
_pdbx_database_status.methods_development_category    ? 
_pdbx_database_status.pdb_format_compatible           Y 
_pdbx_database_status.status_code_nmr_data            ? 
# 
loop_
_audit_author.name 
_audit_author.pdbx_ordinal 
'Xie, W.'  1 
'Wang, C.' 2 
'Zeng, J.' 3 
# 
_citation.abstract                  ? 
_citation.abstract_id_CAS           ? 
_citation.book_id_ISBN              ? 
_citation.book_publisher            ? 
_citation.book_publisher_city       ? 
_citation.book_title                ? 
_citation.coordinate_linkage        ? 
_citation.country                   NE 
_citation.database_id_Medline       ? 
_citation.details                   ? 
_citation.id                        primary 
_citation.journal_abbrev            'FEBS Lett.' 
_citation.journal_id_ASTM           FEBLAL 
_citation.journal_id_CSD            0165 
_citation.journal_id_ISSN           1873-3468 
_citation.journal_full              ? 
_citation.journal_issue             ? 
_citation.journal_volume            591 
_citation.language                  ? 
_citation.page_first                433 
_citation.page_last                 441 
_citation.title                     'A flexible cofactor-binding loop in the novel arginine methyltransferase Sfm1.' 
_citation.year                      2017 
_citation.database_id_CSD           ? 
_citation.pdbx_database_id_DOI      10.1002/1873-3468.12533 
_citation.pdbx_database_id_PubMed   27990635 
_citation.unpublished_flag          ? 
# 
loop_
_citation_author.citation_id 
_citation_author.name 
_citation_author.ordinal 
_citation_author.identifier_ORCID 
primary 'Wang, C.' 1 ? 
primary 'Zeng, J.' 2 ? 
primary 'Xie, W.'  3 ? 
# 
_cell.angle_alpha                  90.00 
_cell.angle_alpha_esd              ? 
_cell.angle_beta                   106.46 
_cell.angle_beta_esd               ? 
_cell.angle_gamma                  90.00 
_cell.angle_gamma_esd              ? 
_cell.entry_id                     5H5D 
_cell.details                      ? 
_cell.formula_units_Z              ? 
_cell.length_a                     38.527 
_cell.length_a_esd                 ? 
_cell.length_b                     57.770 
_cell.length_b_esd                 ? 
_cell.length_c                     43.153 
_cell.length_c_esd                 ? 
_cell.volume                       ? 
_cell.volume_esd                   ? 
_cell.Z_PDB                        2 
_cell.reciprocal_angle_alpha       ? 
_cell.reciprocal_angle_beta        ? 
_cell.reciprocal_angle_gamma       ? 
_cell.reciprocal_angle_alpha_esd   ? 
_cell.reciprocal_angle_beta_esd    ? 
_cell.reciprocal_angle_gamma_esd   ? 
_cell.reciprocal_length_a          ? 
_cell.reciprocal_length_b          ? 
_cell.reciprocal_length_c          ? 
_cell.reciprocal_length_a_esd      ? 
_cell.reciprocal_length_b_esd      ? 
_cell.reciprocal_length_c_esd      ? 
_cell.pdbx_unique_axis             ? 
# 
_symmetry.entry_id                         5H5D 
_symmetry.cell_setting                     ? 
_symmetry.Int_Tables_number                4 
_symmetry.space_group_name_Hall            ? 
_symmetry.space_group_name_H-M             'P 1 21 1' 
_symmetry.pdbx_full_space_group_name_H-M   ? 
# 
loop_
_entity.id 
_entity.type 
_entity.src_method 
_entity.pdbx_description 
_entity.formula_weight 
_entity.pdbx_number_of_molecules 
_entity.pdbx_ec 
_entity.pdbx_mutation 
_entity.pdbx_fragment 
_entity.details 
1 polymer     man 'Protein arginine N-methyltransferase SFM1' 27148.129 1 2.1.1.- ? ? ? 
2 non-polymer syn "5'-DEOXY-5'-METHYLTHIOADENOSINE"           297.334   1 ?       ? ? ? 
3 water       nat water                                       18.015    5 ?       ? ? ? 
# 
_entity_name_com.entity_id   1 
_entity_name_com.name        'SPOUT family methyltransferase 1' 
# 
_entity_poly.entity_id                      1 
_entity_poly.type                           'polypeptide(L)' 
_entity_poly.nstd_linkage                   no 
_entity_poly.nstd_monomer                   no 
_entity_poly.pdbx_seq_one_letter_code       
;MGSSHHHHHHLEVLFQGPHMASKYIIEHMEEGFSEWVILEYSQILREVGAENLILSSLPESTTEKDIPQRLLKLGLRWTT
KDLKGINEDFKDLELLKDGRVCLLDPRATIDLQPEDATKFDYFVFGGILGDHPPRDRTKELKTAYPNLLISRRLGDKQMT
TDTAIRTTQLIIKDRIAFEDIKFIDYPEFRFNKNEATEMPFRYVLDKEGKPILPEGMLDLIKKDSAQSLDDLLM
;
_entity_poly.pdbx_seq_one_letter_code_can   
;MGSSHHHHHHLEVLFQGPHMASKYIIEHMEEGFSEWVILEYSQILREVGAENLILSSLPESTTEKDIPQRLLKLGLRWTT
KDLKGINEDFKDLELLKDGRVCLLDPRATIDLQPEDATKFDYFVFGGILGDHPPRDRTKELKTAYPNLLISRRLGDKQMT
TDTAIRTTQLIIKDRIAFEDIKFIDYPEFRFNKNEATEMPFRYVLDKEGKPILPEGMLDLIKKDSAQSLDDLLM
;
_entity_poly.pdbx_strand_id                 A 
_entity_poly.pdbx_target_identifier         ? 
# 
loop_
_entity_poly_seq.entity_id 
_entity_poly_seq.num 
_entity_poly_seq.mon_id 
_entity_poly_seq.hetero 
1 1   MET n 
1 2   GLY n 
1 3   SER n 
1 4   SER n 
1 5   HIS n 
1 6   HIS n 
1 7   HIS n 
1 8   HIS n 
1 9   HIS n 
1 10  HIS n 
1 11  LEU n 
1 12  GLU n 
1 13  VAL n 
1 14  LEU n 
1 15  PHE n 
1 16  GLN n 
1 17  GLY n 
1 18  PRO n 
1 19  HIS n 
1 20  MET n 
1 21  ALA n 
1 22  SER n 
1 23  LYS n 
1 24  TYR n 
1 25  ILE n 
1 26  ILE n 
1 27  GLU n 
1 28  HIS n 
1 29  MET n 
1 30  GLU n 
1 31  GLU n 
1 32  GLY n 
1 33  PHE n 
1 34  SER n 
1 35  GLU n 
1 36  TRP n 
1 37  VAL n 
1 38  ILE n 
1 39  LEU n 
1 40  GLU n 
1 41  TYR n 
1 42  SER n 
1 43  GLN n 
1 44  ILE n 
1 45  LEU n 
1 46  ARG n 
1 47  GLU n 
1 48  VAL n 
1 49  GLY n 
1 50  ALA n 
1 51  GLU n 
1 52  ASN n 
1 53  LEU n 
1 54  ILE n 
1 55  LEU n 
1 56  SER n 
1 57  SER n 
1 58  LEU n 
1 59  PRO n 
1 60  GLU n 
1 61  SER n 
1 62  THR n 
1 63  THR n 
1 64  GLU n 
1 65  LYS n 
1 66  ASP n 
1 67  ILE n 
1 68  PRO n 
1 69  GLN n 
1 70  ARG n 
1 71  LEU n 
1 72  LEU n 
1 73  LYS n 
1 74  LEU n 
1 75  GLY n 
1 76  LEU n 
1 77  ARG n 
1 78  TRP n 
1 79  THR n 
1 80  THR n 
1 81  LYS n 
1 82  ASP n 
1 83  LEU n 
1 84  LYS n 
1 85  GLY n 
1 86  ILE n 
1 87  ASN n 
1 88  GLU n 
1 89  ASP n 
1 90  PHE n 
1 91  LYS n 
1 92  ASP n 
1 93  LEU n 
1 94  GLU n 
1 95  LEU n 
1 96  LEU n 
1 97  LYS n 
1 98  ASP n 
1 99  GLY n 
1 100 ARG n 
1 101 VAL n 
1 102 CYS n 
1 103 LEU n 
1 104 LEU n 
1 105 ASP n 
1 106 PRO n 
1 107 ARG n 
1 108 ALA n 
1 109 THR n 
1 110 ILE n 
1 111 ASP n 
1 112 LEU n 
1 113 GLN n 
1 114 PRO n 
1 115 GLU n 
1 116 ASP n 
1 117 ALA n 
1 118 THR n 
1 119 LYS n 
1 120 PHE n 
1 121 ASP n 
1 122 TYR n 
1 123 PHE n 
1 124 VAL n 
1 125 PHE n 
1 126 GLY n 
1 127 GLY n 
1 128 ILE n 
1 129 LEU n 
1 130 GLY n 
1 131 ASP n 
1 132 HIS n 
1 133 PRO n 
1 134 PRO n 
1 135 ARG n 
1 136 ASP n 
1 137 ARG n 
1 138 THR n 
1 139 LYS n 
1 140 GLU n 
1 141 LEU n 
1 142 LYS n 
1 143 THR n 
1 144 ALA n 
1 145 TYR n 
1 146 PRO n 
1 147 ASN n 
1 148 LEU n 
1 149 LEU n 
1 150 ILE n 
1 151 SER n 
1 152 ARG n 
1 153 ARG n 
1 154 LEU n 
1 155 GLY n 
1 156 ASP n 
1 157 LYS n 
1 158 GLN n 
1 159 MET n 
1 160 THR n 
1 161 THR n 
1 162 ASP n 
1 163 THR n 
1 164 ALA n 
1 165 ILE n 
1 166 ARG n 
1 167 THR n 
1 168 THR n 
1 169 GLN n 
1 170 LEU n 
1 171 ILE n 
1 172 ILE n 
1 173 LYS n 
1 174 ASP n 
1 175 ARG n 
1 176 ILE n 
1 177 ALA n 
1 178 PHE n 
1 179 GLU n 
1 180 ASP n 
1 181 ILE n 
1 182 LYS n 
1 183 PHE n 
1 184 ILE n 
1 185 ASP n 
1 186 TYR n 
1 187 PRO n 
1 188 GLU n 
1 189 PHE n 
1 190 ARG n 
1 191 PHE n 
1 192 ASN n 
1 193 LYS n 
1 194 ASN n 
1 195 GLU n 
1 196 ALA n 
1 197 THR n 
1 198 GLU n 
1 199 MET n 
1 200 PRO n 
1 201 PHE n 
1 202 ARG n 
1 203 TYR n 
1 204 VAL n 
1 205 LEU n 
1 206 ASP n 
1 207 LYS n 
1 208 GLU n 
1 209 GLY n 
1 210 LYS n 
1 211 PRO n 
1 212 ILE n 
1 213 LEU n 
1 214 PRO n 
1 215 GLU n 
1 216 GLY n 
1 217 MET n 
1 218 LEU n 
1 219 ASP n 
1 220 LEU n 
1 221 ILE n 
1 222 LYS n 
1 223 LYS n 
1 224 ASP n 
1 225 SER n 
1 226 ALA n 
1 227 GLN n 
1 228 SER n 
1 229 LEU n 
1 230 ASP n 
1 231 ASP n 
1 232 LEU n 
1 233 LEU n 
1 234 MET n 
# 
_entity_src_gen.entity_id                          1 
_entity_src_gen.pdbx_src_id                        1 
_entity_src_gen.pdbx_alt_source_flag               sample 
_entity_src_gen.pdbx_seq_type                      'Biological sequence' 
_entity_src_gen.pdbx_beg_seq_num                   1 
_entity_src_gen.pdbx_end_seq_num                   234 
_entity_src_gen.gene_src_common_name               
;Baker's yeast
;
_entity_src_gen.gene_src_genus                     ? 
_entity_src_gen.pdbx_gene_src_gene                 'SFM1, YOR021C, OR26.11' 
_entity_src_gen.gene_src_species                   ? 
_entity_src_gen.gene_src_strain                    'ATCC 204508 / S288c' 
_entity_src_gen.gene_src_tissue                    ? 
_entity_src_gen.gene_src_tissue_fraction           ? 
_entity_src_gen.gene_src_details                   ? 
_entity_src_gen.pdbx_gene_src_fragment             ? 
_entity_src_gen.pdbx_gene_src_scientific_name      'Saccharomyces cerevisiae (strain ATCC 204508 / S288c)' 
_entity_src_gen.pdbx_gene_src_ncbi_taxonomy_id     559292 
_entity_src_gen.pdbx_gene_src_variant              ? 
_entity_src_gen.pdbx_gene_src_cell_line            ? 
_entity_src_gen.pdbx_gene_src_atcc                 ? 
_entity_src_gen.pdbx_gene_src_organ                ? 
_entity_src_gen.pdbx_gene_src_organelle            ? 
_entity_src_gen.pdbx_gene_src_cell                 ? 
_entity_src_gen.pdbx_gene_src_cellular_location    ? 
_entity_src_gen.host_org_common_name               ? 
_entity_src_gen.pdbx_host_org_scientific_name      'Escherichia coli' 
_entity_src_gen.pdbx_host_org_ncbi_taxonomy_id     562 
_entity_src_gen.host_org_genus                     ? 
_entity_src_gen.pdbx_host_org_gene                 ? 
_entity_src_gen.pdbx_host_org_organ                ? 
_entity_src_gen.host_org_species                   ? 
_entity_src_gen.pdbx_host_org_tissue               ? 
_entity_src_gen.pdbx_host_org_tissue_fraction      ? 
_entity_src_gen.pdbx_host_org_strain               ? 
_entity_src_gen.pdbx_host_org_variant              ? 
_entity_src_gen.pdbx_host_org_cell_line            ? 
_entity_src_gen.pdbx_host_org_atcc                 ? 
_entity_src_gen.pdbx_host_org_culture_collection   ? 
_entity_src_gen.pdbx_host_org_cell                 ? 
_entity_src_gen.pdbx_host_org_organelle            ? 
_entity_src_gen.pdbx_host_org_cellular_location    ? 
_entity_src_gen.pdbx_host_org_vector_type          ? 
_entity_src_gen.pdbx_host_org_vector               ? 
_entity_src_gen.host_org_details                   ? 
_entity_src_gen.expression_system_id               ? 
_entity_src_gen.plasmid_name                       ? 
_entity_src_gen.plasmid_details                    ? 
_entity_src_gen.pdbx_description                   ? 
# 
_struct_ref.id                         1 
_struct_ref.db_name                    UNP 
_struct_ref.db_code                    SFM1_YEAST 
_struct_ref.pdbx_db_accession          Q12314 
_struct_ref.pdbx_db_isoform            ? 
_struct_ref.entity_id                  1 
_struct_ref.pdbx_seq_one_letter_code   
;KYIIEHMEEGFSEWVILEYSQILREVGAENLILSSLPESTTEKDIPQRLLKLGLRWTTKDLKGINEDFKDLELLKDGRVC
LLDPRATIDLQPEDATKFDYFVFGGILGDHPPRDRTKELKTAYPNLLISRRLGDKQMTTDTAIRTTQLIIKDRIAFEDIK
FIDYPEFRFNKNEATEMPFRYVLDKEGKPILPEGMLDLIKKDSAQSLDDLLM
;
_struct_ref.pdbx_align_begin           2 
# 
_struct_ref_seq.align_id                      1 
_struct_ref_seq.ref_id                        1 
_struct_ref_seq.pdbx_PDB_id_code              5H5D 
_struct_ref_seq.pdbx_strand_id                A 
_struct_ref_seq.seq_align_beg                 23 
_struct_ref_seq.pdbx_seq_align_beg_ins_code   ? 
_struct_ref_seq.seq_align_end                 234 
_struct_ref_seq.pdbx_seq_align_end_ins_code   ? 
_struct_ref_seq.pdbx_db_accession             Q12314 
_struct_ref_seq.db_align_beg                  2 
_struct_ref_seq.pdbx_db_align_beg_ins_code    ? 
_struct_ref_seq.db_align_end                  213 
_struct_ref_seq.pdbx_db_align_end_ins_code    ? 
_struct_ref_seq.pdbx_auth_seq_align_beg       2 
_struct_ref_seq.pdbx_auth_seq_align_end       213 
# 
loop_
_struct_ref_seq_dif.align_id 
_struct_ref_seq_dif.pdbx_pdb_id_code 
_struct_ref_seq_dif.mon_id 
_struct_ref_seq_dif.pdbx_pdb_strand_id 
_struct_ref_seq_dif.seq_num 
_struct_ref_seq_dif.pdbx_pdb_ins_code 
_struct_ref_seq_dif.pdbx_seq_db_name 
_struct_ref_seq_dif.pdbx_seq_db_accession_code 
_struct_ref_seq_dif.db_mon_id 
_struct_ref_seq_dif.pdbx_seq_db_seq_num 
_struct_ref_seq_dif.details 
_struct_ref_seq_dif.pdbx_auth_seq_num 
_struct_ref_seq_dif.pdbx_ordinal 
1 5H5D MET A 1  ? UNP Q12314 ? ? 'expression tag' -20 1  
1 5H5D GLY A 2  ? UNP Q12314 ? ? 'expression tag' -19 2  
1 5H5D SER A 3  ? UNP Q12314 ? ? 'expression tag' -18 3  
1 5H5D SER A 4  ? UNP Q12314 ? ? 'expression tag' -17 4  
1 5H5D HIS A 5  ? UNP Q12314 ? ? 'expression tag' -16 5  
1 5H5D HIS A 6  ? UNP Q12314 ? ? 'expression tag' -15 6  
1 5H5D HIS A 7  ? UNP Q12314 ? ? 'expression tag' -14 7  
1 5H5D HIS A 8  ? UNP Q12314 ? ? 'expression tag' -13 8  
1 5H5D HIS A 9  ? UNP Q12314 ? ? 'expression tag' -12 9  
1 5H5D HIS A 10 ? UNP Q12314 ? ? 'expression tag' -11 10 
1 5H5D LEU A 11 ? UNP Q12314 ? ? 'expression tag' -10 11 
1 5H5D GLU A 12 ? UNP Q12314 ? ? 'expression tag' -9  12 
1 5H5D VAL A 13 ? UNP Q12314 ? ? 'expression tag' -8  13 
1 5H5D LEU A 14 ? UNP Q12314 ? ? 'expression tag' -7  14 
1 5H5D PHE A 15 ? UNP Q12314 ? ? 'expression tag' -6  15 
1 5H5D GLN A 16 ? UNP Q12314 ? ? 'expression tag' -5  16 
1 5H5D GLY A 17 ? UNP Q12314 ? ? 'expression tag' -4  17 
1 5H5D PRO A 18 ? UNP Q12314 ? ? 'expression tag' -3  18 
1 5H5D HIS A 19 ? UNP Q12314 ? ? 'expression tag' -2  19 
1 5H5D MET A 20 ? UNP Q12314 ? ? 'expression tag' -1  20 
1 5H5D ALA A 21 ? UNP Q12314 ? ? 'expression tag' 0   21 
1 5H5D SER A 22 ? UNP Q12314 ? ? 'expression tag' 1   22 
# 
loop_
_chem_comp.id 
_chem_comp.type 
_chem_comp.mon_nstd_flag 
_chem_comp.name 
_chem_comp.pdbx_synonyms 
_chem_comp.formula 
_chem_comp.formula_weight 
ALA 'L-peptide linking' y ALANINE                           ? 'C3 H7 N O2'      89.093  
ARG 'L-peptide linking' y ARGININE                          ? 'C6 H15 N4 O2 1'  175.209 
ASN 'L-peptide linking' y ASPARAGINE                        ? 'C4 H8 N2 O3'     132.118 
ASP 'L-peptide linking' y 'ASPARTIC ACID'                   ? 'C4 H7 N O4'      133.103 
CYS 'L-peptide linking' y CYSTEINE                          ? 'C3 H7 N O2 S'    121.158 
GLN 'L-peptide linking' y GLUTAMINE                         ? 'C5 H10 N2 O3'    146.144 
GLU 'L-peptide linking' y 'GLUTAMIC ACID'                   ? 'C5 H9 N O4'      147.129 
GLY 'peptide linking'   y GLYCINE                           ? 'C2 H5 N O2'      75.067  
HIS 'L-peptide linking' y HISTIDINE                         ? 'C6 H10 N3 O2 1'  156.162 
HOH non-polymer         . WATER                             ? 'H2 O'            18.015  
ILE 'L-peptide linking' y ISOLEUCINE                        ? 'C6 H13 N O2'     131.173 
LEU 'L-peptide linking' y LEUCINE                           ? 'C6 H13 N O2'     131.173 
LYS 'L-peptide linking' y LYSINE                            ? 'C6 H15 N2 O2 1'  147.195 
MET 'L-peptide linking' y METHIONINE                        ? 'C5 H11 N O2 S'   149.211 
MTA non-polymer         . "5'-DEOXY-5'-METHYLTHIOADENOSINE" ? 'C11 H15 N5 O3 S' 297.334 
PHE 'L-peptide linking' y PHENYLALANINE                     ? 'C9 H11 N O2'     165.189 
PRO 'L-peptide linking' y PROLINE                           ? 'C5 H9 N O2'      115.130 
SER 'L-peptide linking' y SERINE                            ? 'C3 H7 N O3'      105.093 
THR 'L-peptide linking' y THREONINE                         ? 'C4 H9 N O3'      119.119 
TRP 'L-peptide linking' y TRYPTOPHAN                        ? 'C11 H12 N2 O2'   204.225 
TYR 'L-peptide linking' y TYROSINE                          ? 'C9 H11 N O3'     181.189 
VAL 'L-peptide linking' y VALINE                            ? 'C5 H11 N O2'     117.146 
# 
_exptl.absorpt_coefficient_mu     ? 
_exptl.absorpt_correction_T_max   ? 
_exptl.absorpt_correction_T_min   ? 
_exptl.absorpt_correction_type    ? 
_exptl.absorpt_process_details    ? 
_exptl.entry_id                   5H5D 
_exptl.crystals_number            1 
_exptl.details                    ? 
_exptl.method                     'X-RAY DIFFRACTION' 
_exptl.method_details             ? 
# 
_exptl_crystal.colour                      ? 
_exptl_crystal.density_diffrn              ? 
_exptl_crystal.density_Matthews            1.70 
_exptl_crystal.density_method              ? 
_exptl_crystal.density_percent_sol         27.49 
_exptl_crystal.description                 ? 
_exptl_crystal.F_000                       ? 
_exptl_crystal.id                          1 
_exptl_crystal.preparation                 ? 
_exptl_crystal.size_max                    ? 
_exptl_crystal.size_mid                    ? 
_exptl_crystal.size_min                    ? 
_exptl_crystal.size_rad                    ? 
_exptl_crystal.colour_lustre               ? 
_exptl_crystal.colour_modifier             ? 
_exptl_crystal.colour_primary              ? 
_exptl_crystal.density_meas                ? 
_exptl_crystal.density_meas_esd            ? 
_exptl_crystal.density_meas_gt             ? 
_exptl_crystal.density_meas_lt             ? 
_exptl_crystal.density_meas_temp           ? 
_exptl_crystal.density_meas_temp_esd       ? 
_exptl_crystal.density_meas_temp_gt        ? 
_exptl_crystal.density_meas_temp_lt        ? 
_exptl_crystal.pdbx_crystal_image_url      ? 
_exptl_crystal.pdbx_crystal_image_format   ? 
_exptl_crystal.pdbx_mosaicity              ? 
_exptl_crystal.pdbx_mosaicity_esd          ? 
# 
_exptl_crystal_grow.apparatus       ? 
_exptl_crystal_grow.atmosphere      ? 
_exptl_crystal_grow.crystal_id      1 
_exptl_crystal_grow.details         ? 
_exptl_crystal_grow.method          'VAPOR DIFFUSION, SITTING DROP' 
_exptl_crystal_grow.method_ref      ? 
_exptl_crystal_grow.pH              8.5 
_exptl_crystal_grow.pressure        ? 
_exptl_crystal_grow.pressure_esd    ? 
_exptl_crystal_grow.seeding         ? 
_exptl_crystal_grow.seeding_ref     ? 
_exptl_crystal_grow.temp            298 
_exptl_crystal_grow.temp_details    ? 
_exptl_crystal_grow.temp_esd        ? 
_exptl_crystal_grow.time            ? 
_exptl_crystal_grow.pdbx_details    '0.2 M NaCl, 0.1 M Tris-HCl (pH 8.5), 38% PEG 3350' 
_exptl_crystal_grow.pdbx_pH_range   ? 
# 
_diffrn.ambient_environment    ? 
_diffrn.ambient_temp           100 
_diffrn.ambient_temp_details   ? 
_diffrn.ambient_temp_esd       ? 
_diffrn.crystal_id             1 
_diffrn.crystal_support        ? 
_diffrn.crystal_treatment      ? 
_diffrn.details                ? 
_diffrn.id                     1 
_diffrn.ambient_pressure       ? 
_diffrn.ambient_pressure_esd   ? 
_diffrn.ambient_pressure_gt    ? 
_diffrn.ambient_pressure_lt    ? 
_diffrn.ambient_temp_gt        ? 
_diffrn.ambient_temp_lt        ? 
# 
_diffrn_detector.details                      ? 
_diffrn_detector.detector                     PIXEL 
_diffrn_detector.diffrn_id                    1 
_diffrn_detector.type                         'DECTRIS PILATUS 6M' 
_diffrn_detector.area_resol_mean              ? 
_diffrn_detector.dtime                        ? 
_diffrn_detector.pdbx_frames_total            ? 
_diffrn_detector.pdbx_collection_time_total   ? 
_diffrn_detector.pdbx_collection_date         2016-06-06 
# 
_diffrn_radiation.collimation                      ? 
_diffrn_radiation.diffrn_id                        1 
_diffrn_radiation.filter_edge                      ? 
_diffrn_radiation.inhomogeneity                    ? 
_diffrn_radiation.monochromator                    ? 
_diffrn_radiation.polarisn_norm                    ? 
_diffrn_radiation.polarisn_ratio                   ? 
_diffrn_radiation.probe                            ? 
_diffrn_radiation.type                             ? 
_diffrn_radiation.xray_symbol                      ? 
_diffrn_radiation.wavelength_id                    1 
_diffrn_radiation.pdbx_monochromatic_or_laue_m_l   M 
_diffrn_radiation.pdbx_wavelength_list             ? 
_diffrn_radiation.pdbx_wavelength                  ? 
_diffrn_radiation.pdbx_diffrn_protocol             'SINGLE WAVELENGTH' 
_diffrn_radiation.pdbx_analyzer                    ? 
_diffrn_radiation.pdbx_scattering_type             x-ray 
# 
_diffrn_radiation_wavelength.id           1 
_diffrn_radiation_wavelength.wavelength   0.979 
_diffrn_radiation_wavelength.wt           1.0 
# 
_diffrn_source.current                     ? 
_diffrn_source.details                     ? 
_diffrn_source.diffrn_id                   1 
_diffrn_source.power                       ? 
_diffrn_source.size                        ? 
_diffrn_source.source                      SYNCHROTRON 
_diffrn_source.target                      ? 
_diffrn_source.type                        'SSRF BEAMLINE BL19U1' 
_diffrn_source.voltage                     ? 
_diffrn_source.take-off_angle              ? 
_diffrn_source.pdbx_wavelength_list        0.979 
_diffrn_source.pdbx_wavelength             ? 
_diffrn_source.pdbx_synchrotron_beamline   BL19U1 
_diffrn_source.pdbx_synchrotron_site       SSRF 
# 
_reflns.B_iso_Wilson_estimate            ? 
_reflns.entry_id                         5H5D 
_reflns.data_reduction_details           ? 
_reflns.data_reduction_method            ? 
_reflns.d_resolution_high                2.7 
_reflns.d_resolution_low                 50 
_reflns.details                          ? 
_reflns.limit_h_max                      ? 
_reflns.limit_h_min                      ? 
_reflns.limit_k_max                      ? 
_reflns.limit_k_min                      ? 
_reflns.limit_l_max                      ? 
_reflns.limit_l_min                      ? 
_reflns.number_all                       ? 
_reflns.number_obs                       5087 
_reflns.observed_criterion               ? 
_reflns.observed_criterion_F_max         ? 
_reflns.observed_criterion_F_min         ? 
_reflns.observed_criterion_I_max         ? 
_reflns.observed_criterion_I_min         ? 
_reflns.observed_criterion_sigma_F       ? 
_reflns.observed_criterion_sigma_I       ? 
_reflns.percent_possible_obs             95.4 
_reflns.R_free_details                   ? 
_reflns.Rmerge_F_all                     ? 
_reflns.Rmerge_F_obs                     ? 
_reflns.Friedel_coverage                 ? 
_reflns.number_gt                        ? 
_reflns.threshold_expression             ? 
_reflns.pdbx_redundancy                  2.6 
_reflns.pdbx_Rmerge_I_obs                0.1 
_reflns.pdbx_Rmerge_I_all                ? 
_reflns.pdbx_Rsym_value                  ? 
_reflns.pdbx_netI_over_av_sigmaI         ? 
_reflns.pdbx_netI_over_sigmaI            11.5 
_reflns.pdbx_res_netI_over_av_sigmaI_2   ? 
_reflns.pdbx_res_netI_over_sigmaI_2      ? 
_reflns.pdbx_chi_squared                 ? 
_reflns.pdbx_scaling_rejects             ? 
_reflns.pdbx_d_res_high_opt              ? 
_reflns.pdbx_d_res_low_opt               ? 
_reflns.pdbx_d_res_opt_method            ? 
_reflns.phase_calculation_details        ? 
_reflns.pdbx_Rrim_I_all                  ? 
_reflns.pdbx_Rpim_I_all                  ? 
_reflns.pdbx_d_opt                       ? 
_reflns.pdbx_number_measured_all         ? 
_reflns.pdbx_diffrn_id                   1 
_reflns.pdbx_ordinal                     1 
_reflns.pdbx_CC_half                     ? 
_reflns.pdbx_R_split                     ? 
# 
_reflns_shell.d_res_high                  2.7 
_reflns_shell.d_res_low                   2.8 
_reflns_shell.meanI_over_sigI_all         ? 
_reflns_shell.meanI_over_sigI_obs         1.9 
_reflns_shell.number_measured_all         ? 
_reflns_shell.number_measured_obs         ? 
_reflns_shell.number_possible             ? 
_reflns_shell.number_unique_all           ? 
_reflns_shell.number_unique_obs           ? 
_reflns_shell.percent_possible_all        88.1 
_reflns_shell.percent_possible_obs        ? 
_reflns_shell.Rmerge_F_all                ? 
_reflns_shell.Rmerge_F_obs                ? 
_reflns_shell.Rmerge_I_all                ? 
_reflns_shell.Rmerge_I_obs                0.314 
_reflns_shell.meanI_over_sigI_gt          ? 
_reflns_shell.meanI_over_uI_all           ? 
_reflns_shell.meanI_over_uI_gt            ? 
_reflns_shell.number_measured_gt          ? 
_reflns_shell.number_unique_gt            ? 
_reflns_shell.percent_possible_gt         ? 
_reflns_shell.Rmerge_F_gt                 ? 
_reflns_shell.Rmerge_I_gt                 ? 
_reflns_shell.pdbx_redundancy             2 
_reflns_shell.pdbx_Rsym_value             ? 
_reflns_shell.pdbx_chi_squared            ? 
_reflns_shell.pdbx_netI_over_sigmaI_all   ? 
_reflns_shell.pdbx_netI_over_sigmaI_obs   ? 
_reflns_shell.pdbx_Rrim_I_all             ? 
_reflns_shell.pdbx_Rpim_I_all             ? 
_reflns_shell.pdbx_rejects                ? 
_reflns_shell.pdbx_ordinal                1 
_reflns_shell.pdbx_diffrn_id              1 
_reflns_shell.pdbx_CC_half                0.816 
_reflns_shell.pdbx_R_split                ? 
# 
_refine.aniso_B[1][1]                            -4.27 
_refine.aniso_B[1][2]                            0.00 
_refine.aniso_B[1][3]                            -0.85 
_refine.aniso_B[2][2]                            7.41 
_refine.aniso_B[2][3]                            0.00 
_refine.aniso_B[3][3]                            -2.25 
_refine.B_iso_max                                ? 
_refine.B_iso_mean                               57.406 
_refine.B_iso_min                                ? 
_refine.correlation_coeff_Fo_to_Fc               0.918 
_refine.correlation_coeff_Fo_to_Fc_free          0.866 
_refine.details                                  'HYDROGENS HAVE BEEN ADDED IN THE RIDING POSITIONS' 
_refine.diff_density_max                         ? 
_refine.diff_density_max_esd                     ? 
_refine.diff_density_min                         ? 
_refine.diff_density_min_esd                     ? 
_refine.diff_density_rms                         ? 
_refine.diff_density_rms_esd                     ? 
_refine.entry_id                                 5H5D 
_refine.pdbx_refine_id                           'X-RAY DIFFRACTION' 
_refine.ls_abs_structure_details                 ? 
_refine.ls_abs_structure_Flack                   ? 
_refine.ls_abs_structure_Flack_esd               ? 
_refine.ls_abs_structure_Rogers                  ? 
_refine.ls_abs_structure_Rogers_esd              ? 
_refine.ls_d_res_high                            2.70 
_refine.ls_d_res_low                             50 
_refine.ls_extinction_coef                       ? 
_refine.ls_extinction_coef_esd                   ? 
_refine.ls_extinction_expression                 ? 
_refine.ls_extinction_method                     ? 
_refine.ls_goodness_of_fit_all                   ? 
_refine.ls_goodness_of_fit_all_esd               ? 
_refine.ls_goodness_of_fit_obs                   ? 
_refine.ls_goodness_of_fit_obs_esd               ? 
_refine.ls_hydrogen_treatment                    ? 
_refine.ls_matrix_type                           ? 
_refine.ls_number_constraints                    ? 
_refine.ls_number_parameters                     ? 
_refine.ls_number_reflns_all                     ? 
_refine.ls_number_reflns_obs                     4608 
_refine.ls_number_reflns_R_free                  234 
_refine.ls_number_reflns_R_work                  ? 
_refine.ls_number_restraints                     ? 
_refine.ls_percent_reflns_obs                    95.07 
_refine.ls_percent_reflns_R_free                 4.8 
_refine.ls_R_factor_all                          ? 
_refine.ls_R_factor_obs                          0.23216 
_refine.ls_R_factor_R_free                       0.28217 
_refine.ls_R_factor_R_free_error                 ? 
_refine.ls_R_factor_R_free_error_details         ? 
_refine.ls_R_factor_R_work                       0.22955 
_refine.ls_R_Fsqd_factor_obs                     ? 
_refine.ls_R_I_factor_obs                        ? 
_refine.ls_redundancy_reflns_all                 ? 
_refine.ls_redundancy_reflns_obs                 ? 
_refine.ls_restrained_S_all                      ? 
_refine.ls_restrained_S_obs                      ? 
_refine.ls_shift_over_esd_max                    ? 
_refine.ls_shift_over_esd_mean                   ? 
_refine.ls_structure_factor_coef                 ? 
_refine.ls_weighting_details                     ? 
_refine.ls_weighting_scheme                      ? 
_refine.ls_wR_factor_all                         ? 
_refine.ls_wR_factor_obs                         ? 
_refine.ls_wR_factor_R_free                      ? 
_refine.ls_wR_factor_R_work                      ? 
_refine.occupancy_max                            ? 
_refine.occupancy_min                            ? 
_refine.solvent_model_details                    ? 
_refine.solvent_model_param_bsol                 ? 
_refine.solvent_model_param_ksol                 ? 
_refine.ls_R_factor_gt                           ? 
_refine.ls_goodness_of_fit_gt                    ? 
_refine.ls_goodness_of_fit_ref                   ? 
_refine.ls_shift_over_su_max                     ? 
_refine.ls_shift_over_su_max_lt                  ? 
_refine.ls_shift_over_su_mean                    ? 
_refine.ls_shift_over_su_mean_lt                 ? 
_refine.pdbx_ls_sigma_I                          ? 
_refine.pdbx_ls_sigma_F                          ? 
_refine.pdbx_ls_sigma_Fsqd                       ? 
_refine.pdbx_data_cutoff_high_absF               ? 
_refine.pdbx_data_cutoff_high_rms_absF           ? 
_refine.pdbx_data_cutoff_low_absF                ? 
_refine.pdbx_isotropic_thermal_model             ? 
_refine.pdbx_ls_cross_valid_method               THROUGHOUT 
_refine.pdbx_method_to_determine_struct          'MOLECULAR REPLACEMENT' 
_refine.pdbx_starting_model                      5C77 
_refine.pdbx_stereochemistry_target_values       ? 
_refine.pdbx_R_Free_selection_details            RANDOM 
_refine.pdbx_stereochem_target_val_spec_case     ? 
_refine.pdbx_overall_ESU_R                       ? 
_refine.pdbx_overall_ESU_R_Free                  0.451 
_refine.pdbx_solvent_vdw_probe_radii             1.20 
_refine.pdbx_solvent_ion_probe_radii             0.80 
_refine.pdbx_solvent_shrinkage_radii             0.80 
_refine.pdbx_real_space_R                        ? 
_refine.pdbx_density_correlation                 ? 
_refine.pdbx_pd_number_of_powder_patterns        ? 
_refine.pdbx_pd_number_of_points                 ? 
_refine.pdbx_pd_meas_number_of_points            ? 
_refine.pdbx_pd_proc_ls_prof_R_factor            ? 
_refine.pdbx_pd_proc_ls_prof_wR_factor           ? 
_refine.pdbx_pd_Marquardt_correlation_coeff      ? 
_refine.pdbx_pd_Fsqrd_R_factor                   ? 
_refine.pdbx_pd_ls_matrix_band_width             ? 
_refine.pdbx_overall_phase_error                 ? 
_refine.pdbx_overall_SU_R_free_Cruickshank_DPI   ? 
_refine.pdbx_overall_SU_R_free_Blow_DPI          ? 
_refine.pdbx_overall_SU_R_Blow_DPI               ? 
_refine.pdbx_TLS_residual_ADP_flag               ? 
_refine.pdbx_diffrn_id                           1 
_refine.overall_SU_B                             18.685 
_refine.overall_SU_ML                            0.375 
_refine.overall_SU_R_Cruickshank_DPI             ? 
_refine.overall_SU_R_free                        ? 
_refine.overall_FOM_free_R_set                   ? 
_refine.overall_FOM_work_R_set                   ? 
_refine.pdbx_average_fsc_overall                 ? 
_refine.pdbx_average_fsc_work                    ? 
_refine.pdbx_average_fsc_free                    ? 
# 
_refine_hist.pdbx_refine_id                   'X-RAY DIFFRACTION' 
_refine_hist.cycle_id                         1 
_refine_hist.pdbx_number_atoms_protein        1487 
_refine_hist.pdbx_number_atoms_nucleic_acid   0 
_refine_hist.pdbx_number_atoms_ligand         20 
_refine_hist.number_atoms_solvent             5 
_refine_hist.number_atoms_total               1512 
_refine_hist.d_res_high                       2.70 
_refine_hist.d_res_low                        50 
# 
loop_
_refine_ls_restr.pdbx_refine_id 
_refine_ls_restr.criterion 
_refine_ls_restr.dev_ideal 
_refine_ls_restr.dev_ideal_target 
_refine_ls_restr.number 
_refine_ls_restr.rejects 
_refine_ls_restr.type 
_refine_ls_restr.weight 
_refine_ls_restr.pdbx_restraint_function 
'X-RAY DIFFRACTION' ? 0.009  0.020  1536 ? r_bond_refined_d             ? ? 
'X-RAY DIFFRACTION' ? 0.007  0.020  1396 ? r_bond_other_d               ? ? 
'X-RAY DIFFRACTION' ? 1.435  1.998  2092 ? r_angle_refined_deg          ? ? 
'X-RAY DIFFRACTION' ? 0.967  3.000  3196 ? r_angle_other_deg            ? ? 
'X-RAY DIFFRACTION' ? 5.575  5.000  192  ? r_dihedral_angle_1_deg       ? ? 
'X-RAY DIFFRACTION' ? 38.501 24.478 67   ? r_dihedral_angle_2_deg       ? ? 
'X-RAY DIFFRACTION' ? 13.702 15.000 237  ? r_dihedral_angle_3_deg       ? ? 
'X-RAY DIFFRACTION' ? 12.579 15.000 9    ? r_dihedral_angle_4_deg       ? ? 
'X-RAY DIFFRACTION' ? 0.066  0.200  245  ? r_chiral_restr               ? ? 
'X-RAY DIFFRACTION' ? 0.005  0.021  1727 ? r_gen_planes_refined         ? ? 
'X-RAY DIFFRACTION' ? 0.002  0.020  331  ? r_gen_planes_other           ? ? 
'X-RAY DIFFRACTION' ? ?      ?      ?    ? r_nbd_refined                ? ? 
'X-RAY DIFFRACTION' ? ?      ?      ?    ? r_nbd_other                  ? ? 
'X-RAY DIFFRACTION' ? ?      ?      ?    ? r_nbtor_refined              ? ? 
'X-RAY DIFFRACTION' ? ?      ?      ?    ? r_nbtor_other                ? ? 
'X-RAY DIFFRACTION' ? ?      ?      ?    ? r_xyhbond_nbd_refined        ? ? 
'X-RAY DIFFRACTION' ? ?      ?      ?    ? r_xyhbond_nbd_other          ? ? 
'X-RAY DIFFRACTION' ? ?      ?      ?    ? r_metal_ion_refined          ? ? 
'X-RAY DIFFRACTION' ? ?      ?      ?    ? r_metal_ion_other            ? ? 
'X-RAY DIFFRACTION' ? ?      ?      ?    ? r_symmetry_vdw_refined       ? ? 
'X-RAY DIFFRACTION' ? ?      ?      ?    ? r_symmetry_vdw_other         ? ? 
'X-RAY DIFFRACTION' ? ?      ?      ?    ? r_symmetry_hbond_refined     ? ? 
'X-RAY DIFFRACTION' ? ?      ?      ?    ? r_symmetry_hbond_other       ? ? 
'X-RAY DIFFRACTION' ? ?      ?      ?    ? r_symmetry_metal_ion_refined ? ? 
'X-RAY DIFFRACTION' ? ?      ?      ?    ? r_symmetry_metal_ion_other   ? ? 
'X-RAY DIFFRACTION' ? 3.230  5.992  777  ? r_mcbond_it                  ? ? 
'X-RAY DIFFRACTION' ? 3.215  5.991  776  ? r_mcbond_other               ? ? 
'X-RAY DIFFRACTION' ? 4.781  8.986  966  ? r_mcangle_it                 ? ? 
'X-RAY DIFFRACTION' ? 4.779  8.987  967  ? r_mcangle_other              ? ? 
'X-RAY DIFFRACTION' ? 3.764  6.143  759  ? r_scbond_it                  ? ? 
'X-RAY DIFFRACTION' ? 3.761  6.143  760  ? r_scbond_other               ? ? 
'X-RAY DIFFRACTION' ? ?      ?      ?    ? r_scangle_it                 ? ? 
'X-RAY DIFFRACTION' ? 5.642  9.120  1127 ? r_scangle_other              ? ? 
'X-RAY DIFFRACTION' ? 7.256  47.550 1659 ? r_long_range_B_refined       ? ? 
'X-RAY DIFFRACTION' ? 7.254  47.554 1660 ? r_long_range_B_other         ? ? 
'X-RAY DIFFRACTION' ? ?      ?      ?    ? r_rigid_bond_restr           ? ? 
'X-RAY DIFFRACTION' ? ?      ?      ?    ? r_sphericity_free            ? ? 
'X-RAY DIFFRACTION' ? ?      ?      ?    ? r_sphericity_bonded          ? ? 
# 
_refine_ls_shell.pdbx_refine_id                   'X-RAY DIFFRACTION' 
_refine_ls_shell.d_res_high                       2.697 
_refine_ls_shell.d_res_low                        2.767 
_refine_ls_shell.number_reflns_all                ? 
_refine_ls_shell.number_reflns_obs                ? 
_refine_ls_shell.number_reflns_R_free             14 
_refine_ls_shell.number_reflns_R_work             303 
_refine_ls_shell.percent_reflns_obs               82.77 
_refine_ls_shell.percent_reflns_R_free            ? 
_refine_ls_shell.R_factor_all                     ? 
_refine_ls_shell.R_factor_obs                     ? 
_refine_ls_shell.R_factor_R_free                  0.249 
_refine_ls_shell.R_factor_R_free_error            ? 
_refine_ls_shell.R_factor_R_work                  0.242 
_refine_ls_shell.redundancy_reflns_all            ? 
_refine_ls_shell.redundancy_reflns_obs            ? 
_refine_ls_shell.wR_factor_all                    ? 
_refine_ls_shell.wR_factor_obs                    ? 
_refine_ls_shell.wR_factor_R_free                 ? 
_refine_ls_shell.wR_factor_R_work                 ? 
_refine_ls_shell.pdbx_total_number_of_bins_used   20 
_refine_ls_shell.pdbx_phase_error                 ? 
_refine_ls_shell.pdbx_fsc_work                    ? 
_refine_ls_shell.pdbx_fsc_free                    ? 
# 
_struct.entry_id                     5H5D 
_struct.title                        'The crystal structure of the yeast arginine methyltransferase SFM1 complexed with MTA' 
_struct.pdbx_model_details           ? 
_struct.pdbx_formula_weight          ? 
_struct.pdbx_formula_weight_method   ? 
_struct.pdbx_model_type_details      ? 
_struct.pdbx_CASP_flag               N 
# 
_struct_keywords.entry_id        5H5D 
_struct_keywords.text            'arginine methyltransferase, spout fold, TRANSFERASE' 
_struct_keywords.pdbx_keywords   TRANSFERASE 
# 
loop_
_struct_asym.id 
_struct_asym.pdbx_blank_PDB_chainid_flag 
_struct_asym.pdbx_modified 
_struct_asym.entity_id 
_struct_asym.details 
A N N 1 ? 
B N N 2 ? 
C N N 3 ? 
# 
loop_
_struct_conf.conf_type_id 
_struct_conf.id 
_struct_conf.pdbx_PDB_helix_id 
_struct_conf.beg_label_comp_id 
_struct_conf.beg_label_asym_id 
_struct_conf.beg_label_seq_id 
_struct_conf.pdbx_beg_PDB_ins_code 
_struct_conf.end_label_comp_id 
_struct_conf.end_label_asym_id 
_struct_conf.end_label_seq_id 
_struct_conf.pdbx_end_PDB_ins_code 
_struct_conf.beg_auth_comp_id 
_struct_conf.beg_auth_asym_id 
_struct_conf.beg_auth_seq_id 
_struct_conf.end_auth_comp_id 
_struct_conf.end_auth_asym_id 
_struct_conf.end_auth_seq_id 
_struct_conf.pdbx_PDB_helix_class 
_struct_conf.details 
_struct_conf.pdbx_PDB_helix_length 
HELX_P HELX_P1  AA1 SER A 34  ? GLY A 49  ? SER A 13  GLY A 28  1 ? 16 
HELX_P HELX_P2  AA2 THR A 63  ? ILE A 67  ? THR A 42  ILE A 46  5 ? 5  
HELX_P HELX_P3  AA3 PRO A 68  ? LEU A 74  ? PRO A 47  LEU A 53  1 ? 7  
HELX_P HELX_P4  AA4 ASP A 82  ? LYS A 84  ? ASP A 61  LYS A 63  5 ? 3  
HELX_P HELX_P5  AA5 GLY A 85  ? PHE A 90  ? GLY A 64  PHE A 69  1 ? 6  
HELX_P HELX_P6  AA6 GLN A 113 ? LYS A 119 ? GLN A 92  LYS A 98  5 ? 7  
HELX_P HELX_P7  AA7 ARG A 137 ? TYR A 145 ? ARG A 116 TYR A 124 1 ? 9  
HELX_P HELX_P8  AA8 THR A 160 ? LYS A 173 ? THR A 139 LYS A 152 1 ? 14 
HELX_P HELX_P9  AA9 ALA A 177 ? ILE A 181 ? ALA A 156 ILE A 160 5 ? 5  
HELX_P HELX_P10 AB1 GLY A 216 ? LYS A 222 ? GLY A 195 LYS A 201 1 ? 7  
# 
_struct_conf_type.id          HELX_P 
_struct_conf_type.criteria    ? 
_struct_conf_type.reference   ? 
# 
loop_
_struct_sheet.id 
_struct_sheet.type 
_struct_sheet.number_strands 
_struct_sheet.details 
AA1 ? 6 ? 
AA2 ? 2 ? 
AA3 ? 2 ? 
# 
loop_
_struct_sheet_order.sheet_id 
_struct_sheet_order.range_id_1 
_struct_sheet_order.range_id_2 
_struct_sheet_order.offset 
_struct_sheet_order.sense 
AA1 1 2 ? parallel      
AA1 2 3 ? parallel      
AA1 3 4 ? parallel      
AA1 4 5 ? parallel      
AA1 5 6 ? parallel      
AA2 1 2 ? anti-parallel 
AA3 1 2 ? anti-parallel 
# 
loop_
_struct_sheet_range.sheet_id 
_struct_sheet_range.id 
_struct_sheet_range.beg_label_comp_id 
_struct_sheet_range.beg_label_asym_id 
_struct_sheet_range.beg_label_seq_id 
_struct_sheet_range.pdbx_beg_PDB_ins_code 
_struct_sheet_range.end_label_comp_id 
_struct_sheet_range.end_label_asym_id 
_struct_sheet_range.end_label_seq_id 
_struct_sheet_range.pdbx_end_PDB_ins_code 
_struct_sheet_range.beg_auth_comp_id 
_struct_sheet_range.beg_auth_asym_id 
_struct_sheet_range.beg_auth_seq_id 
_struct_sheet_range.end_auth_comp_id 
_struct_sheet_range.end_auth_asym_id 
_struct_sheet_range.end_auth_seq_id 
AA1 1 ARG A 77  ? TRP A 78  ? ARG A 56  TRP A 57  
AA1 2 LEU A 53  ? SER A 56  ? LEU A 32  SER A 35  
AA1 3 LYS A 23  ? HIS A 28  ? LYS A 2   HIS A 7   
AA1 4 TYR A 122 ? GLY A 127 ? TYR A 101 GLY A 106 
AA1 5 VAL A 101 ? LEU A 104 ? VAL A 80  LEU A 83  
AA1 6 LEU A 149 ? ARG A 152 ? LEU A 128 ARG A 131 
AA2 1 PHE A 183 ? ASP A 185 ? PHE A 162 ASP A 164 
AA2 2 ARG A 202 ? VAL A 204 ? ARG A 181 VAL A 183 
AA3 1 GLU A 188 ? PHE A 189 ? GLU A 167 PHE A 168 
AA3 2 THR A 197 ? GLU A 198 ? THR A 176 GLU A 177 
# 
loop_
_pdbx_struct_sheet_hbond.sheet_id 
_pdbx_struct_sheet_hbond.range_id_1 
_pdbx_struct_sheet_hbond.range_id_2 
_pdbx_struct_sheet_hbond.range_1_label_atom_id 
_pdbx_struct_sheet_hbond.range_1_label_comp_id 
_pdbx_struct_sheet_hbond.range_1_label_asym_id 
_pdbx_struct_sheet_hbond.range_1_label_seq_id 
_pdbx_struct_sheet_hbond.range_1_PDB_ins_code 
_pdbx_struct_sheet_hbond.range_1_auth_atom_id 
_pdbx_struct_sheet_hbond.range_1_auth_comp_id 
_pdbx_struct_sheet_hbond.range_1_auth_asym_id 
_pdbx_struct_sheet_hbond.range_1_auth_seq_id 
_pdbx_struct_sheet_hbond.range_2_label_atom_id 
_pdbx_struct_sheet_hbond.range_2_label_comp_id 
_pdbx_struct_sheet_hbond.range_2_label_asym_id 
_pdbx_struct_sheet_hbond.range_2_label_seq_id 
_pdbx_struct_sheet_hbond.range_2_PDB_ins_code 
_pdbx_struct_sheet_hbond.range_2_auth_atom_id 
_pdbx_struct_sheet_hbond.range_2_auth_comp_id 
_pdbx_struct_sheet_hbond.range_2_auth_asym_id 
_pdbx_struct_sheet_hbond.range_2_auth_seq_id 
AA1 1 2 O ARG A 77  ? O ARG A 56  N LEU A 55  ? N LEU A 34  
AA1 2 3 O ILE A 54  ? O ILE A 33  N ILE A 26  ? N ILE A 5   
AA1 3 4 N ILE A 25  ? N ILE A 4   O PHE A 123 ? O PHE A 102 
AA1 4 5 O VAL A 124 ? O VAL A 103 N CYS A 102 ? N CYS A 81  
AA1 5 6 N LEU A 103 ? N LEU A 82  O ARG A 152 ? O ARG A 131 
AA2 1 2 N ILE A 184 ? N ILE A 163 O TYR A 203 ? O TYR A 182 
AA3 1 2 N PHE A 189 ? N PHE A 168 O THR A 197 ? O THR A 176 
# 
_struct_site.id                   AC1 
_struct_site.pdbx_evidence_code   Software 
_struct_site.pdbx_auth_asym_id    A 
_struct_site.pdbx_auth_comp_id    MTA 
_struct_site.pdbx_auth_seq_id     301 
_struct_site.pdbx_auth_ins_code   ? 
_struct_site.pdbx_num_residues    13 
_struct_site.details              'binding site for residue MTA A 301' 
# 
loop_
_struct_site_gen.id 
_struct_site_gen.site_id 
_struct_site_gen.pdbx_num_res 
_struct_site_gen.label_comp_id 
_struct_site_gen.label_asym_id 
_struct_site_gen.label_seq_id 
_struct_site_gen.pdbx_auth_ins_code 
_struct_site_gen.auth_comp_id 
_struct_site_gen.auth_asym_id 
_struct_site_gen.auth_seq_id 
_struct_site_gen.label_atom_id 
_struct_site_gen.label_alt_id 
_struct_site_gen.symmetry 
_struct_site_gen.details 
1  AC1 13 LEU A 104 ? LEU A 83  . ? 1_555 ? 
2  AC1 13 ASP A 105 ? ASP A 84  . ? 1_555 ? 
3  AC1 13 PRO A 106 ? PRO A 85  . ? 1_555 ? 
4  AC1 13 PHE A 125 ? PHE A 104 . ? 1_555 ? 
5  AC1 13 GLY A 126 ? GLY A 105 . ? 1_555 ? 
6  AC1 13 ILE A 128 ? ILE A 107 . ? 1_555 ? 
7  AC1 13 THR A 138 ? THR A 117 . ? 1_555 ? 
8  AC1 13 LEU A 154 ? LEU A 133 . ? 1_555 ? 
9  AC1 13 GLY A 155 ? GLY A 134 . ? 1_555 ? 
10 AC1 13 LYS A 157 ? LYS A 136 . ? 1_555 ? 
11 AC1 13 MET A 159 ? MET A 138 . ? 1_555 ? 
12 AC1 13 THR A 161 ? THR A 140 . ? 1_555 ? 
13 AC1 13 ALA A 164 ? ALA A 143 . ? 1_555 ? 
# 
_atom_sites.entry_id                    5H5D 
_atom_sites.fract_transf_matrix[1][1]   -0.01854791 
_atom_sites.fract_transf_matrix[1][2]   0.01355530 
_atom_sites.fract_transf_matrix[1][3]   -0.01430931 
_atom_sites.fract_transf_matrix[2][1]   0.00092797 
_atom_sites.fract_transf_matrix[2][2]   0.01313308 
_atom_sites.fract_transf_matrix[2][3]   0.01123820 
_atom_sites.fract_transf_matrix[3][1]   0.01213838 
_atom_sites.fract_transf_matrix[3][2]   0.01308284 
_atom_sites.fract_transf_matrix[3][3]   -0.01629104 
_atom_sites.fract_transf_vector[1]      0.142019 
_atom_sites.fract_transf_vector[2]      -0.245817 
_atom_sites.fract_transf_vector[3]      0.381691 
# 
loop_
_atom_type.symbol 
C 
N 
O 
S 
# 
loop_
_atom_site.group_PDB 
_atom_site.id 
_atom_site.type_symbol 
_atom_site.label_atom_id 
_atom_site.label_alt_id 
_atom_site.label_comp_id 
_atom_site.label_asym_id 
_atom_site.label_entity_id 
_atom_site.label_seq_id 
_atom_site.pdbx_PDB_ins_code 
_atom_site.Cartn_x 
_atom_site.Cartn_y 
_atom_site.Cartn_z 
_atom_site.occupancy 
_atom_site.B_iso_or_equiv 
_atom_site.pdbx_formal_charge 
_atom_site.auth_seq_id 
_atom_site.auth_comp_id 
_atom_site.auth_asym_id 
_atom_site.auth_atom_id 
_atom_site.pdbx_PDB_model_num 
ATOM   1    N N     . SER A 1 22  ? -3.406  -3.899  -11.804 1.00 47.75  ? 1   SER A N     1 
ATOM   2    C CA    . SER A 1 22  ? -2.195  -3.814  -12.672 1.00 51.17  ? 1   SER A CA    1 
ATOM   3    C C     . SER A 1 22  ? -1.021  -3.240  -11.886 1.00 52.07  ? 1   SER A C     1 
ATOM   4    O O     . SER A 1 22  ? -0.298  -3.995  -11.248 1.00 61.76  ? 1   SER A O     1 
ATOM   5    C CB    . SER A 1 22  ? -2.504  -2.999  -13.948 1.00 43.58  ? 1   SER A CB    1 
ATOM   6    N N     . LYS A 1 23  ? -0.871  -1.917  -11.878 1.00 51.68  ? 2   LYS A N     1 
ATOM   7    C CA    . LYS A 1 23  ? 0.268   -1.268  -11.259 1.00 50.83  ? 2   LYS A CA    1 
ATOM   8    C C     . LYS A 1 23  ? -0.136  -0.626  -9.937  1.00 49.32  ? 2   LYS A C     1 
ATOM   9    O O     . LYS A 1 23  ? -1.244  -0.124  -9.801  1.00 51.20  ? 2   LYS A O     1 
ATOM   10   C CB    . LYS A 1 23  ? 0.858   -0.227  -12.202 1.00 50.75  ? 2   LYS A CB    1 
ATOM   11   N N     . TYR A 1 24  ? 0.779   -0.680  -8.971  1.00 50.81  ? 3   TYR A N     1 
ATOM   12   C CA    . TYR A 1 24  ? 0.579   -0.163  -7.618  1.00 51.52  ? 3   TYR A CA    1 
ATOM   13   C C     . TYR A 1 24  ? 1.532   0.987   -7.348  1.00 50.54  ? 3   TYR A C     1 
ATOM   14   O O     . TYR A 1 24  ? 2.731   0.885   -7.592  1.00 54.87  ? 3   TYR A O     1 
ATOM   15   C CB    . TYR A 1 24  ? 0.809   -1.264  -6.589  1.00 52.44  ? 3   TYR A CB    1 
ATOM   16   C CG    . TYR A 1 24  ? -0.149  -2.424  -6.734  1.00 54.42  ? 3   TYR A CG    1 
ATOM   17   C CD1   . TYR A 1 24  ? 0.169   -3.520  -7.538  1.00 53.56  ? 3   TYR A CD1   1 
ATOM   18   C CD2   . TYR A 1 24  ? -1.387  -2.424  -6.073  1.00 51.24  ? 3   TYR A CD2   1 
ATOM   19   C CE1   . TYR A 1 24  ? -0.717  -4.570  -7.673  1.00 53.11  ? 3   TYR A CE1   1 
ATOM   20   C CE2   . TYR A 1 24  ? -2.274  -3.465  -6.209  1.00 48.88  ? 3   TYR A CE2   1 
ATOM   21   C CZ    . TYR A 1 24  ? -1.938  -4.527  -7.014  1.00 52.12  ? 3   TYR A CZ    1 
ATOM   22   O OH    . TYR A 1 24  ? -2.836  -5.551  -7.140  1.00 61.32  ? 3   TYR A OH    1 
ATOM   23   N N     . ILE A 1 25  ? 0.992   2.078   -6.840  1.00 46.56  ? 4   ILE A N     1 
ATOM   24   C CA    . ILE A 1 25  ? 1.774   3.257   -6.528  1.00 47.40  ? 4   ILE A CA    1 
ATOM   25   C C     . ILE A 1 25  ? 1.619   3.537   -5.051  1.00 47.05  ? 4   ILE A C     1 
ATOM   26   O O     . ILE A 1 25  ? 0.513   3.534   -4.513  1.00 49.89  ? 4   ILE A O     1 
ATOM   27   C CB    . ILE A 1 25  ? 1.299   4.463   -7.356  1.00 49.24  ? 4   ILE A CB    1 
ATOM   28   C CG1   . ILE A 1 25  ? 1.434   4.144   -8.866  1.00 52.72  ? 4   ILE A CG1   1 
ATOM   29   C CG2   . ILE A 1 25  ? 2.068   5.723   -6.971  1.00 47.69  ? 4   ILE A CG2   1 
ATOM   30   C CD1   . ILE A 1 25  ? 0.776   5.158   -9.789  1.00 53.82  ? 4   ILE A CD1   1 
ATOM   31   N N     . ILE A 1 26  ? 2.733   3.770   -4.391  1.00 48.08  ? 5   ILE A N     1 
ATOM   32   C CA    . ILE A 1 26  ? 2.723   4.192   -2.997  1.00 53.37  ? 5   ILE A CA    1 
ATOM   33   C C     . ILE A 1 26  ? 3.280   5.605   -2.933  1.00 48.64  ? 5   ILE A C     1 
ATOM   34   O O     . ILE A 1 26  ? 4.369   5.838   -3.425  1.00 43.31  ? 5   ILE A O     1 
ATOM   35   C CB    . ILE A 1 26  ? 3.557   3.241   -2.113  1.00 55.94  ? 5   ILE A CB    1 
ATOM   36   C CG1   . ILE A 1 26  ? 2.975   1.814   -2.187  1.00 55.32  ? 5   ILE A CG1   1 
ATOM   37   C CG2   . ILE A 1 26  ? 3.581   3.739   -0.661  1.00 58.63  ? 5   ILE A CG2   1 
ATOM   38   C CD1   . ILE A 1 26  ? 3.769   0.779   -1.409  1.00 55.73  ? 5   ILE A CD1   1 
ATOM   39   N N     . GLU A 1 27  ? 2.523   6.524   -2.332  1.00 51.13  ? 6   GLU A N     1 
ATOM   40   C CA    . GLU A 1 27  ? 3.005   7.887   -2.086  1.00 54.41  ? 6   GLU A CA    1 
ATOM   41   C C     . GLU A 1 27  ? 3.641   8.014   -0.705  1.00 49.95  ? 6   GLU A C     1 
ATOM   42   O O     . GLU A 1 27  ? 2.937   7.985   0.307   1.00 50.60  ? 6   GLU A O     1 
ATOM   43   C CB    . GLU A 1 27  ? 1.873   8.892   -2.231  1.00 56.14  ? 6   GLU A CB    1 
ATOM   44   C CG    . GLU A 1 27  ? 1.476   9.112   -3.677  1.00 62.94  ? 6   GLU A CG    1 
ATOM   45   C CD    . GLU A 1 27  ? 2.162   10.321  -4.285  1.00 68.33  ? 6   GLU A CD    1 
ATOM   46   O OE1   . GLU A 1 27  ? 1.648   11.452  -4.050  1.00 63.89  ? 6   GLU A OE1   1 
ATOM   47   O OE2   . GLU A 1 27  ? 3.205   10.131  -4.990  1.00 69.09  ? 6   GLU A OE2   1 
ATOM   48   N N     . HIS A 1 28  ? 4.959   8.169   -0.677  1.00 46.50  ? 7   HIS A N     1 
ATOM   49   C CA    . HIS A 1 28  ? 5.698   8.140   0.570   1.00 54.32  ? 7   HIS A CA    1 
ATOM   50   C C     . HIS A 1 28  ? 5.441   9.439   1.306   1.00 57.04  ? 7   HIS A C     1 
ATOM   51   O O     . HIS A 1 28  ? 5.712   10.517  0.782   1.00 59.03  ? 7   HIS A O     1 
ATOM   52   C CB    . HIS A 1 28  ? 7.195   7.944   0.309   1.00 56.54  ? 7   HIS A CB    1 
ATOM   53   C CG    . HIS A 1 28  ? 7.987   7.588   1.526   1.00 54.99  ? 7   HIS A CG    1 
ATOM   54   N ND1   . HIS A 1 28  ? 7.789   6.419   2.228   1.00 58.34  ? 7   HIS A ND1   1 
ATOM   55   C CD2   . HIS A 1 28  ? 9.004   8.231   2.140   1.00 55.42  ? 7   HIS A CD2   1 
ATOM   56   C CE1   . HIS A 1 28  ? 8.644   6.366   3.234   1.00 62.49  ? 7   HIS A CE1   1 
ATOM   57   N NE2   . HIS A 1 28  ? 9.392   7.454   3.204   1.00 61.48  ? 7   HIS A NE2   1 
ATOM   58   N N     . MET A 1 29  ? 4.906   9.325   2.512   1.00 58.73  ? 8   MET A N     1 
ATOM   59   C CA    . MET A 1 29  ? 4.521   10.490  3.294   1.00 70.18  ? 8   MET A CA    1 
ATOM   60   C C     . MET A 1 29  ? 5.222   10.511  4.653   1.00 75.72  ? 8   MET A C     1 
ATOM   61   O O     . MET A 1 29  ? 4.766   11.165  5.596   1.00 84.33  ? 8   MET A O     1 
ATOM   62   C CB    . MET A 1 29  ? 2.991   10.532  3.453   1.00 74.54  ? 8   MET A CB    1 
ATOM   63   C CG    . MET A 1 29  ? 2.226   10.808  2.149   1.00 74.43  ? 8   MET A CG    1 
ATOM   64   S SD    . MET A 1 29  ? 0.423   10.649  2.344   1.00 74.10  ? 8   MET A SD    1 
ATOM   65   C CE    . MET A 1 29  ? 0.076   11.999  3.463   1.00 76.50  ? 8   MET A CE    1 
ATOM   66   N N     . GLU A 1 30  ? 6.339   9.791   4.730   1.00 74.12  ? 9   GLU A N     1 
ATOM   67   C CA    . GLU A 1 30  ? 7.249   9.814   5.855   1.00 69.25  ? 9   GLU A CA    1 
ATOM   68   C C     . GLU A 1 30  ? 8.521   10.452  5.335   1.00 71.04  ? 9   GLU A C     1 
ATOM   69   O O     . GLU A 1 30  ? 8.752   10.512  4.122   1.00 70.57  ? 9   GLU A O     1 
ATOM   70   C CB    . GLU A 1 30  ? 7.555   8.387   6.327   1.00 71.00  ? 9   GLU A CB    1 
ATOM   71   C CG    . GLU A 1 30  ? 6.377   7.599   6.902   1.00 73.46  ? 9   GLU A CG    1 
ATOM   72   C CD    . GLU A 1 30  ? 5.848   8.140   8.239   1.00 78.30  ? 9   GLU A CD    1 
ATOM   73   O OE1   . GLU A 1 30  ? 6.670   8.664   9.049   1.00 75.56  ? 9   GLU A OE1   1 
ATOM   74   O OE2   . GLU A 1 30  ? 4.601   8.034   8.479   1.00 74.32  ? 9   GLU A OE2   1 
ATOM   75   N N     . GLU A 1 31  ? 9.345   10.934  6.252   1.00 73.44  ? 10  GLU A N     1 
ATOM   76   C CA    . GLU A 1 31  ? 10.625  11.514  5.883   1.00 74.51  ? 10  GLU A CA    1 
ATOM   77   C C     . GLU A 1 31  ? 11.544  10.409  5.410   1.00 71.41  ? 10  GLU A C     1 
ATOM   78   O O     . GLU A 1 31  ? 11.821  10.262  4.205   1.00 68.60  ? 10  GLU A O     1 
ATOM   79   C CB    . GLU A 1 31  ? 11.245  12.252  7.089   1.00 74.47  ? 10  GLU A CB    1 
ATOM   80   C CG    . GLU A 1 31  ? 10.698  13.647  7.300   1.00 71.42  ? 10  GLU A CG    1 
ATOM   81   C CD    . GLU A 1 31  ? 10.976  14.536  6.116   1.00 75.24  ? 10  GLU A CD    1 
ATOM   82   O OE1   . GLU A 1 31  ? 12.051  14.369  5.493   1.00 72.17  ? 10  GLU A OE1   1 
ATOM   83   O OE2   . GLU A 1 31  ? 10.101  15.369  5.798   1.00 82.37  ? 10  GLU A OE2   1 
ATOM   84   N N     . GLY A 1 32  ? 11.985  9.635   6.391   1.00 72.58  ? 11  GLY A N     1 
ATOM   85   C CA    . GLY A 1 32  ? 12.931  8.556   6.195   1.00 67.03  ? 11  GLY A CA    1 
ATOM   86   C C     . GLY A 1 32  ? 12.206  7.232   6.073   1.00 66.41  ? 11  GLY A C     1 
ATOM   87   O O     . GLY A 1 32  ? 11.019  7.157   5.699   1.00 67.29  ? 11  GLY A O     1 
ATOM   88   N N     . PHE A 1 33  ? 12.943  6.185   6.407   1.00 59.64  ? 12  PHE A N     1 
ATOM   89   C CA    . PHE A 1 33  ? 12.491  4.829   6.285   1.00 60.33  ? 12  PHE A CA    1 
ATOM   90   C C     . PHE A 1 33  ? 12.825  4.150   7.598   1.00 59.74  ? 12  PHE A C     1 
ATOM   91   O O     . PHE A 1 33  ? 13.937  3.658   7.790   1.00 64.43  ? 12  PHE A O     1 
ATOM   92   C CB    . PHE A 1 33  ? 13.209  4.110   5.124   1.00 61.46  ? 12  PHE A CB    1 
ATOM   93   C CG    . PHE A 1 33  ? 12.889  4.650   3.759   1.00 58.31  ? 12  PHE A CG    1 
ATOM   94   C CD1   . PHE A 1 33  ? 13.587  5.728   3.240   1.00 58.10  ? 12  PHE A CD1   1 
ATOM   95   C CD2   . PHE A 1 33  ? 11.911  4.048   2.972   1.00 58.02  ? 12  PHE A CD2   1 
ATOM   96   C CE1   . PHE A 1 33  ? 13.301  6.219   1.976   1.00 54.03  ? 12  PHE A CE1   1 
ATOM   97   C CE2   . PHE A 1 33  ? 11.621  4.537   1.711   1.00 57.22  ? 12  PHE A CE2   1 
ATOM   98   C CZ    . PHE A 1 33  ? 12.318  5.621   1.220   1.00 55.84  ? 12  PHE A CZ    1 
ATOM   99   N N     . SER A 1 34  ? 11.860  4.134   8.511   1.00 61.55  ? 13  SER A N     1 
ATOM   100  C CA    . SER A 1 34  ? 12.006  3.393   9.759   1.00 57.10  ? 13  SER A CA    1 
ATOM   101  C C     . SER A 1 34  ? 11.995  1.898   9.474   1.00 57.94  ? 13  SER A C     1 
ATOM   102  O O     . SER A 1 34  ? 11.598  1.451   8.380   1.00 61.20  ? 13  SER A O     1 
ATOM   103  C CB    . SER A 1 34  ? 10.861  3.719   10.680  1.00 53.85  ? 13  SER A CB    1 
ATOM   104  O OG    . SER A 1 34  ? 9.653   3.233   10.122  1.00 51.69  ? 13  SER A OG    1 
ATOM   105  N N     . GLU A 1 35  ? 12.408  1.121   10.461  1.00 55.45  ? 14  GLU A N     1 
ATOM   106  C CA    . GLU A 1 35  ? 12.466  -0.324  10.299  1.00 55.48  ? 14  GLU A CA    1 
ATOM   107  C C     . GLU A 1 35  ? 11.099  -0.885  9.894   1.00 53.31  ? 14  GLU A C     1 
ATOM   108  O O     . GLU A 1 35  ? 11.004  -1.779  9.051   1.00 51.02  ? 14  GLU A O     1 
ATOM   109  C CB    . GLU A 1 35  ? 12.974  -0.982  11.585  1.00 53.66  ? 14  GLU A CB    1 
ATOM   110  C CG    . GLU A 1 35  ? 13.154  -2.492  11.481  1.00 57.45  ? 14  GLU A CG    1 
ATOM   111  C CD    . GLU A 1 35  ? 14.304  -2.894  10.554  1.00 64.51  ? 14  GLU A CD    1 
ATOM   112  O OE1   . GLU A 1 35  ? 15.085  -2.004  10.137  1.00 59.53  ? 14  GLU A OE1   1 
ATOM   113  O OE2   . GLU A 1 35  ? 14.446  -4.102  10.244  1.00 67.20  ? 14  GLU A OE2   1 
ATOM   114  N N     . TRP A 1 36  ? 10.049  -0.343  10.496  1.00 53.38  ? 15  TRP A N     1 
ATOM   115  C CA    . TRP A 1 36  ? 8.697   -0.770  10.197  1.00 52.81  ? 15  TRP A CA    1 
ATOM   116  C C     . TRP A 1 36  ? 8.380   -0.559  8.715   1.00 52.07  ? 15  TRP A C     1 
ATOM   117  O O     . TRP A 1 36  ? 7.939   -1.488  8.028   1.00 50.44  ? 15  TRP A O     1 
ATOM   118  C CB    . TRP A 1 36  ? 7.723   0.011   11.074  1.00 55.79  ? 15  TRP A CB    1 
ATOM   119  C CG    . TRP A 1 36  ? 6.320   -0.461  11.005  1.00 56.59  ? 15  TRP A CG    1 
ATOM   120  C CD1   . TRP A 1 36  ? 5.444   -0.281  9.977   1.00 58.82  ? 15  TRP A CD1   1 
ATOM   121  C CD2   . TRP A 1 36  ? 5.606   -1.149  12.022  1.00 62.78  ? 15  TRP A CD2   1 
ATOM   122  N NE1   . TRP A 1 36  ? 4.222   -0.827  10.283  1.00 59.85  ? 15  TRP A NE1   1 
ATOM   123  C CE2   . TRP A 1 36  ? 4.290   -1.371  11.532  1.00 62.29  ? 15  TRP A CE2   1 
ATOM   124  C CE3   . TRP A 1 36  ? 5.945   -1.611  13.303  1.00 65.09  ? 15  TRP A CE3   1 
ATOM   125  C CZ2   . TRP A 1 36  ? 3.318   -2.035  12.271  1.00 65.77  ? 15  TRP A CZ2   1 
ATOM   126  C CZ3   . TRP A 1 36  ? 4.977   -2.279  14.043  1.00 67.51  ? 15  TRP A CZ3   1 
ATOM   127  C CH2   . TRP A 1 36  ? 3.673   -2.479  13.524  1.00 70.19  ? 15  TRP A CH2   1 
ATOM   128  N N     . VAL A 1 37  ? 8.608   0.665   8.235   1.00 51.46  ? 16  VAL A N     1 
ATOM   129  C CA    . VAL A 1 37  ? 8.347   0.998   6.841   1.00 54.01  ? 16  VAL A CA    1 
ATOM   130  C C     . VAL A 1 37  ? 9.118   0.057   5.908   1.00 53.71  ? 16  VAL A C     1 
ATOM   131  O O     . VAL A 1 37  ? 8.565   -0.420  4.909   1.00 49.42  ? 16  VAL A O     1 
ATOM   132  C CB    . VAL A 1 37  ? 8.677   2.475   6.543   1.00 53.98  ? 16  VAL A CB    1 
ATOM   133  C CG1   . VAL A 1 37  ? 8.638   2.757   5.047   1.00 54.12  ? 16  VAL A CG1   1 
ATOM   134  C CG2   . VAL A 1 37  ? 7.682   3.371   7.241   1.00 56.06  ? 16  VAL A CG2   1 
ATOM   135  N N     . ILE A 1 38  ? 10.382  -0.194  6.248   1.00 51.57  ? 17  ILE A N     1 
ATOM   136  C CA    . ILE A 1 38  ? 11.226  -1.055  5.448   1.00 50.46  ? 17  ILE A CA    1 
ATOM   137  C C     . ILE A 1 38  ? 10.653  -2.477  5.382   1.00 49.07  ? 17  ILE A C     1 
ATOM   138  O O     . ILE A 1 38  ? 10.594  -3.085  4.324   1.00 51.43  ? 17  ILE A O     1 
ATOM   139  C CB    . ILE A 1 38  ? 12.665  -1.063  5.975   1.00 52.11  ? 17  ILE A CB    1 
ATOM   140  C CG1   . ILE A 1 38  ? 13.295  0.334   5.805   1.00 51.39  ? 17  ILE A CG1   1 
ATOM   141  C CG2   . ILE A 1 38  ? 13.522  -2.085  5.215   1.00 52.79  ? 17  ILE A CG2   1 
ATOM   142  C CD1   . ILE A 1 38  ? 14.603  0.520   6.547   1.00 47.79  ? 17  ILE A CD1   1 
ATOM   143  N N     . LEU A 1 39  ? 10.202  -2.993  6.501   1.00 48.35  ? 18  LEU A N     1 
ATOM   144  C CA    . LEU A 1 39  ? 9.599   -4.298  6.503   1.00 50.97  ? 18  LEU A CA    1 
ATOM   145  C C     . LEU A 1 39  ? 8.330   -4.326  5.661   1.00 53.76  ? 18  LEU A C     1 
ATOM   146  O O     . LEU A 1 39  ? 8.159   -5.253  4.866   1.00 56.93  ? 18  LEU A O     1 
ATOM   147  C CB    . LEU A 1 39  ? 9.313   -4.741  7.935   1.00 53.67  ? 18  LEU A CB    1 
ATOM   148  C CG    . LEU A 1 39  ? 10.527  -4.926  8.844   1.00 53.36  ? 18  LEU A CG    1 
ATOM   149  C CD1   . LEU A 1 39  ? 10.109  -5.364  10.240  1.00 54.31  ? 18  LEU A CD1   1 
ATOM   150  C CD2   . LEU A 1 39  ? 11.483  -5.937  8.251   1.00 55.50  ? 18  LEU A CD2   1 
ATOM   151  N N     . GLU A 1 40  ? 7.463   -3.319  5.814   1.00 50.94  ? 19  GLU A N     1 
ATOM   152  C CA    . GLU A 1 40  ? 6.213   -3.280  5.043   1.00 50.82  ? 19  GLU A CA    1 
ATOM   153  C C     . GLU A 1 40  ? 6.463   -3.244  3.547   1.00 48.84  ? 19  GLU A C     1 
ATOM   154  O O     . GLU A 1 40  ? 5.892   -4.038  2.807   1.00 48.53  ? 19  GLU A O     1 
ATOM   155  C CB    . GLU A 1 40  ? 5.343   -2.081  5.426   1.00 56.56  ? 19  GLU A CB    1 
ATOM   156  C CG    . GLU A 1 40  ? 4.334   -2.356  6.533   1.00 61.10  ? 19  GLU A CG    1 
ATOM   157  C CD    . GLU A 1 40  ? 3.345   -1.218  6.701   1.00 66.89  ? 19  GLU A CD    1 
ATOM   158  O OE1   . GLU A 1 40  ? 2.529   -0.974  5.789   1.00 66.35  ? 19  GLU A OE1   1 
ATOM   159  O OE2   . GLU A 1 40  ? 3.380   -0.561  7.750   1.00 78.35  ? 19  GLU A OE2   1 
ATOM   160  N N     . TYR A 1 41  ? 7.301   -2.302  3.120   1.00 49.59  ? 20  TYR A N     1 
ATOM   161  C CA    . TYR A 1 41  ? 7.622   -2.120  1.710   1.00 48.33  ? 20  TYR A CA    1 
ATOM   162  C C     . TYR A 1 41  ? 8.313   -3.344  1.119   1.00 48.63  ? 20  TYR A C     1 
ATOM   163  O O     . TYR A 1 41  ? 8.066   -3.688  -0.040  1.00 45.44  ? 20  TYR A O     1 
ATOM   164  C CB    . TYR A 1 41  ? 8.501   -0.893  1.536   1.00 48.25  ? 20  TYR A CB    1 
ATOM   165  C CG    . TYR A 1 41  ? 7.813   0.444   1.729   1.00 48.49  ? 20  TYR A CG    1 
ATOM   166  C CD1   . TYR A 1 41  ? 6.499   0.543   2.172   1.00 49.71  ? 20  TYR A CD1   1 
ATOM   167  C CD2   . TYR A 1 41  ? 8.500   1.632   1.495   1.00 48.60  ? 20  TYR A CD2   1 
ATOM   168  C CE1   . TYR A 1 41  ? 5.879   1.778   2.339   1.00 49.27  ? 20  TYR A CE1   1 
ATOM   169  C CE2   . TYR A 1 41  ? 7.882   2.872   1.667   1.00 51.18  ? 20  TYR A CE2   1 
ATOM   170  C CZ    . TYR A 1 41  ? 6.569   2.936   2.090   1.00 49.22  ? 20  TYR A CZ    1 
ATOM   171  O OH    . TYR A 1 41  ? 5.957   4.149   2.268   1.00 48.65  ? 20  TYR A OH    1 
ATOM   172  N N     . SER A 1 42  ? 9.146   -4.000  1.920   1.00 46.40  ? 21  SER A N     1 
ATOM   173  C CA    . SER A 1 42  ? 9.759   -5.258  1.521   1.00 47.91  ? 21  SER A CA    1 
ATOM   174  C C     . SER A 1 42  ? 8.703   -6.320  1.228   1.00 50.34  ? 21  SER A C     1 
ATOM   175  O O     . SER A 1 42  ? 8.744   -6.970  0.164   1.00 45.76  ? 21  SER A O     1 
ATOM   176  C CB    . SER A 1 42  ? 10.708  -5.770  2.607   1.00 48.67  ? 21  SER A CB    1 
ATOM   177  O OG    . SER A 1 42  ? 11.875  -4.970  2.666   1.00 51.88  ? 21  SER A OG    1 
ATOM   178  N N     . GLN A 1 43  ? 7.753   -6.478  2.154   1.00 50.27  ? 22  GLN A N     1 
ATOM   179  C CA    . GLN A 1 43  ? 6.679   -7.441  1.963   1.00 50.61  ? 22  GLN A CA    1 
ATOM   180  C C     . GLN A 1 43  ? 5.853   -7.108  0.720   1.00 51.07  ? 22  GLN A C     1 
ATOM   181  O O     . GLN A 1 43  ? 5.491   -7.995  -0.052  1.00 52.98  ? 22  GLN A O     1 
ATOM   182  C CB    . GLN A 1 43  ? 5.775   -7.524  3.185   1.00 51.30  ? 22  GLN A CB    1 
ATOM   183  C CG    . GLN A 1 43  ? 4.796   -8.697  3.110   1.00 57.34  ? 22  GLN A CG    1 
ATOM   184  C CD    . GLN A 1 43  ? 5.494   -10.046 3.229   1.00 57.00  ? 22  GLN A CD    1 
ATOM   185  O OE1   . GLN A 1 43  ? 6.446   -10.188 3.999   1.00 57.99  ? 22  GLN A OE1   1 
ATOM   186  N NE2   . GLN A 1 43  ? 5.023   -11.035 2.472   1.00 56.17  ? 22  GLN A NE2   1 
ATOM   187  N N     . ILE A 1 44  ? 5.558   -5.830  0.539   1.00 48.05  ? 23  ILE A N     1 
ATOM   188  C CA    . ILE A 1 44  ? 4.826   -5.402  -0.621  1.00 49.88  ? 23  ILE A CA    1 
ATOM   189  C C     . ILE A 1 44  ? 5.592   -5.821  -1.889  1.00 51.08  ? 23  ILE A C     1 
ATOM   190  O O     . ILE A 1 44  ? 5.005   -6.444  -2.798  1.00 43.97  ? 23  ILE A O     1 
ATOM   191  C CB    . ILE A 1 44  ? 4.544   -3.884  -0.557  1.00 48.57  ? 23  ILE A CB    1 
ATOM   192  C CG1   . ILE A 1 44  ? 3.533   -3.601  0.564   1.00 49.51  ? 23  ILE A CG1   1 
ATOM   193  C CG2   . ILE A 1 44  ? 3.963   -3.370  -1.875  1.00 46.56  ? 23  ILE A CG2   1 
ATOM   194  C CD1   . ILE A 1 44  ? 3.553   -2.179  1.079   1.00 47.72  ? 23  ILE A CD1   1 
ATOM   195  N N     . LEU A 1 45  ? 6.891   -5.504  -1.925  1.00 50.58  ? 24  LEU A N     1 
ATOM   196  C CA    . LEU A 1 45  ? 7.748   -5.857  -3.075  1.00 50.27  ? 24  LEU A CA    1 
ATOM   197  C C     . LEU A 1 45  ? 7.699   -7.360  -3.375  1.00 51.10  ? 24  LEU A C     1 
ATOM   198  O O     . LEU A 1 45  ? 7.600   -7.775  -4.528  1.00 47.64  ? 24  LEU A O     1 
ATOM   199  C CB    . LEU A 1 45  ? 9.203   -5.420  -2.847  1.00 48.16  ? 24  LEU A CB    1 
ATOM   200  C CG    . LEU A 1 45  ? 9.569   -3.944  -3.034  1.00 45.72  ? 24  LEU A CG    1 
ATOM   201  C CD1   . LEU A 1 45  ? 10.885  -3.610  -2.350  1.00 45.45  ? 24  LEU A CD1   1 
ATOM   202  C CD2   . LEU A 1 45  ? 9.660   -3.601  -4.507  1.00 46.99  ? 24  LEU A CD2   1 
ATOM   203  N N     . ARG A 1 46  ? 7.752   -8.178  -2.332  1.00 53.49  ? 25  ARG A N     1 
ATOM   204  C CA    . ARG A 1 46  ? 7.676   -9.625  -2.537  1.00 53.38  ? 25  ARG A CA    1 
ATOM   205  C C     . ARG A 1 46  ? 6.315   -10.077 -3.068  1.00 58.14  ? 25  ARG A C     1 
ATOM   206  O O     . ARG A 1 46  ? 6.245   -10.985 -3.882  1.00 64.40  ? 25  ARG A O     1 
ATOM   207  C CB    . ARG A 1 46  ? 8.034   -10.380 -1.262  1.00 50.33  ? 25  ARG A CB    1 
ATOM   208  C CG    . ARG A 1 46  ? 9.483   -10.188 -0.833  1.00 54.14  ? 25  ARG A CG    1 
ATOM   209  C CD    . ARG A 1 46  ? 9.871   -11.070 0.356   1.00 58.78  ? 25  ARG A CD    1 
ATOM   210  N NE    . ARG A 1 46  ? 11.213  -10.752 0.883   1.00 66.20  ? 25  ARG A NE    1 
ATOM   211  C CZ    . ARG A 1 46  ? 12.376  -11.316 0.488   1.00 76.07  ? 25  ARG A CZ    1 
ATOM   212  N NH1   . ARG A 1 46  ? 12.417  -12.274 -0.452  1.00 77.33  ? 25  ARG A NH1   1 
ATOM   213  N NH2   . ARG A 1 46  ? 13.536  -10.920 1.039   1.00 70.69  ? 25  ARG A NH2   1 
ATOM   214  N N     . GLU A 1 47  ? 5.234   -9.447  -2.633  1.00 58.19  ? 26  GLU A N     1 
ATOM   215  C CA    . GLU A 1 47  ? 3.914   -9.893  -3.057  1.00 59.16  ? 26  GLU A CA    1 
ATOM   216  C C     . GLU A 1 47  ? 3.454   -9.409  -4.434  1.00 61.14  ? 26  GLU A C     1 
ATOM   217  O O     . GLU A 1 47  ? 2.844   -10.180 -5.152  1.00 63.10  ? 26  GLU A O     1 
ATOM   218  C CB    . GLU A 1 47  ? 2.893   -9.566  -1.994  1.00 61.46  ? 26  GLU A CB    1 
ATOM   219  C CG    . GLU A 1 47  ? 3.128   -10.412 -0.755  1.00 61.11  ? 26  GLU A CG    1 
ATOM   220  C CD    . GLU A 1 47  ? 1.994   -10.351 0.226   1.00 64.82  ? 26  GLU A CD    1 
ATOM   221  O OE1   . GLU A 1 47  ? 2.265   -10.646 1.404   1.00 62.22  ? 26  GLU A OE1   1 
ATOM   222  O OE2   . GLU A 1 47  ? 0.849   -10.022 -0.165  1.00 65.41  ? 26  GLU A OE2   1 
ATOM   223  N N     . VAL A 1 48  ? 3.727   -8.156  -4.795  1.00 61.88  ? 27  VAL A N     1 
ATOM   224  C CA    . VAL A 1 48  ? 3.296   -7.612  -6.112  1.00 59.31  ? 27  VAL A CA    1 
ATOM   225  C C     . VAL A 1 48  ? 4.360   -7.680  -7.212  1.00 59.98  ? 27  VAL A C     1 
ATOM   226  O O     . VAL A 1 48  ? 4.045   -7.470  -8.389  1.00 61.63  ? 27  VAL A O     1 
ATOM   227  C CB    . VAL A 1 48  ? 2.800   -6.126  -6.043  1.00 57.66  ? 27  VAL A CB    1 
ATOM   228  C CG1   . VAL A 1 48  ? 1.757   -5.932  -4.958  1.00 56.58  ? 27  VAL A CG1   1 
ATOM   229  C CG2   . VAL A 1 48  ? 3.944   -5.142  -5.840  1.00 58.39  ? 27  VAL A CG2   1 
ATOM   230  N N     . GLY A 1 49  ? 5.618   -7.885  -6.839  1.00 60.44  ? 28  GLY A N     1 
ATOM   231  C CA    . GLY A 1 49  ? 6.695   -7.911  -7.816  1.00 57.03  ? 28  GLY A CA    1 
ATOM   232  C C     . GLY A 1 49  ? 7.220   -6.519  -8.054  1.00 55.11  ? 28  GLY A C     1 
ATOM   233  O O     . GLY A 1 49  ? 6.444   -5.590  -8.264  1.00 61.69  ? 28  GLY A O     1 
ATOM   234  N N     . ALA A 1 50  ? 8.540   -6.384  -8.070  1.00 50.19  ? 29  ALA A N     1 
ATOM   235  C CA    . ALA A 1 50  ? 9.186   -5.088  -8.210  1.00 50.21  ? 29  ALA A CA    1 
ATOM   236  C C     . ALA A 1 50  ? 8.743   -4.339  -9.448  1.00 51.17  ? 29  ALA A C     1 
ATOM   237  O O     . ALA A 1 50  ? 8.660   -3.122  -9.447  1.00 49.50  ? 29  ALA A O     1 
ATOM   238  C CB    . ALA A 1 50  ? 10.690  -5.259  -8.224  1.00 52.19  ? 29  ALA A CB    1 
ATOM   239  N N     . GLU A 1 51  ? 8.446   -5.067  -10.513 1.00 59.99  ? 30  GLU A N     1 
ATOM   240  C CA    . GLU A 1 51  ? 8.013   -4.435  -11.767 1.00 60.84  ? 30  GLU A CA    1 
ATOM   241  C C     . GLU A 1 51  ? 6.632   -3.774  -11.699 1.00 57.52  ? 30  GLU A C     1 
ATOM   242  O O     . GLU A 1 51  ? 6.288   -3.035  -12.603 1.00 48.37  ? 30  GLU A O     1 
ATOM   243  C CB    . GLU A 1 51  ? 8.034   -5.446  -12.923 1.00 60.85  ? 30  GLU A CB    1 
ATOM   244  C CG    . GLU A 1 51  ? 6.938   -6.513  -12.882 1.00 59.62  ? 30  GLU A CG    1 
ATOM   245  C CD    . GLU A 1 51  ? 7.326   -7.745  -12.089 1.00 62.70  ? 30  GLU A CD    1 
ATOM   246  O OE1   . GLU A 1 51  ? 8.213   -7.663  -11.224 1.00 56.80  ? 30  GLU A OE1   1 
ATOM   247  O OE2   . GLU A 1 51  ? 6.751   -8.813  -12.346 1.00 74.32  ? 30  GLU A OE2   1 
ATOM   248  N N     . ASN A 1 52  ? 5.847   -4.073  -10.660 1.00 57.72  ? 31  ASN A N     1 
ATOM   249  C CA    . ASN A 1 52  ? 4.471   -3.575  -10.540 1.00 56.45  ? 31  ASN A CA    1 
ATOM   250  C C     . ASN A 1 52  ? 4.275   -2.567  -9.395  1.00 53.07  ? 31  ASN A C     1 
ATOM   251  O O     . ASN A 1 52  ? 3.144   -2.237  -9.041  1.00 50.90  ? 31  ASN A O     1 
ATOM   252  C CB    . ASN A 1 52  ? 3.516   -4.754  -10.344 1.00 61.69  ? 31  ASN A CB    1 
ATOM   253  C CG    . ASN A 1 52  ? 3.529   -5.730  -11.515 1.00 63.31  ? 31  ASN A CG    1 
ATOM   254  O OD1   . ASN A 1 52  ? 3.460   -5.332  -12.673 1.00 61.75  ? 31  ASN A OD1   1 
ATOM   255  N ND2   . ASN A 1 52  ? 3.615   -7.016  -11.212 1.00 64.70  ? 31  ASN A ND2   1 
ATOM   256  N N     . LEU A 1 53  ? 5.369   -2.093  -8.814  1.00 49.74  ? 32  LEU A N     1 
ATOM   257  C CA    . LEU A 1 53  ? 5.313   -1.162  -7.706  1.00 49.54  ? 32  LEU A CA    1 
ATOM   258  C C     . LEU A 1 53  ? 6.174   0.060   -8.000  1.00 50.23  ? 32  LEU A C     1 
ATOM   259  O O     . LEU A 1 53  ? 7.300   -0.057  -8.498  1.00 50.60  ? 32  LEU A O     1 
ATOM   260  C CB    . LEU A 1 53  ? 5.796   -1.821  -6.419  1.00 51.58  ? 32  LEU A CB    1 
ATOM   261  C CG    . LEU A 1 53  ? 5.717   -0.933  -5.150  1.00 54.55  ? 32  LEU A CG    1 
ATOM   262  C CD1   . LEU A 1 53  ? 4.265   -0.770  -4.719  1.00 58.78  ? 32  LEU A CD1   1 
ATOM   263  C CD2   . LEU A 1 53  ? 6.523   -1.543  -4.006  1.00 52.94  ? 32  LEU A CD2   1 
ATOM   264  N N     . ILE A 1 54  ? 5.633   1.230   -7.684  1.00 46.94  ? 33  ILE A N     1 
ATOM   265  C CA    . ILE A 1 54  ? 6.408   2.468   -7.682  1.00 48.51  ? 33  ILE A CA    1 
ATOM   266  C C     . ILE A 1 54  ? 6.280   3.168   -6.328  1.00 46.98  ? 33  ILE A C     1 
ATOM   267  O O     . ILE A 1 54  ? 5.185   3.318   -5.789  1.00 45.96  ? 33  ILE A O     1 
ATOM   268  C CB    . ILE A 1 54  ? 5.972   3.402   -8.820  1.00 50.20  ? 33  ILE A CB    1 
ATOM   269  C CG1   . ILE A 1 54  ? 6.145   2.661   -10.160 1.00 53.72  ? 33  ILE A CG1   1 
ATOM   270  C CG2   . ILE A 1 54  ? 6.753   4.725   -8.784  1.00 48.58  ? 33  ILE A CG2   1 
ATOM   271  C CD1   . ILE A 1 54  ? 6.388   3.544   -11.366 1.00 56.14  ? 33  ILE A CD1   1 
ATOM   272  N N     . LEU A 1 55  ? 7.408   3.597   -5.782  1.00 45.02  ? 34  LEU A N     1 
ATOM   273  C CA    . LEU A 1 55  ? 7.369   4.454   -4.616  1.00 47.15  ? 34  LEU A CA    1 
ATOM   274  C C     . LEU A 1 55  ? 7.619   5.871   -5.095  1.00 49.74  ? 34  LEU A C     1 
ATOM   275  O O     . LEU A 1 55  ? 8.707   6.176   -5.602  1.00 55.02  ? 34  LEU A O     1 
ATOM   276  C CB    . LEU A 1 55  ? 8.401   4.028   -3.580  1.00 44.87  ? 34  LEU A CB    1 
ATOM   277  C CG    . LEU A 1 55  ? 8.368   4.820   -2.268  1.00 45.02  ? 34  LEU A CG    1 
ATOM   278  C CD1   . LEU A 1 55  ? 7.070   4.575   -1.505  1.00 44.36  ? 34  LEU A CD1   1 
ATOM   279  C CD2   . LEU A 1 55  ? 9.574   4.458   -1.401  1.00 46.19  ? 34  LEU A CD2   1 
ATOM   280  N N     . SER A 1 56  ? 6.617   6.732   -4.943  1.00 46.65  ? 35  SER A N     1 
ATOM   281  C CA    . SER A 1 56  ? 6.691   8.105   -5.454  1.00 50.03  ? 35  SER A CA    1 
ATOM   282  C C     . SER A 1 56  ? 6.689   9.134   -4.329  1.00 47.58  ? 35  SER A C     1 
ATOM   283  O O     . SER A 1 56  ? 6.452   8.818   -3.167  1.00 41.85  ? 35  SER A O     1 
ATOM   284  C CB    . SER A 1 56  ? 5.529   8.378   -6.425  1.00 50.99  ? 35  SER A CB    1 
ATOM   285  O OG    . SER A 1 56  ? 4.281   8.089   -5.837  1.00 48.12  ? 35  SER A OG    1 
ATOM   286  N N     . SER A 1 57  ? 6.946   10.376  -4.713  1.00 52.71  ? 36  SER A N     1 
ATOM   287  C CA    . SER A 1 57  ? 6.860   11.544  -3.818  1.00 54.39  ? 36  SER A CA    1 
ATOM   288  C C     . SER A 1 57  ? 7.894   11.490  -2.704  1.00 51.95  ? 36  SER A C     1 
ATOM   289  O O     . SER A 1 57  ? 7.677   11.984  -1.595  1.00 50.53  ? 36  SER A O     1 
ATOM   290  C CB    . SER A 1 57  ? 5.430   11.732  -3.240  1.00 55.40  ? 36  SER A CB    1 
ATOM   291  O OG    . SER A 1 57  ? 4.568   12.316  -4.188  1.00 52.19  ? 36  SER A OG    1 
ATOM   292  N N     . LEU A 1 58  ? 9.030   10.878  -2.998  1.00 55.03  ? 37  LEU A N     1 
ATOM   293  C CA    . LEU A 1 58  ? 10.120  10.918  -2.062  1.00 56.71  ? 37  LEU A CA    1 
ATOM   294  C C     . LEU A 1 58  ? 10.600  12.349  -2.015  1.00 57.71  ? 37  LEU A C     1 
ATOM   295  O O     . LEU A 1 58  ? 10.416  13.086  -2.999  1.00 56.57  ? 37  LEU A O     1 
ATOM   296  C CB    . LEU A 1 58  ? 11.227  9.972   -2.502  1.00 57.92  ? 37  LEU A CB    1 
ATOM   297  C CG    . LEU A 1 58  ? 10.861  8.520   -2.181  1.00 56.29  ? 37  LEU A CG    1 
ATOM   298  C CD1   . LEU A 1 58  ? 11.553  7.556   -3.107  1.00 56.21  ? 37  LEU A CD1   1 
ATOM   299  C CD2   . LEU A 1 58  ? 11.216  8.211   -0.744  1.00 56.50  ? 37  LEU A CD2   1 
ATOM   300  N N     . PRO A 1 59  ? 11.181  12.769  -0.871  1.00 57.52  ? 38  PRO A N     1 
ATOM   301  C CA    . PRO A 1 59  ? 11.658  14.157  -0.780  1.00 56.65  ? 38  PRO A CA    1 
ATOM   302  C C     . PRO A 1 59  ? 12.572  14.516  -1.957  1.00 58.69  ? 38  PRO A C     1 
ATOM   303  O O     . PRO A 1 59  ? 13.235  13.623  -2.544  1.00 55.44  ? 38  PRO A O     1 
ATOM   304  C CB    . PRO A 1 59  ? 12.386  14.201  0.571   1.00 55.03  ? 38  PRO A CB    1 
ATOM   305  C CG    . PRO A 1 59  ? 11.688  13.163  1.385   1.00 57.33  ? 38  PRO A CG    1 
ATOM   306  C CD    . PRO A 1 59  ? 11.312  12.063  0.416   1.00 55.27  ? 38  PRO A CD    1 
ATOM   307  N N     . GLU A 1 60  ? 12.550  15.805  -2.306  1.00 58.17  ? 39  GLU A N     1 
ATOM   308  C CA    . GLU A 1 60  ? 13.264  16.350  -3.475  1.00 61.69  ? 39  GLU A CA    1 
ATOM   309  C C     . GLU A 1 60  ? 14.771  16.030  -3.541  1.00 61.39  ? 39  GLU A C     1 
ATOM   310  O O     . GLU A 1 60  ? 15.314  15.819  -4.629  1.00 60.65  ? 39  GLU A O     1 
ATOM   311  C CB    . GLU A 1 60  ? 13.073  17.872  -3.527  1.00 63.01  ? 39  GLU A CB    1 
ATOM   312  N N     . SER A 1 61  ? 15.430  15.979  -2.383  1.00 57.14  ? 40  SER A N     1 
ATOM   313  C CA    . SER A 1 61  ? 16.856  15.679  -2.327  1.00 56.17  ? 40  SER A CA    1 
ATOM   314  C C     . SER A 1 61  ? 17.188  14.189  -2.260  1.00 54.76  ? 40  SER A C     1 
ATOM   315  O O     . SER A 1 61  ? 18.350  13.832  -2.104  1.00 60.89  ? 40  SER A O     1 
ATOM   316  C CB    . SER A 1 61  ? 17.469  16.356  -1.113  1.00 57.62  ? 40  SER A CB    1 
ATOM   317  O OG    . SER A 1 61  ? 16.936  15.792  0.072   1.00 64.48  ? 40  SER A OG    1 
ATOM   318  N N     . THR A 1 62  ? 16.194  13.319  -2.331  1.00 54.65  ? 41  THR A N     1 
ATOM   319  C CA    . THR A 1 62  ? 16.443  11.887  -2.242  1.00 53.03  ? 41  THR A CA    1 
ATOM   320  C C     . THR A 1 62  ? 17.259  11.398  -3.425  1.00 52.91  ? 41  THR A C     1 
ATOM   321  O O     . THR A 1 62  ? 16.959  11.716  -4.589  1.00 52.89  ? 41  THR A O     1 
ATOM   322  C CB    . THR A 1 62  ? 15.125  11.105  -2.169  1.00 51.50  ? 41  THR A CB    1 
ATOM   323  O OG1   . THR A 1 62  ? 14.353  11.596  -1.063  1.00 53.76  ? 41  THR A OG1   1 
ATOM   324  C CG2   . THR A 1 62  ? 15.376  9.619   -2.004  1.00 50.85  ? 41  THR A CG2   1 
ATOM   325  N N     . THR A 1 63  ? 18.307  10.650  -3.076  1.00 54.56  ? 42  THR A N     1 
ATOM   326  C CA    . THR A 1 63  ? 19.194  9.963   -4.014  1.00 54.99  ? 42  THR A CA    1 
ATOM   327  C C     . THR A 1 63  ? 19.235  8.492   -3.622  1.00 51.30  ? 42  THR A C     1 
ATOM   328  O O     . THR A 1 63  ? 18.678  8.101   -2.592  1.00 42.33  ? 42  THR A O     1 
ATOM   329  C CB    . THR A 1 63  ? 20.614  10.570  -3.977  1.00 51.59  ? 42  THR A CB    1 
ATOM   330  O OG1   . THR A 1 63  ? 21.192  10.396  -2.681  1.00 50.17  ? 42  THR A OG1   1 
ATOM   331  C CG2   . THR A 1 63  ? 20.568  12.040  -4.260  1.00 54.50  ? 42  THR A CG2   1 
ATOM   332  N N     . GLU A 1 64  ? 19.909  7.685   -4.434  1.00 53.92  ? 43  GLU A N     1 
ATOM   333  C CA    . GLU A 1 64  ? 19.971  6.243   -4.187  1.00 56.29  ? 43  GLU A CA    1 
ATOM   334  C C     . GLU A 1 64  ? 20.533  5.900   -2.808  1.00 55.35  ? 43  GLU A C     1 
ATOM   335  O O     . GLU A 1 64  ? 20.108  4.921   -2.198  1.00 59.75  ? 43  GLU A O     1 
ATOM   336  C CB    . GLU A 1 64  ? 20.808  5.545   -5.252  1.00 58.16  ? 43  GLU A CB    1 
ATOM   337  C CG    . GLU A 1 64  ? 20.607  4.043   -5.268  1.00 62.46  ? 43  GLU A CG    1 
ATOM   338  C CD    . GLU A 1 64  ? 21.382  3.366   -6.375  1.00 69.06  ? 43  GLU A CD    1 
ATOM   339  O OE1   . GLU A 1 64  ? 22.577  3.043   -6.167  1.00 74.01  ? 43  GLU A OE1   1 
ATOM   340  O OE2   . GLU A 1 64  ? 20.792  3.137   -7.446  1.00 70.27  ? 43  GLU A OE2   1 
ATOM   341  N N     . LYS A 1 65  ? 21.473  6.706   -2.324  1.00 55.67  ? 44  LYS A N     1 
ATOM   342  C CA    . LYS A 1 65  ? 22.047  6.531   -0.979  1.00 57.06  ? 44  LYS A CA    1 
ATOM   343  C C     . LYS A 1 65  ? 21.001  6.629   0.127   1.00 51.97  ? 44  LYS A C     1 
ATOM   344  O O     . LYS A 1 65  ? 21.131  6.008   1.171   1.00 54.03  ? 44  LYS A O     1 
ATOM   345  C CB    . LYS A 1 65  ? 23.166  7.561   -0.722  1.00 54.70  ? 44  LYS A CB    1 
ATOM   346  N N     . ASP A 1 66  ? 19.961  7.403   -0.113  1.00 50.95  ? 45  ASP A N     1 
ATOM   347  C CA    . ASP A 1 66  ? 18.913  7.598   0.872   1.00 53.21  ? 45  ASP A CA    1 
ATOM   348  C C     . ASP A 1 66  ? 17.888  6.473   0.909   1.00 52.80  ? 45  ASP A C     1 
ATOM   349  O O     . ASP A 1 66  ? 17.133  6.392   1.862   1.00 51.05  ? 45  ASP A O     1 
ATOM   350  C CB    . ASP A 1 66  ? 18.239  8.948   0.625   1.00 56.01  ? 45  ASP A CB    1 
ATOM   351  C CG    . ASP A 1 66  ? 19.237  10.103  0.644   1.00 53.76  ? 45  ASP A CG    1 
ATOM   352  O OD1   . ASP A 1 66  ? 19.950  10.232  1.653   1.00 59.34  ? 45  ASP A OD1   1 
ATOM   353  O OD2   . ASP A 1 66  ? 19.328  10.854  -0.349  1.00 51.10  ? 45  ASP A OD2   1 
ATOM   354  N N     . ILE A 1 67  ? 17.894  5.600   -0.106  1.00 55.31  ? 46  ILE A N     1 
ATOM   355  C CA    . ILE A 1 67  ? 16.968  4.468   -0.213  1.00 52.05  ? 46  ILE A CA    1 
ATOM   356  C C     . ILE A 1 67  ? 17.553  3.209   0.443   1.00 52.90  ? 46  ILE A C     1 
ATOM   357  O O     . ILE A 1 67  ? 18.648  2.783   0.085   1.00 63.11  ? 46  ILE A O     1 
ATOM   358  C CB    . ILE A 1 67  ? 16.655  4.159   -1.687  1.00 52.96  ? 46  ILE A CB    1 
ATOM   359  C CG1   . ILE A 1 67  ? 16.181  5.419   -2.427  1.00 49.12  ? 46  ILE A CG1   1 
ATOM   360  C CG2   . ILE A 1 67  ? 15.596  3.063   -1.787  1.00 60.07  ? 46  ILE A CG2   1 
ATOM   361  C CD1   . ILE A 1 67  ? 14.920  6.043   -1.883  1.00 48.76  ? 46  ILE A CD1   1 
ATOM   362  N N     . PRO A 1 68  ? 16.824  2.601   1.390   1.00 51.20  ? 47  PRO A N     1 
ATOM   363  C CA    . PRO A 1 68  ? 17.315  1.399   2.037   1.00 48.75  ? 47  PRO A CA    1 
ATOM   364  C C     . PRO A 1 68  ? 17.760  0.301   1.053   1.00 53.29  ? 47  PRO A C     1 
ATOM   365  O O     . PRO A 1 68  ? 17.061  -0.023  0.081   1.00 58.08  ? 47  PRO A O     1 
ATOM   366  C CB    . PRO A 1 68  ? 16.112  0.933   2.842   1.00 49.53  ? 47  PRO A CB    1 
ATOM   367  C CG    . PRO A 1 68  ? 15.378  2.179   3.152   1.00 50.32  ? 47  PRO A CG    1 
ATOM   368  C CD    . PRO A 1 68  ? 15.525  3.026   1.945   1.00 50.82  ? 47  PRO A CD    1 
ATOM   369  N N     . GLN A 1 69  ? 18.939  -0.240  1.301   1.00 52.99  ? 48  GLN A N     1 
ATOM   370  C CA    . GLN A 1 69  ? 19.500  -1.294  0.470   1.00 52.14  ? 48  GLN A CA    1 
ATOM   371  C C     . GLN A 1 69  ? 18.608  -2.524  0.364   1.00 49.52  ? 48  GLN A C     1 
ATOM   372  O O     . GLN A 1 69  ? 18.600  -3.170  -0.676  1.00 48.37  ? 48  GLN A O     1 
ATOM   373  C CB    . GLN A 1 69  ? 20.897  -1.699  0.944   1.00 57.78  ? 48  GLN A CB    1 
ATOM   374  C CG    . GLN A 1 69  ? 21.015  -1.977  2.439   1.00 63.85  ? 48  GLN A CG    1 
ATOM   375  C CD    . GLN A 1 69  ? 21.454  -0.758  3.261   1.00 64.28  ? 48  GLN A CD    1 
ATOM   376  O OE1   . GLN A 1 69  ? 21.051  0.382   2.992   1.00 62.68  ? 48  GLN A OE1   1 
ATOM   377  N NE2   . GLN A 1 69  ? 22.259  -1.004  4.283   1.00 64.63  ? 48  GLN A NE2   1 
ATOM   378  N N     . ARG A 1 70  ? 17.861  -2.851  1.415   1.00 52.31  ? 49  ARG A N     1 
ATOM   379  C CA    . ARG A 1 70  ? 16.927  -3.988  1.357   1.00 51.91  ? 49  ARG A CA    1 
ATOM   380  C C     . ARG A 1 70  ? 15.847  -3.787  0.286   1.00 53.89  ? 49  ARG A C     1 
ATOM   381  O O     . ARG A 1 70  ? 15.457  -4.760  -0.401  1.00 55.40  ? 49  ARG A O     1 
ATOM   382  C CB    . ARG A 1 70  ? 16.280  -4.257  2.709   1.00 52.30  ? 49  ARG A CB    1 
ATOM   383  C CG    . ARG A 1 70  ? 17.073  -5.200  3.595   1.00 54.86  ? 49  ARG A CG    1 
ATOM   384  C CD    . ARG A 1 70  ? 16.408  -5.356  4.958   1.00 52.36  ? 49  ARG A CD    1 
ATOM   385  N NE    . ARG A 1 70  ? 16.619  -4.171  5.777   1.00 51.62  ? 49  ARG A NE    1 
ATOM   386  C CZ    . ARG A 1 70  ? 16.055  -3.949  6.961   1.00 51.14  ? 49  ARG A CZ    1 
ATOM   387  N NH1   . ARG A 1 70  ? 15.222  -4.842  7.494   1.00 53.28  ? 49  ARG A NH1   1 
ATOM   388  N NH2   . ARG A 1 70  ? 16.329  -2.824  7.622   1.00 49.84  ? 49  ARG A NH2   1 
ATOM   389  N N     . LEU A 1 71  ? 15.388  -2.543  0.116   1.00 49.48  ? 50  LEU A N     1 
ATOM   390  C CA    . LEU A 1 71  ? 14.383  -2.254  -0.906  1.00 48.91  ? 50  LEU A CA    1 
ATOM   391  C C     . LEU A 1 71  ? 14.988  -2.209  -2.319  1.00 50.02  ? 50  LEU A C     1 
ATOM   392  O O     . LEU A 1 71  ? 14.394  -2.763  -3.267  1.00 45.69  ? 50  LEU A O     1 
ATOM   393  C CB    . LEU A 1 71  ? 13.633  -0.981  -0.554  1.00 48.48  ? 50  LEU A CB    1 
ATOM   394  C CG    . LEU A 1 71  ? 12.949  -1.026  0.834   1.00 48.31  ? 50  LEU A CG    1 
ATOM   395  C CD1   . LEU A 1 71  ? 12.236  0.270   1.166   1.00 45.07  ? 50  LEU A CD1   1 
ATOM   396  C CD2   . LEU A 1 71  ? 11.969  -2.178  0.988   1.00 48.40  ? 50  LEU A CD2   1 
ATOM   397  N N     . LEU A 1 72  ? 16.177  -1.606  -2.439  1.00 49.82  ? 51  LEU A N     1 
ATOM   398  C CA    . LEU A 1 72  ? 16.954  -1.633  -3.692  1.00 49.57  ? 51  LEU A CA    1 
ATOM   399  C C     . LEU A 1 72  ? 17.277  -3.039  -4.166  1.00 46.59  ? 51  LEU A C     1 
ATOM   400  O O     . LEU A 1 72  ? 17.201  -3.348  -5.340  1.00 45.86  ? 51  LEU A O     1 
ATOM   401  C CB    . LEU A 1 72  ? 18.269  -0.884  -3.522  1.00 53.60  ? 51  LEU A CB    1 
ATOM   402  C CG    . LEU A 1 72  ? 18.214  0.630   -3.264  1.00 58.16  ? 51  LEU A CG    1 
ATOM   403  C CD1   . LEU A 1 72  ? 19.627  1.136   -3.036  1.00 54.36  ? 51  LEU A CD1   1 
ATOM   404  C CD2   . LEU A 1 72  ? 17.552  1.386   -4.420  1.00 55.85  ? 51  LEU A CD2   1 
ATOM   405  N N     . LYS A 1 73  ? 17.627  -3.894  -3.231  1.00 46.05  ? 52  LYS A N     1 
ATOM   406  C CA    . LYS A 1 73  ? 17.948  -5.276  -3.530  1.00 48.79  ? 52  LYS A CA    1 
ATOM   407  C C     . LYS A 1 73  ? 16.789  -5.995  -4.192  1.00 50.41  ? 52  LYS A C     1 
ATOM   408  O O     . LYS A 1 73  ? 16.964  -6.738  -5.155  1.00 52.66  ? 52  LYS A O     1 
ATOM   409  C CB    . LYS A 1 73  ? 18.331  -5.936  -2.215  1.00 52.36  ? 52  LYS A CB    1 
ATOM   410  C CG    . LYS A 1 73  ? 18.740  -7.390  -2.248  1.00 55.99  ? 52  LYS A CG    1 
ATOM   411  C CD    . LYS A 1 73  ? 19.329  -7.693  -0.881  1.00 58.39  ? 52  LYS A CD    1 
ATOM   412  C CE    . LYS A 1 73  ? 19.987  -9.058  -0.784  1.00 58.20  ? 52  LYS A CE    1 
ATOM   413  N NZ    . LYS A 1 73  ? 20.742  -9.080  0.504   1.00 63.80  ? 52  LYS A NZ    1 
ATOM   414  N N     . LEU A 1 74  ? 15.591  -5.721  -3.694  1.00 52.51  ? 53  LEU A N     1 
ATOM   415  C CA    . LEU A 1 74  ? 14.375  -6.298  -4.245  1.00 52.18  ? 53  LEU A CA    1 
ATOM   416  C C     . LEU A 1 74  ? 13.861  -5.606  -5.496  1.00 48.60  ? 53  LEU A C     1 
ATOM   417  O O     . LEU A 1 74  ? 12.841  -5.969  -6.039  1.00 49.06  ? 53  LEU A O     1 
ATOM   418  C CB    . LEU A 1 74  ? 13.309  -6.329  -3.162  1.00 52.57  ? 53  LEU A CB    1 
ATOM   419  C CG    . LEU A 1 74  ? 13.726  -7.337  -2.113  1.00 52.33  ? 53  LEU A CG    1 
ATOM   420  C CD1   . LEU A 1 74  ? 12.832  -7.191  -0.895  1.00 57.43  ? 53  LEU A CD1   1 
ATOM   421  C CD2   . LEU A 1 74  ? 13.674  -8.759  -2.677  1.00 53.74  ? 53  LEU A CD2   1 
ATOM   422  N N     . GLY A 1 75  ? 14.570  -4.617  -5.973  1.00 47.71  ? 54  GLY A N     1 
ATOM   423  C CA    . GLY A 1 75  ? 14.229  -4.035  -7.245  1.00 49.62  ? 54  GLY A CA    1 
ATOM   424  C C     . GLY A 1 75  ? 13.300  -2.852  -7.152  1.00 47.75  ? 54  GLY A C     1 
ATOM   425  O O     . GLY A 1 75  ? 12.622  -2.543  -8.130  1.00 49.36  ? 54  GLY A O     1 
ATOM   426  N N     . LEU A 1 76  ? 13.305  -2.161  -6.017  1.00 45.17  ? 55  LEU A N     1 
ATOM   427  C CA    . LEU A 1 76  ? 12.409  -1.035  -5.815  1.00 46.91  ? 55  LEU A CA    1 
ATOM   428  C C     . LEU A 1 76  ? 12.598  0.032   -6.864  1.00 48.75  ? 55  LEU A C     1 
ATOM   429  O O     . LEU A 1 76  ? 13.702  0.515   -7.047  1.00 51.71  ? 55  LEU A O     1 
ATOM   430  C CB    . LEU A 1 76  ? 12.604  -0.388  -4.451  1.00 47.81  ? 55  LEU A CB    1 
ATOM   431  C CG    . LEU A 1 76  ? 11.731  0.852   -4.224  1.00 49.63  ? 55  LEU A CG    1 
ATOM   432  C CD1   . LEU A 1 76  ? 10.235  0.506   -4.140  1.00 48.60  ? 55  LEU A CD1   1 
ATOM   433  C CD2   . LEU A 1 76  ? 12.215  1.547   -2.960  1.00 52.62  ? 55  LEU A CD2   1 
ATOM   434  N N     . ARG A 1 77  ? 11.494  0.354   -7.544  1.00 50.43  ? 56  ARG A N     1 
ATOM   435  C CA    . ARG A 1 77  ? 11.376  1.471   -8.475  1.00 47.13  ? 56  ARG A CA    1 
ATOM   436  C C     . ARG A 1 77  ? 10.817  2.683   -7.729  1.00 45.80  ? 56  ARG A C     1 
ATOM   437  O O     . ARG A 1 77  ? 9.686   2.682   -7.249  1.00 49.56  ? 56  ARG A O     1 
ATOM   438  C CB    . ARG A 1 77  ? 10.438  1.057   -9.585  1.00 48.29  ? 56  ARG A CB    1 
ATOM   439  C CG    . ARG A 1 77  ? 10.929  -0.163  -10.348 1.00 46.04  ? 56  ARG A CG    1 
ATOM   440  C CD    . ARG A 1 77  ? 9.862   -0.579  -11.319 1.00 49.50  ? 56  ARG A CD    1 
ATOM   441  N NE    . ARG A 1 77  ? 9.878   0.148   -12.573 1.00 53.75  ? 56  ARG A NE    1 
ATOM   442  C CZ    . ARG A 1 77  ? 8.888   0.088   -13.458 1.00 60.68  ? 56  ARG A CZ    1 
ATOM   443  N NH1   . ARG A 1 77  ? 7.806   -0.647  -13.189 1.00 69.05  ? 56  ARG A NH1   1 
ATOM   444  N NH2   . ARG A 1 77  ? 8.948   0.769   -14.598 1.00 65.46  ? 56  ARG A NH2   1 
ATOM   445  N N     . TRP A 1 78  ? 11.631  3.704   -7.596  1.00 47.05  ? 57  TRP A N     1 
ATOM   446  C CA    . TRP A 1 78  ? 11.288  4.841   -6.762  1.00 48.66  ? 57  TRP A CA    1 
ATOM   447  C C     . TRP A 1 78  ? 11.466  6.135   -7.545  1.00 49.28  ? 57  TRP A C     1 
ATOM   448  O O     . TRP A 1 78  ? 12.173  6.194   -8.551  1.00 52.77  ? 57  TRP A O     1 
ATOM   449  C CB    . TRP A 1 78  ? 12.134  4.841   -5.489  1.00 46.66  ? 57  TRP A CB    1 
ATOM   450  C CG    . TRP A 1 78  ? 13.589  4.986   -5.757  1.00 47.38  ? 57  TRP A CG    1 
ATOM   451  C CD1   . TRP A 1 78  ? 14.466  3.995   -6.048  1.00 45.23  ? 57  TRP A CD1   1 
ATOM   452  C CD2   . TRP A 1 78  ? 14.333  6.205   -5.769  1.00 49.87  ? 57  TRP A CD2   1 
ATOM   453  N NE1   . TRP A 1 78  ? 15.716  4.511   -6.230  1.00 49.44  ? 57  TRP A NE1   1 
ATOM   454  C CE2   . TRP A 1 78  ? 15.667  5.871   -6.072  1.00 49.93  ? 57  TRP A CE2   1 
ATOM   455  C CE3   . TRP A 1 78  ? 14.002  7.556   -5.542  1.00 50.84  ? 57  TRP A CE3   1 
ATOM   456  C CZ2   . TRP A 1 78  ? 16.689  6.834   -6.150  1.00 49.93  ? 57  TRP A CZ2   1 
ATOM   457  C CZ3   . TRP A 1 78  ? 15.020  8.521   -5.608  1.00 51.03  ? 57  TRP A CZ3   1 
ATOM   458  C CH2   . TRP A 1 78  ? 16.346  8.151   -5.912  1.00 50.81  ? 57  TRP A CH2   1 
ATOM   459  N N     . THR A 1 79  ? 10.805  7.173   -7.081  1.00 48.73  ? 58  THR A N     1 
ATOM   460  C CA    . THR A 1 79  ? 10.916  8.478   -7.713  1.00 50.08  ? 58  THR A CA    1 
ATOM   461  C C     . THR A 1 79  ? 10.568  9.562   -6.713  1.00 50.10  ? 58  THR A C     1 
ATOM   462  O O     . THR A 1 79  ? 9.752   9.376   -5.809  1.00 54.99  ? 58  THR A O     1 
ATOM   463  C CB    . THR A 1 79  ? 10.035  8.591   -8.990  1.00 50.46  ? 58  THR A CB    1 
ATOM   464  O OG1   . THR A 1 79  ? 10.198  9.883   -9.578  1.00 47.78  ? 58  THR A OG1   1 
ATOM   465  C CG2   . THR A 1 79  ? 8.568   8.394   -8.679  1.00 53.31  ? 58  THR A CG2   1 
ATOM   466  N N     . THR A 1 80  ? 11.201  10.702  -6.873  1.00 51.24  ? 59  THR A N     1 
ATOM   467  C CA    . THR A 1 80  ? 10.838  11.868  -6.101  1.00 53.83  ? 59  THR A CA    1 
ATOM   468  C C     . THR A 1 80  ? 9.723   12.637  -6.771  1.00 56.93  ? 59  THR A C     1 
ATOM   469  O O     . THR A 1 80  ? 9.207   13.575  -6.178  1.00 64.75  ? 59  THR A O     1 
ATOM   470  C CB    . THR A 1 80  ? 12.021  12.821  -5.937  1.00 56.12  ? 59  THR A CB    1 
ATOM   471  O OG1   . THR A 1 80  ? 12.422  13.286  -7.227  1.00 51.15  ? 59  THR A OG1   1 
ATOM   472  C CG2   . THR A 1 80  ? 13.192  12.109  -5.245  1.00 58.05  ? 59  THR A CG2   1 
ATOM   473  N N     . LYS A 1 81  ? 9.348   12.263  -7.994  1.00 55.52  ? 60  LYS A N     1 
ATOM   474  C CA    . LYS A 1 81  ? 8.206   12.887  -8.651  1.00 55.76  ? 60  LYS A CA    1 
ATOM   475  C C     . LYS A 1 81  ? 6.935   12.432  -7.962  1.00 57.30  ? 60  LYS A C     1 
ATOM   476  O O     . LYS A 1 81  ? 6.852   11.301  -7.478  1.00 56.33  ? 60  LYS A O     1 
ATOM   477  C CB    . LYS A 1 81  ? 8.132   12.495  -10.125 1.00 57.18  ? 60  LYS A CB    1 
ATOM   478  C CG    . LYS A 1 81  ? 9.372   12.831  -10.931 1.00 60.93  ? 60  LYS A CG    1 
ATOM   479  C CD    . LYS A 1 81  ? 9.349   14.213  -11.566 1.00 63.04  ? 60  LYS A CD    1 
ATOM   480  C CE    . LYS A 1 81  ? 10.519  14.389  -12.522 1.00 65.57  ? 60  LYS A CE    1 
ATOM   481  N NZ    . LYS A 1 81  ? 10.720  13.218  -13.430 1.00 71.42  ? 60  LYS A NZ    1 
ATOM   482  N N     . ASP A 1 82  ? 5.945   13.317  -7.918  1.00 60.40  ? 61  ASP A N     1 
ATOM   483  C CA    . ASP A 1 82  ? 4.640   12.961  -7.397  1.00 60.82  ? 61  ASP A CA    1 
ATOM   484  C C     . ASP A 1 82  ? 3.807   12.327  -8.525  1.00 57.50  ? 61  ASP A C     1 
ATOM   485  O O     . ASP A 1 82  ? 4.326   12.143  -9.644  1.00 48.99  ? 61  ASP A O     1 
ATOM   486  C CB    . ASP A 1 82  ? 3.994   14.173  -6.714  1.00 61.45  ? 61  ASP A CB    1 
ATOM   487  C CG    . ASP A 1 82  ? 3.448   15.170  -7.671  1.00 66.09  ? 61  ASP A CG    1 
ATOM   488  O OD1   . ASP A 1 82  ? 3.549   14.990  -8.900  1.00 76.12  ? 61  ASP A OD1   1 
ATOM   489  O OD2   . ASP A 1 82  ? 2.907   16.158  -7.164  1.00 75.13  ? 61  ASP A OD2   1 
ATOM   490  N N     . LEU A 1 83  ? 2.545   12.005  -8.229  1.00 57.85  ? 62  LEU A N     1 
ATOM   491  C CA    . LEU A 1 83  ? 1.665   11.301  -9.182  1.00 59.30  ? 62  LEU A CA    1 
ATOM   492  C C     . LEU A 1 83  ? 1.632   11.946  -10.542 1.00 62.58  ? 62  LEU A C     1 
ATOM   493  O O     . LEU A 1 83  ? 1.704   11.249  -11.568 1.00 66.77  ? 62  LEU A O     1 
ATOM   494  C CB    . LEU A 1 83  ? 0.223   11.169  -8.678  1.00 57.75  ? 62  LEU A CB    1 
ATOM   495  C CG    . LEU A 1 83  ? -0.022  10.262  -7.478  1.00 57.85  ? 62  LEU A CG    1 
ATOM   496  C CD1   . LEU A 1 83  ? -1.502  10.145  -7.204  1.00 54.79  ? 62  LEU A CD1   1 
ATOM   497  C CD2   . LEU A 1 83  ? 0.573   8.885   -7.706  1.00 59.96  ? 62  LEU A CD2   1 
ATOM   498  N N     . LYS A 1 84  ? 1.547   13.279  -10.551 1.00 65.72  ? 63  LYS A N     1 
ATOM   499  C CA    . LYS A 1 84  ? 1.559   14.045  -11.792 1.00 63.72  ? 63  LYS A CA    1 
ATOM   500  C C     . LYS A 1 84  ? 2.925   14.054  -12.532 1.00 65.35  ? 63  LYS A C     1 
ATOM   501  O O     . LYS A 1 84  ? 3.095   14.808  -13.483 1.00 66.50  ? 63  LYS A O     1 
ATOM   502  C CB    . LYS A 1 84  ? 1.093   15.475  -11.499 1.00 62.76  ? 63  LYS A CB    1 
ATOM   503  N N     . GLY A 1 85  ? 3.884   13.214  -12.129 1.00 67.47  ? 64  GLY A N     1 
ATOM   504  C CA    . GLY A 1 85  ? 5.167   13.122  -12.827 1.00 66.11  ? 64  GLY A CA    1 
ATOM   505  C C     . GLY A 1 85  ? 5.750   11.762  -13.122 1.00 66.24  ? 64  GLY A C     1 
ATOM   506  O O     . GLY A 1 85  ? 6.757   11.696  -13.801 1.00 64.93  ? 64  GLY A O     1 
ATOM   507  N N     . ILE A 1 86  ? 5.138   10.681  -12.642 1.00 69.89  ? 65  ILE A N     1 
ATOM   508  C CA    . ILE A 1 86  ? 5.703   9.338   -12.806 1.00 66.79  ? 65  ILE A CA    1 
ATOM   509  C C     . ILE A 1 86  ? 5.873   9.003   -14.271 1.00 69.24  ? 65  ILE A C     1 
ATOM   510  O O     . ILE A 1 86  ? 6.872   8.399   -14.634 1.00 70.49  ? 65  ILE A O     1 
ATOM   511  C CB    . ILE A 1 86  ? 4.817   8.267   -12.120 1.00 69.62  ? 65  ILE A CB    1 
ATOM   512  C CG1   . ILE A 1 86  ? 5.113   8.219   -10.630 1.00 67.65  ? 65  ILE A CG1   1 
ATOM   513  C CG2   . ILE A 1 86  ? 5.059   6.871   -12.663 1.00 76.87  ? 65  ILE A CG2   1 
ATOM   514  C CD1   . ILE A 1 86  ? 4.232   9.124   -9.852  1.00 69.84  ? 65  ILE A CD1   1 
ATOM   515  N N     . ASN A 1 87  ? 4.902   9.387   -15.100 1.00 75.04  ? 66  ASN A N     1 
ATOM   516  C CA    . ASN A 1 87  ? 4.985   9.142   -16.535 1.00 77.34  ? 66  ASN A CA    1 
ATOM   517  C C     . ASN A 1 87  ? 6.184   9.813   -17.176 1.00 73.73  ? 66  ASN A C     1 
ATOM   518  O O     . ASN A 1 87  ? 6.790   9.239   -18.087 1.00 74.89  ? 66  ASN A O     1 
ATOM   519  C CB    . ASN A 1 87  ? 3.692   9.565   -17.233 1.00 77.01  ? 66  ASN A CB    1 
ATOM   520  C CG    . ASN A 1 87  ? 2.535   8.676   -16.874 1.00 72.84  ? 66  ASN A CG    1 
ATOM   521  O OD1   . ASN A 1 87  ? 1.511   9.156   -16.415 1.00 66.50  ? 66  ASN A OD1   1 
ATOM   522  N ND2   . ASN A 1 87  ? 2.694   7.362   -17.074 1.00 77.00  ? 66  ASN A ND2   1 
ATOM   523  N N     . GLU A 1 88  ? 6.545   10.996  -16.669 1.00 73.71  ? 67  GLU A N     1 
ATOM   524  C CA    . GLU A 1 88  ? 7.756   11.699  -17.135 1.00 79.64  ? 67  GLU A CA    1 
ATOM   525  C C     . GLU A 1 88  ? 9.025   10.882  -16.881 1.00 81.86  ? 67  GLU A C     1 
ATOM   526  O O     . GLU A 1 88  ? 9.970   10.920  -17.664 1.00 85.20  ? 67  GLU A O     1 
ATOM   527  C CB    . GLU A 1 88  ? 7.917   13.056  -16.451 1.00 83.22  ? 67  GLU A CB    1 
ATOM   528  C CG    . GLU A 1 88  ? 6.833   14.069  -16.791 1.00 98.80  ? 67  GLU A CG    1 
ATOM   529  C CD    . GLU A 1 88  ? 6.770   15.217  -15.782 1.00 112.41 ? 67  GLU A CD    1 
ATOM   530  O OE1   . GLU A 1 88  ? 7.841   15.575  -15.199 1.00 98.99  ? 67  GLU A OE1   1 
ATOM   531  O OE2   . GLU A 1 88  ? 5.642   15.750  -15.572 1.00 110.15 ? 67  GLU A OE2   1 
ATOM   532  N N     . ASP A 1 89  ? 9.021   10.160  -15.765 1.00 82.64  ? 68  ASP A N     1 
ATOM   533  C CA    . ASP A 1 89  ? 10.137  9.348   -15.287 1.00 80.03  ? 68  ASP A CA    1 
ATOM   534  C C     . ASP A 1 89  ? 10.164  7.909   -15.849 1.00 74.65  ? 68  ASP A C     1 
ATOM   535  O O     . ASP A 1 89  ? 11.224  7.379   -16.140 1.00 78.22  ? 68  ASP A O     1 
ATOM   536  C CB    . ASP A 1 89  ? 10.048  9.310   -13.759 1.00 75.92  ? 68  ASP A CB    1 
ATOM   537  C CG    . ASP A 1 89  ? 11.359  9.004   -13.093 1.00 79.79  ? 68  ASP A CG    1 
ATOM   538  O OD1   . ASP A 1 89  ? 11.523  9.439   -11.942 1.00 78.68  ? 68  ASP A OD1   1 
ATOM   539  O OD2   . ASP A 1 89  ? 12.225  8.327   -13.684 1.00 95.95  ? 68  ASP A OD2   1 
ATOM   540  N N     . PHE A 1 90  ? 9.000   7.286   -15.983 1.00 74.52  ? 69  PHE A N     1 
ATOM   541  C CA    . PHE A 1 90  ? 8.906   5.880   -16.393 1.00 74.62  ? 69  PHE A CA    1 
ATOM   542  C C     . PHE A 1 90  ? 8.127   5.687   -17.688 1.00 80.06  ? 69  PHE A C     1 
ATOM   543  O O     . PHE A 1 90  ? 6.893   5.551   -17.669 1.00 79.54  ? 69  PHE A O     1 
ATOM   544  C CB    . PHE A 1 90  ? 8.232   5.066   -15.301 1.00 74.06  ? 69  PHE A CB    1 
ATOM   545  C CG    . PHE A 1 90  ? 8.951   5.102   -13.987 1.00 74.20  ? 69  PHE A CG    1 
ATOM   546  C CD1   . PHE A 1 90  ? 10.141  4.419   -13.814 1.00 69.06  ? 69  PHE A CD1   1 
ATOM   547  C CD2   . PHE A 1 90  ? 8.426   5.806   -12.909 1.00 69.56  ? 69  PHE A CD2   1 
ATOM   548  C CE1   . PHE A 1 90  ? 10.791  4.437   -12.595 1.00 62.99  ? 69  PHE A CE1   1 
ATOM   549  C CE2   . PHE A 1 90  ? 9.071   5.835   -11.689 1.00 63.63  ? 69  PHE A CE2   1 
ATOM   550  C CZ    . PHE A 1 90  ? 10.255  5.139   -11.529 1.00 63.63  ? 69  PHE A CZ    1 
ATOM   551  N N     . LYS A 1 91  ? 8.852   5.653   -18.811 1.00 87.76  ? 70  LYS A N     1 
ATOM   552  C CA    . LYS A 1 91  ? 8.239   5.398   -20.128 1.00 88.08  ? 70  LYS A CA    1 
ATOM   553  C C     . LYS A 1 91  ? 7.470   4.068   -20.136 1.00 87.86  ? 70  LYS A C     1 
ATOM   554  O O     . LYS A 1 91  ? 6.498   3.906   -20.873 1.00 85.39  ? 70  LYS A O     1 
ATOM   555  C CB    . LYS A 1 91  ? 9.299   5.379   -21.234 1.00 83.64  ? 70  LYS A CB    1 
ATOM   556  N N     . ASP A 1 92  ? 7.915   3.120   -19.310 1.00 85.34  ? 71  ASP A N     1 
ATOM   557  C CA    . ASP A 1 92  ? 7.244   1.831   -19.159 1.00 86.74  ? 71  ASP A CA    1 
ATOM   558  C C     . ASP A 1 92  ? 5.786   1.963   -18.708 1.00 90.57  ? 71  ASP A C     1 
ATOM   559  O O     . ASP A 1 92  ? 4.918   1.188   -19.141 1.00 95.41  ? 71  ASP A O     1 
ATOM   560  C CB    . ASP A 1 92  ? 7.996   0.953   -18.158 1.00 82.16  ? 71  ASP A CB    1 
ATOM   561  N N     . LEU A 1 93  ? 5.507   2.933   -17.845 1.00 83.58  ? 72  LEU A N     1 
ATOM   562  C CA    . LEU A 1 93  ? 4.159   3.067   -17.321 1.00 77.37  ? 72  LEU A CA    1 
ATOM   563  C C     . LEU A 1 93  ? 3.253   3.778   -18.291 1.00 78.58  ? 72  LEU A C     1 
ATOM   564  O O     . LEU A 1 93  ? 3.650   4.791   -18.888 1.00 78.30  ? 72  LEU A O     1 
ATOM   565  C CB    . LEU A 1 93  ? 4.152   3.841   -16.007 1.00 77.88  ? 72  LEU A CB    1 
ATOM   566  C CG    . LEU A 1 93  ? 4.585   3.119   -14.729 1.00 74.45  ? 72  LEU A CG    1 
ATOM   567  C CD1   . LEU A 1 93  ? 3.835   3.723   -13.550 1.00 74.27  ? 72  LEU A CD1   1 
ATOM   568  C CD2   . LEU A 1 93  ? 4.360   1.612   -14.786 1.00 76.56  ? 72  LEU A CD2   1 
ATOM   569  N N     . GLU A 1 94  ? 2.026   3.246   -18.404 1.00 81.10  ? 73  GLU A N     1 
ATOM   570  C CA    . GLU A 1 94  ? 0.926   3.884   -19.128 1.00 75.34  ? 73  GLU A CA    1 
ATOM   571  C C     . GLU A 1 94  ? 0.708   5.283   -18.574 1.00 77.77  ? 73  GLU A C     1 
ATOM   572  O O     . GLU A 1 94  ? 0.936   5.520   -17.377 1.00 84.35  ? 73  GLU A O     1 
ATOM   573  C CB    . GLU A 1 94  ? -0.361  3.058   -18.984 1.00 74.09  ? 73  GLU A CB    1 
ATOM   574  N N     . LEU A 1 95  ? 0.291   6.210   -19.434 1.00 71.40  ? 74  LEU A N     1 
ATOM   575  C CA    . LEU A 1 95  ? -0.065  7.540   -18.974 1.00 75.25  ? 74  LEU A CA    1 
ATOM   576  C C     . LEU A 1 95  ? -1.063  7.404   -17.819 1.00 73.76  ? 74  LEU A C     1 
ATOM   577  O O     . LEU A 1 95  ? -2.087  6.748   -17.981 1.00 73.25  ? 74  LEU A O     1 
ATOM   578  C CB    . LEU A 1 95  ? -0.673  8.363   -20.108 1.00 77.07  ? 74  LEU A CB    1 
ATOM   579  N N     . LEU A 1 96  ? -0.717  7.939   -16.645 1.00 70.66  ? 75  LEU A N     1 
ATOM   580  C CA    . LEU A 1 96  ? -1.683  8.115   -15.568 1.00 71.65  ? 75  LEU A CA    1 
ATOM   581  C C     . LEU A 1 96  ? -2.765  9.050   -16.110 1.00 68.14  ? 75  LEU A C     1 
ATOM   582  O O     . LEU A 1 96  ? -2.545  10.249  -16.204 1.00 70.22  ? 75  LEU A O     1 
ATOM   583  C CB    . LEU A 1 96  ? -1.043  8.715   -14.297 1.00 67.49  ? 75  LEU A CB    1 
ATOM   584  C CG    . LEU A 1 96  ? -0.449  7.779   -13.249 1.00 61.78  ? 75  LEU A CG    1 
ATOM   585  C CD1   . LEU A 1 96  ? 0.846   7.180   -13.748 1.00 68.07  ? 75  LEU A CD1   1 
ATOM   586  C CD2   . LEU A 1 96  ? -0.215  8.535   -11.959 1.00 59.59  ? 75  LEU A CD2   1 
ATOM   587  N N     . LYS A 1 97  ? -3.904  8.477   -16.494 1.00 68.21  ? 76  LYS A N     1 
ATOM   588  C CA    . LYS A 1 97  ? -4.977  9.226   -17.157 1.00 75.50  ? 76  LYS A CA    1 
ATOM   589  C C     . LYS A 1 97  ? -6.126  9.469   -16.190 1.00 76.68  ? 76  LYS A C     1 
ATOM   590  O O     . LYS A 1 97  ? -6.424  8.631   -15.336 1.00 72.50  ? 76  LYS A O     1 
ATOM   591  C CB    . LYS A 1 97  ? -5.486  8.493   -18.417 1.00 73.10  ? 76  LYS A CB    1 
ATOM   592  N N     . ASP A 1 98  ? -6.786  10.613  -16.359 1.00 81.59  ? 77  ASP A N     1 
ATOM   593  C CA    . ASP A 1 98  ? -7.899  11.025  -15.496 1.00 78.87  ? 77  ASP A CA    1 
ATOM   594  C C     . ASP A 1 98  ? -9.005  9.968   -15.415 1.00 77.02  ? 77  ASP A C     1 
ATOM   595  O O     . ASP A 1 98  ? -9.498  9.481   -16.448 1.00 71.20  ? 77  ASP A O     1 
ATOM   596  C CB    . ASP A 1 98  ? -8.476  12.354  -15.990 1.00 79.17  ? 77  ASP A CB    1 
ATOM   597  C CG    . ASP A 1 98  ? -7.555  13.560  -15.701 1.00 85.32  ? 77  ASP A CG    1 
ATOM   598  O OD1   . ASP A 1 98  ? -6.543  13.453  -14.967 1.00 79.13  ? 77  ASP A OD1   1 
ATOM   599  O OD2   . ASP A 1 98  ? -7.846  14.655  -16.217 1.00 97.67  ? 77  ASP A OD2   1 
ATOM   600  N N     . GLY A 1 99  ? -9.354  9.602   -14.181 1.00 73.79  ? 78  GLY A N     1 
ATOM   601  C CA    . GLY A 1 99  ? -10.397 8.601   -13.914 1.00 69.88  ? 78  GLY A CA    1 
ATOM   602  C C     . GLY A 1 99  ? -9.964  7.137   -13.834 1.00 68.79  ? 78  GLY A C     1 
ATOM   603  O O     . GLY A 1 99  ? -10.700 6.322   -13.288 1.00 63.55  ? 78  GLY A O     1 
ATOM   604  N N     . ARG A 1 100 ? -8.787  6.784   -14.354 1.00 65.01  ? 79  ARG A N     1 
ATOM   605  C CA    . ARG A 1 100 ? -8.310  5.399   -14.317 1.00 60.21  ? 79  ARG A CA    1 
ATOM   606  C C     . ARG A 1 100 ? -7.336  5.101   -13.190 1.00 57.40  ? 79  ARG A C     1 
ATOM   607  O O     . ARG A 1 100 ? -6.777  3.996   -13.147 1.00 53.30  ? 79  ARG A O     1 
ATOM   608  C CB    . ARG A 1 100 ? -7.625  5.063   -15.622 1.00 60.25  ? 79  ARG A CB    1 
ATOM   609  C CG    . ARG A 1 100 ? -8.567  5.119   -16.802 1.00 65.28  ? 79  ARG A CG    1 
ATOM   610  C CD    . ARG A 1 100 ? -9.342  3.812   -16.888 1.00 65.88  ? 79  ARG A CD    1 
ATOM   611  N NE    . ARG A 1 100 ? -9.302  3.211   -18.218 1.00 69.56  ? 79  ARG A NE    1 
ATOM   612  C CZ    . ARG A 1 100 ? -9.678  1.967   -18.492 1.00 74.88  ? 79  ARG A CZ    1 
ATOM   613  N NH1   . ARG A 1 100 ? -10.111 1.173   -17.513 1.00 68.78  ? 79  ARG A NH1   1 
ATOM   614  N NH2   . ARG A 1 100 ? -9.634  1.511   -19.757 1.00 81.56  ? 79  ARG A NH2   1 
ATOM   615  N N     . VAL A 1 101 ? -7.134  6.057   -12.287 1.00 52.69  ? 80  VAL A N     1 
ATOM   616  C CA    . VAL A 1 101 ? -6.310  5.805   -11.121 1.00 55.69  ? 80  VAL A CA    1 
ATOM   617  C C     . VAL A 1 101 ? -7.227  5.797   -9.899  1.00 55.29  ? 80  VAL A C     1 
ATOM   618  O O     . VAL A 1 101 ? -8.014  6.720   -9.693  1.00 58.54  ? 80  VAL A O     1 
ATOM   619  C CB    . VAL A 1 101 ? -5.125  6.778   -11.013 1.00 59.19  ? 80  VAL A CB    1 
ATOM   620  C CG1   . VAL A 1 101 ? -4.357  6.821   -12.323 1.00 59.29  ? 80  VAL A CG1   1 
ATOM   621  C CG2   . VAL A 1 101 ? -5.588  8.166   -10.720 1.00 66.22  ? 80  VAL A CG2   1 
ATOM   622  N N     . CYS A 1 102 ? -7.149  4.706   -9.133  1.00 55.52  ? 81  CYS A N     1 
ATOM   623  C CA    . CYS A 1 102 ? -7.970  4.494   -7.951  1.00 50.98  ? 81  CYS A CA    1 
ATOM   624  C C     . CYS A 1 102 ? -7.180  4.817   -6.694  1.00 50.67  ? 81  CYS A C     1 
ATOM   625  O O     . CYS A 1 102 ? -6.099  4.280   -6.494  1.00 57.22  ? 81  CYS A O     1 
ATOM   626  C CB    . CYS A 1 102 ? -8.428  3.041   -7.916  1.00 45.85  ? 81  CYS A CB    1 
ATOM   627  S SG    . CYS A 1 102 ? -9.385  2.530   -6.489  1.00 47.55  ? 81  CYS A SG    1 
ATOM   628  N N     . LEU A 1 103 ? -7.709  5.702   -5.856  1.00 51.11  ? 82  LEU A N     1 
ATOM   629  C CA    . LEU A 1 103 ? -7.139  5.937   -4.528  1.00 49.73  ? 82  LEU A CA    1 
ATOM   630  C C     . LEU A 1 103 ? -7.799  5.029   -3.516  1.00 49.41  ? 82  LEU A C     1 
ATOM   631  O O     . LEU A 1 103 ? -9.005  5.082   -3.321  1.00 55.82  ? 82  LEU A O     1 
ATOM   632  C CB    . LEU A 1 103 ? -7.320  7.386   -4.103  1.00 47.73  ? 82  LEU A CB    1 
ATOM   633  C CG    . LEU A 1 103 ? -6.853  7.680   -2.680  1.00 52.00  ? 82  LEU A CG    1 
ATOM   634  C CD1   . LEU A 1 103 ? -5.360  7.445   -2.527  1.00 54.79  ? 82  LEU A CD1   1 
ATOM   635  C CD2   . LEU A 1 103 ? -7.216  9.092   -2.261  1.00 52.83  ? 82  LEU A CD2   1 
ATOM   636  N N     . LEU A 1 104 ? -7.013  4.196   -2.858  1.00 51.03  ? 83  LEU A N     1 
ATOM   637  C CA    . LEU A 1 104 ? -7.539  3.395   -1.763  1.00 52.43  ? 83  LEU A CA    1 
ATOM   638  C C     . LEU A 1 104 ? -7.697  4.303   -0.544  1.00 53.94  ? 83  LEU A C     1 
ATOM   639  O O     . LEU A 1 104 ? -6.730  4.774   0.044   1.00 48.90  ? 83  LEU A O     1 
ATOM   640  C CB    . LEU A 1 104 ? -6.669  2.163   -1.497  1.00 47.91  ? 83  LEU A CB    1 
ATOM   641  C CG    . LEU A 1 104 ? -6.881  1.003   -2.491  1.00 46.30  ? 83  LEU A CG    1 
ATOM   642  C CD1   . LEU A 1 104 ? -8.345  0.605   -2.634  1.00 48.16  ? 83  LEU A CD1   1 
ATOM   643  C CD2   . LEU A 1 104 ? -6.305  1.284   -3.871  1.00 43.68  ? 83  LEU A CD2   1 
ATOM   644  N N     . ASP A 1 105 ? -8.951  4.556   -0.200  1.00 56.44  ? 84  ASP A N     1 
ATOM   645  C CA    . ASP A 1 105 ? -9.306  5.638   0.689   1.00 58.17  ? 84  ASP A CA    1 
ATOM   646  C C     . ASP A 1 105 ? -10.228 5.082   1.779   1.00 58.78  ? 84  ASP A C     1 
ATOM   647  O O     . ASP A 1 105 ? -11.337 4.622   1.446   1.00 60.03  ? 84  ASP A O     1 
ATOM   648  C CB    . ASP A 1 105 ? -10.000 6.713   -0.136  1.00 60.92  ? 84  ASP A CB    1 
ATOM   649  C CG    . ASP A 1 105 ? -10.364 7.970   0.670   1.00 63.53  ? 84  ASP A CG    1 
ATOM   650  O OD1   . ASP A 1 105 ? -10.820 8.941   0.011   1.00 63.23  ? 84  ASP A OD1   1 
ATOM   651  O OD2   . ASP A 1 105 ? -10.204 7.995   1.918   1.00 60.20  ? 84  ASP A OD2   1 
ATOM   652  N N     . PRO A 1 106 ? -9.780  5.114   3.069   1.00 56.31  ? 85  PRO A N     1 
ATOM   653  C CA    . PRO A 1 106 ? -10.618 4.606   4.165   1.00 57.48  ? 85  PRO A CA    1 
ATOM   654  C C     . PRO A 1 106 ? -11.942 5.356   4.366   1.00 63.56  ? 85  PRO A C     1 
ATOM   655  O O     . PRO A 1 106 ? -12.911 4.754   4.870   1.00 60.08  ? 85  PRO A O     1 
ATOM   656  C CB    . PRO A 1 106 ? -9.728  4.743   5.400   1.00 57.69  ? 85  PRO A CB    1 
ATOM   657  C CG    . PRO A 1 106 ? -8.338  4.854   4.889   1.00 59.49  ? 85  PRO A CG    1 
ATOM   658  C CD    . PRO A 1 106 ? -8.453  5.534   3.558   1.00 59.94  ? 85  PRO A CD    1 
ATOM   659  N N     . ARG A 1 107 ? -11.978 6.629   3.931   1.00 65.81  ? 86  ARG A N     1 
ATOM   660  C CA    . ARG A 1 107 ? -13.163 7.473   4.029   1.00 59.95  ? 86  ARG A CA    1 
ATOM   661  C C     . ARG A 1 107 ? -13.910 7.592   2.689   1.00 64.81  ? 86  ARG A C     1 
ATOM   662  O O     . ARG A 1 107 ? -14.588 8.593   2.455   1.00 66.52  ? 86  ARG A O     1 
ATOM   663  C CB    . ARG A 1 107 ? -12.742 8.852   4.531   1.00 57.64  ? 86  ARG A CB    1 
ATOM   664  N N     . ALA A 1 108 ? -13.775 6.580   1.816   1.00 64.98  ? 87  ALA A N     1 
ATOM   665  C CA    . ALA A 1 108 ? -14.521 6.512   0.555   1.00 61.87  ? 87  ALA A CA    1 
ATOM   666  C C     . ALA A 1 108 ? -15.900 5.928   0.807   1.00 61.96  ? 87  ALA A C     1 
ATOM   667  O O     . ALA A 1 108 ? -16.105 5.198   1.759   1.00 64.31  ? 87  ALA A O     1 
ATOM   668  C CB    . ALA A 1 108 ? -13.781 5.682   -0.471  1.00 60.85  ? 87  ALA A CB    1 
ATOM   669  N N     . THR A 1 109 ? -16.851 6.273   -0.047  1.00 60.08  ? 88  THR A N     1 
ATOM   670  C CA    . THR A 1 109 ? -18.226 5.840   0.134   1.00 63.58  ? 88  THR A CA    1 
ATOM   671  C C     . THR A 1 109 ? -18.521 4.500   -0.535  1.00 64.96  ? 88  THR A C     1 
ATOM   672  O O     . THR A 1 109 ? -19.610 3.958   -0.360  1.00 71.29  ? 88  THR A O     1 
ATOM   673  C CB    . THR A 1 109 ? -19.216 6.895   -0.409  1.00 65.82  ? 88  THR A CB    1 
ATOM   674  O OG1   . THR A 1 109 ? -18.900 7.197   -1.775  1.00 64.87  ? 88  THR A OG1   1 
ATOM   675  C CG2   . THR A 1 109 ? -19.145 8.187   0.434   1.00 66.25  ? 88  THR A CG2   1 
ATOM   676  N N     . ILE A 1 110 ? -17.592 3.970   -1.322  1.00 60.07  ? 89  ILE A N     1 
ATOM   677  C CA    . ILE A 1 110 ? -17.824 2.707   -2.031  1.00 57.41  ? 89  ILE A CA    1 
ATOM   678  C C     . ILE A 1 110 ? -16.615 1.787   -1.870  1.00 54.78  ? 89  ILE A C     1 
ATOM   679  O O     . ILE A 1 110 ? -15.477 2.198   -2.063  1.00 54.67  ? 89  ILE A O     1 
ATOM   680  C CB    . ILE A 1 110 ? -18.123 2.942   -3.522  1.00 59.63  ? 89  ILE A CB    1 
ATOM   681  C CG1   . ILE A 1 110 ? -19.420 3.757   -3.682  1.00 66.14  ? 89  ILE A CG1   1 
ATOM   682  C CG2   . ILE A 1 110 ? -18.237 1.608   -4.265  1.00 57.80  ? 89  ILE A CG2   1 
ATOM   683  C CD1   . ILE A 1 110 ? -20.030 3.756   -5.083  1.00 65.65  ? 89  ILE A CD1   1 
ATOM   684  N N     . ASP A 1 111 ? -16.869 0.534   -1.528  1.00 52.38  ? 90  ASP A N     1 
ATOM   685  C CA    . ASP A 1 111 ? -15.809 -0.430  -1.356  1.00 54.82  ? 90  ASP A CA    1 
ATOM   686  C C     . ASP A 1 111 ? -15.360 -0.945  -2.717  1.00 56.66  ? 90  ASP A C     1 
ATOM   687  O O     . ASP A 1 111 ? -16.179 -1.142  -3.625  1.00 54.50  ? 90  ASP A O     1 
ATOM   688  C CB    . ASP A 1 111 ? -16.255 -1.627  -0.495  1.00 58.66  ? 90  ASP A CB    1 
ATOM   689  C CG    . ASP A 1 111 ? -16.189 -1.353  1.022   1.00 64.00  ? 90  ASP A CG    1 
ATOM   690  O OD1   . ASP A 1 111 ? -17.032 -1.917  1.749   1.00 69.90  ? 90  ASP A OD1   1 
ATOM   691  O OD2   . ASP A 1 111 ? -15.304 -0.618  1.531   1.00 62.78  ? 90  ASP A OD2   1 
ATOM   692  N N     . LEU A 1 112 ? -14.058 -1.175  -2.852  1.00 54.71  ? 91  LEU A N     1 
ATOM   693  C CA    . LEU A 1 112 ? -13.525 -1.804  -4.044  1.00 54.27  ? 91  LEU A CA    1 
ATOM   694  C C     . LEU A 1 112 ? -14.133 -3.192  -4.226  1.00 54.58  ? 91  LEU A C     1 
ATOM   695  O O     . LEU A 1 112 ? -14.293 -3.939  -3.266  1.00 51.26  ? 91  LEU A O     1 
ATOM   696  C CB    . LEU A 1 112 ? -12.011 -1.918  -3.940  1.00 55.34  ? 91  LEU A CB    1 
ATOM   697  C CG    . LEU A 1 112 ? -11.274 -2.338  -5.205  1.00 55.51  ? 91  LEU A CG    1 
ATOM   698  C CD1   . LEU A 1 112 ? -11.216 -1.174  -6.176  1.00 57.74  ? 91  LEU A CD1   1 
ATOM   699  C CD2   . LEU A 1 112 ? -9.876  -2.820  -4.855  1.00 55.98  ? 91  LEU A CD2   1 
ATOM   700  N N     . GLN A 1 113 ? -14.449 -3.515  -5.472  1.00 58.84  ? 92  GLN A N     1 
ATOM   701  C CA    . GLN A 1 113 ? -15.022 -4.802  -5.852  1.00 62.93  ? 92  GLN A CA    1 
ATOM   702  C C     . GLN A 1 113 ? -14.253 -5.323  -7.077  1.00 63.53  ? 92  GLN A C     1 
ATOM   703  O O     . GLN A 1 113 ? -13.530 -4.551  -7.717  1.00 60.37  ? 92  GLN A O     1 
ATOM   704  C CB    . GLN A 1 113 ? -16.513 -4.641  -6.160  1.00 62.85  ? 92  GLN A CB    1 
ATOM   705  N N     . PRO A 1 114 ? -14.372 -6.634  -7.389  1.00 65.52  ? 93  PRO A N     1 
ATOM   706  C CA    . PRO A 1 114 ? -13.546 -7.211  -8.481  1.00 63.94  ? 93  PRO A CA    1 
ATOM   707  C C     . PRO A 1 114 ? -13.744 -6.617  -9.872  1.00 63.82  ? 93  PRO A C     1 
ATOM   708  O O     . PRO A 1 114 ? -12.789 -6.478  -10.629 1.00 65.44  ? 93  PRO A O     1 
ATOM   709  C CB    . PRO A 1 114 ? -13.950 -8.682  -8.489  1.00 63.94  ? 93  PRO A CB    1 
ATOM   710  C CG    . PRO A 1 114 ? -14.365 -8.955  -7.083  1.00 64.82  ? 93  PRO A CG    1 
ATOM   711  C CD    . PRO A 1 114 ? -15.074 -7.696  -6.638  1.00 63.89  ? 93  PRO A CD    1 
ATOM   712  N N     . GLU A 1 115 ? -14.968 -6.253  -10.205 1.00 64.85  ? 94  GLU A N     1 
ATOM   713  C CA    . GLU A 1 115 ? -15.232 -5.586  -11.481 1.00 66.92  ? 94  GLU A CA    1 
ATOM   714  C C     . GLU A 1 115 ? -14.528 -4.235  -11.642 1.00 67.70  ? 94  GLU A C     1 
ATOM   715  O O     . GLU A 1 115 ? -14.285 -3.819  -12.772 1.00 68.29  ? 94  GLU A O     1 
ATOM   716  C CB    . GLU A 1 115 ? -16.724 -5.419  -11.726 1.00 69.70  ? 94  GLU A CB    1 
ATOM   717  C CG    . GLU A 1 115 ? -17.429 -4.419  -10.807 1.00 78.28  ? 94  GLU A CG    1 
ATOM   718  C CD    . GLU A 1 115 ? -17.720 -4.969  -9.411  1.00 87.13  ? 94  GLU A CD    1 
ATOM   719  O OE1   . GLU A 1 115 ? -16.977 -5.892  -8.961  1.00 78.78  ? 94  GLU A OE1   1 
ATOM   720  O OE2   . GLU A 1 115 ? -18.698 -4.488  -8.766  1.00 91.20  ? 94  GLU A OE2   1 
ATOM   721  N N     . ASP A 1 116 ? -14.180 -3.563  -10.537 1.00 67.52  ? 95  ASP A N     1 
ATOM   722  C CA    . ASP A 1 116 ? -13.323 -2.365  -10.619 1.00 64.06  ? 95  ASP A CA    1 
ATOM   723  C C     . ASP A 1 116 ? -11.974 -2.620  -11.297 1.00 64.48  ? 95  ASP A C     1 
ATOM   724  O O     . ASP A 1 116 ? -11.356 -1.670  -11.789 1.00 65.53  ? 95  ASP A O     1 
ATOM   725  C CB    . ASP A 1 116 ? -13.062 -1.756  -9.241  1.00 61.80  ? 95  ASP A CB    1 
ATOM   726  C CG    . ASP A 1 116 ? -14.296 -1.192  -8.613  1.00 61.74  ? 95  ASP A CG    1 
ATOM   727  O OD1   . ASP A 1 116 ? -15.124 -0.619  -9.341  1.00 74.29  ? 95  ASP A OD1   1 
ATOM   728  O OD2   . ASP A 1 116 ? -14.443 -1.277  -7.381  1.00 58.02  ? 95  ASP A OD2   1 
ATOM   729  N N     . ALA A 1 117 ? -11.529 -3.882  -11.346 1.00 63.86  ? 96  ALA A N     1 
ATOM   730  C CA    . ALA A 1 117 ? -10.339 -4.257  -12.121 1.00 64.59  ? 96  ALA A CA    1 
ATOM   731  C C     . ALA A 1 117 ? -10.429 -3.775  -13.565 1.00 62.04  ? 96  ALA A C     1 
ATOM   732  O O     . ALA A 1 117 ? -9.411  -3.414  -14.157 1.00 61.20  ? 96  ALA A O     1 
ATOM   733  C CB    . ALA A 1 117 ? -10.134 -5.769  -12.090 1.00 64.98  ? 96  ALA A CB    1 
ATOM   734  N N     . THR A 1 118 ? -11.652 -3.757  -14.101 1.00 63.07  ? 97  THR A N     1 
ATOM   735  C CA    . THR A 1 118 ? -11.913 -3.359  -15.486 1.00 61.01  ? 97  THR A CA    1 
ATOM   736  C C     . THR A 1 118 ? -11.874 -1.842  -15.643 1.00 56.71  ? 97  THR A C     1 
ATOM   737  O O     . THR A 1 118 ? -11.682 -1.346  -16.749 1.00 54.58  ? 97  THR A O     1 
ATOM   738  C CB    . THR A 1 118 ? -13.274 -3.880  -15.985 1.00 58.85  ? 97  THR A CB    1 
ATOM   739  O OG1   . THR A 1 118 ? -14.323 -3.093  -15.430 1.00 59.41  ? 97  THR A OG1   1 
ATOM   740  C CG2   . THR A 1 118 ? -13.498 -5.348  -15.595 1.00 59.20  ? 97  THR A CG2   1 
ATOM   741  N N     . LYS A 1 119 ? -12.016 -1.133  -14.521 1.00 57.27  ? 98  LYS A N     1 
ATOM   742  C CA    . LYS A 1 119 ? -12.238 0.313   -14.496 1.00 59.04  ? 98  LYS A CA    1 
ATOM   743  C C     . LYS A 1 119 ? -11.014 1.142   -14.119 1.00 57.96  ? 98  LYS A C     1 
ATOM   744  O O     . LYS A 1 119 ? -11.043 2.347   -14.306 1.00 59.67  ? 98  LYS A O     1 
ATOM   745  C CB    . LYS A 1 119 ? -13.377 0.642   -13.533 1.00 54.95  ? 98  LYS A CB    1 
ATOM   746  N N     . PHE A 1 120 ? -9.956  0.508   -13.607 1.00 56.65  ? 99  PHE A N     1 
ATOM   747  C CA    . PHE A 1 120 ? -8.727  1.211   -13.230 1.00 57.61  ? 99  PHE A CA    1 
ATOM   748  C C     . PHE A 1 120 ? -7.485  0.467   -13.655 1.00 55.50  ? 99  PHE A C     1 
ATOM   749  O O     . PHE A 1 120 ? -7.448  -0.757  -13.596 1.00 59.58  ? 99  PHE A O     1 
ATOM   750  C CB    . PHE A 1 120 ? -8.635  1.390   -11.726 1.00 56.75  ? 99  PHE A CB    1 
ATOM   751  C CG    . PHE A 1 120 ? -9.814  2.072   -11.119 1.00 54.64  ? 99  PHE A CG    1 
ATOM   752  C CD1   . PHE A 1 120 ? -9.935  3.453   -11.169 1.00 51.18  ? 99  PHE A CD1   1 
ATOM   753  C CD2   . PHE A 1 120 ? -10.796 1.328   -10.466 1.00 56.19  ? 99  PHE A CD2   1 
ATOM   754  C CE1   . PHE A 1 120 ? -11.015 4.089   -10.569 1.00 54.59  ? 99  PHE A CE1   1 
ATOM   755  C CE2   . PHE A 1 120 ? -11.887 1.954   -9.876  1.00 57.81  ? 99  PHE A CE2   1 
ATOM   756  C CZ    . PHE A 1 120 ? -11.996 3.342   -9.923  1.00 56.60  ? 99  PHE A CZ    1 
ATOM   757  N N     . ASP A 1 121 ? -6.462  1.225   -14.047 1.00 54.08  ? 100 ASP A N     1 
ATOM   758  C CA    . ASP A 1 121 ? -5.158  0.662   -14.401 1.00 53.80  ? 100 ASP A CA    1 
ATOM   759  C C     . ASP A 1 121 ? -4.136  0.797   -13.299 1.00 52.48  ? 100 ASP A C     1 
ATOM   760  O O     . ASP A 1 121 ? -3.155  0.067   -13.308 1.00 53.56  ? 100 ASP A O     1 
ATOM   761  C CB    . ASP A 1 121 ? -4.593  1.345   -15.642 1.00 56.79  ? 100 ASP A CB    1 
ATOM   762  C CG    . ASP A 1 121 ? -5.527  1.285   -16.806 1.00 61.49  ? 100 ASP A CG    1 
ATOM   763  O OD1   . ASP A 1 121 ? -6.049  0.176   -17.076 1.00 65.90  ? 100 ASP A OD1   1 
ATOM   764  O OD2   . ASP A 1 121 ? -5.731  2.345   -17.444 1.00 62.95  ? 100 ASP A OD2   1 
ATOM   765  N N     . TYR A 1 122 ? -4.352  1.742   -12.380 1.00 52.72  ? 101 TYR A N     1 
ATOM   766  C CA    . TYR A 1 122 ? -3.403  2.063   -11.324 1.00 51.25  ? 101 TYR A CA    1 
ATOM   767  C C     . TYR A 1 122 ? -4.101  2.186   -9.992  1.00 52.01  ? 101 TYR A C     1 
ATOM   768  O O     . TYR A 1 122 ? -5.220  2.707   -9.907  1.00 50.03  ? 101 TYR A O     1 
ATOM   769  C CB    . TYR A 1 122 ? -2.714  3.369   -11.634 1.00 56.08  ? 101 TYR A CB    1 
ATOM   770  C CG    . TYR A 1 122 ? -1.778  3.292   -12.813 1.00 61.49  ? 101 TYR A CG    1 
ATOM   771  C CD1   . TYR A 1 122 ? -2.187  3.687   -14.094 1.00 62.75  ? 101 TYR A CD1   1 
ATOM   772  C CD2   . TYR A 1 122 ? -0.473  2.838   -12.651 1.00 63.29  ? 101 TYR A CD2   1 
ATOM   773  C CE1   . TYR A 1 122 ? -1.320  3.622   -15.174 1.00 65.69  ? 101 TYR A CE1   1 
ATOM   774  C CE2   . TYR A 1 122 ? 0.393   2.770   -13.724 1.00 64.72  ? 101 TYR A CE2   1 
ATOM   775  C CZ    . TYR A 1 122 ? -0.035  3.163   -14.980 1.00 66.11  ? 101 TYR A CZ    1 
ATOM   776  O OH    . TYR A 1 122 ? 0.814   3.093   -16.046 1.00 73.50  ? 101 TYR A OH    1 
ATOM   777  N N     . PHE A 1 123 ? -3.430  1.715   -8.945  1.00 51.76  ? 102 PHE A N     1 
ATOM   778  C CA    . PHE A 1 123 ? -3.986  1.752   -7.597  1.00 50.50  ? 102 PHE A CA    1 
ATOM   779  C C     . PHE A 1 123 ? -3.007  2.446   -6.667  1.00 49.70  ? 102 PHE A C     1 
ATOM   780  O O     . PHE A 1 123 ? -1.859  2.017   -6.535  1.00 52.07  ? 102 PHE A O     1 
ATOM   781  C CB    . PHE A 1 123 ? -4.340  0.347   -7.120  1.00 52.88  ? 102 PHE A CB    1 
ATOM   782  C CG    . PHE A 1 123 ? -5.420  -0.305  -7.946  1.00 53.21  ? 102 PHE A CG    1 
ATOM   783  C CD1   . PHE A 1 123 ? -5.099  -1.004  -9.117  1.00 52.06  ? 102 PHE A CD1   1 
ATOM   784  C CD2   . PHE A 1 123 ? -6.763  -0.196  -7.582  1.00 54.92  ? 102 PHE A CD2   1 
ATOM   785  C CE1   . PHE A 1 123 ? -6.088  -1.585  -9.889  1.00 49.59  ? 102 PHE A CE1   1 
ATOM   786  C CE2   . PHE A 1 123 ? -7.764  -0.773  -8.361  1.00 52.22  ? 102 PHE A CE2   1 
ATOM   787  C CZ    . PHE A 1 123 ? -7.422  -1.466  -9.513  1.00 52.93  ? 102 PHE A CZ    1 
ATOM   788  N N     . VAL A 1 124 ? -3.478  3.525   -6.039  1.00 46.50  ? 103 VAL A N     1 
ATOM   789  C CA    . VAL A 1 124 ? -2.640  4.422   -5.266  1.00 48.05  ? 103 VAL A CA    1 
ATOM   790  C C     . VAL A 1 124 ? -2.923  4.288   -3.775  1.00 48.12  ? 103 VAL A C     1 
ATOM   791  O O     . VAL A 1 124 ? -4.074  4.274   -3.371  1.00 52.67  ? 103 VAL A O     1 
ATOM   792  C CB    . VAL A 1 124 ? -2.860  5.867   -5.717  1.00 48.66  ? 103 VAL A CB    1 
ATOM   793  C CG1   . VAL A 1 124 ? -2.006  6.836   -4.900  1.00 52.25  ? 103 VAL A CG1   1 
ATOM   794  C CG2   . VAL A 1 124 ? -2.534  5.992   -7.197  1.00 46.72  ? 103 VAL A CG2   1 
ATOM   795  N N     . PHE A 1 125 ? -1.855  4.202   -2.977  1.00 47.57  ? 104 PHE A N     1 
ATOM   796  C CA    . PHE A 1 125 ? -1.936  3.982   -1.530  1.00 47.98  ? 104 PHE A CA    1 
ATOM   797  C C     . PHE A 1 125 ? -1.069  4.995   -0.831  1.00 50.32  ? 104 PHE A C     1 
ATOM   798  O O     . PHE A 1 125 ? -0.012  5.380   -1.342  1.00 46.69  ? 104 PHE A O     1 
ATOM   799  C CB    . PHE A 1 125 ? -1.445  2.582   -1.126  1.00 48.08  ? 104 PHE A CB    1 
ATOM   800  C CG    . PHE A 1 125 ? -2.171  1.467   -1.814  1.00 45.96  ? 104 PHE A CG    1 
ATOM   801  C CD1   . PHE A 1 125 ? -3.180  0.783   -1.170  1.00 45.38  ? 104 PHE A CD1   1 
ATOM   802  C CD2   . PHE A 1 125 ? -1.840  1.118   -3.117  1.00 46.46  ? 104 PHE A CD2   1 
ATOM   803  C CE1   . PHE A 1 125 ? -3.848  -0.232  -1.815  1.00 50.11  ? 104 PHE A CE1   1 
ATOM   804  C CE2   . PHE A 1 125 ? -2.502  0.117   -3.769  1.00 47.96  ? 104 PHE A CE2   1 
ATOM   805  C CZ    . PHE A 1 125 ? -3.505  -0.570  -3.125  1.00 51.75  ? 104 PHE A CZ    1 
ATOM   806  N N     . GLY A 1 126 ? -1.516  5.412   0.353   1.00 54.74  ? 105 GLY A N     1 
ATOM   807  C CA    . GLY A 1 126 ? -0.725  6.286   1.207   1.00 52.81  ? 105 GLY A CA    1 
ATOM   808  C C     . GLY A 1 126 ? 0.389   5.549   1.896   1.00 55.61  ? 105 GLY A C     1 
ATOM   809  O O     . GLY A 1 126 ? 0.155   4.597   2.621   1.00 55.10  ? 105 GLY A O     1 
ATOM   810  N N     . GLY A 1 127 ? 1.615   5.983   1.631   1.00 60.74  ? 106 GLY A N     1 
ATOM   811  C CA    . GLY A 1 127 ? 2.797   5.463   2.317   1.00 62.93  ? 106 GLY A CA    1 
ATOM   812  C C     . GLY A 1 127 ? 2.932   6.139   3.667   1.00 62.24  ? 106 GLY A C     1 
ATOM   813  O O     . GLY A 1 127 ? 3.742   7.056   3.835   1.00 60.06  ? 106 GLY A O     1 
ATOM   814  N N     . ILE A 1 128 ? 2.117   5.688   4.614   1.00 61.16  ? 107 ILE A N     1 
ATOM   815  C CA    . ILE A 1 128 ? 2.014   6.311   5.928   1.00 66.53  ? 107 ILE A CA    1 
ATOM   816  C C     . ILE A 1 128 ? 2.047   5.227   6.979   1.00 67.20  ? 107 ILE A C     1 
ATOM   817  O O     . ILE A 1 128 ? 1.850   4.053   6.674   1.00 74.57  ? 107 ILE A O     1 
ATOM   818  C CB    . ILE A 1 128 ? 0.699   7.130   6.081   1.00 65.90  ? 107 ILE A CB    1 
ATOM   819  N N     . LEU A 1 129 ? 2.306   5.631   8.214   1.00 69.48  ? 108 LEU A N     1 
ATOM   820  C CA    . LEU A 1 129 ? 2.270   4.726   9.361   1.00 74.03  ? 108 LEU A CA    1 
ATOM   821  C C     . LEU A 1 129 ? 1.347   5.359   10.405  1.00 75.79  ? 108 LEU A C     1 
ATOM   822  O O     . LEU A 1 129 ? 1.801   6.055   11.317  1.00 80.00  ? 108 LEU A O     1 
ATOM   823  C CB    . LEU A 1 129 ? 3.690   4.492   9.897   1.00 75.40  ? 108 LEU A CB    1 
ATOM   824  N N     . GLY A 1 130 ? 0.047   5.115   10.247  1.00 73.86  ? 109 GLY A N     1 
ATOM   825  C CA    . GLY A 1 130 ? -0.978  5.863   10.971  1.00 75.36  ? 109 GLY A CA    1 
ATOM   826  C C     . GLY A 1 130 ? -0.903  5.705   12.475  1.00 79.96  ? 109 GLY A C     1 
ATOM   827  O O     . GLY A 1 130 ? -0.422  4.685   12.968  1.00 87.61  ? 109 GLY A O     1 
ATOM   828  N N     . ASP A 1 131 ? -1.360  6.731   13.192  1.00 80.61  ? 110 ASP A N     1 
ATOM   829  C CA    . ASP A 1 131 ? -1.418  6.715   14.656  1.00 80.18  ? 110 ASP A CA    1 
ATOM   830  C C     . ASP A 1 131 ? -2.862  6.478   15.079  1.00 76.95  ? 110 ASP A C     1 
ATOM   831  O O     . ASP A 1 131 ? -3.664  5.960   14.297  1.00 72.45  ? 110 ASP A O     1 
ATOM   832  C CB    . ASP A 1 131 ? -0.902  8.045   15.218  1.00 81.33  ? 110 ASP A CB    1 
ATOM   833  C CG    . ASP A 1 131 ? -0.508  7.961   16.686  1.00 88.09  ? 110 ASP A CG    1 
ATOM   834  O OD1   . ASP A 1 131 ? -1.001  8.779   17.497  1.00 83.90  ? 110 ASP A OD1   1 
ATOM   835  O OD2   . ASP A 1 131 ? 0.321   7.096   17.037  1.00 98.68  ? 110 ASP A OD2   1 
ATOM   836  N N     . ASP A 1 136 ? -7.663  10.251  6.842   1.00 85.55  ? 115 ASP A N     1 
ATOM   837  C CA    . ASP A 1 136 ? -7.038  11.501  7.264   1.00 82.90  ? 115 ASP A CA    1 
ATOM   838  C C     . ASP A 1 136 ? -5.872  11.887  6.348   1.00 84.30  ? 115 ASP A C     1 
ATOM   839  O O     . ASP A 1 136 ? -6.045  12.718  5.445   1.00 96.94  ? 115 ASP A O     1 
ATOM   840  C CB    . ASP A 1 136 ? -6.579  11.427  8.732   1.00 76.55  ? 115 ASP A CB    1 
ATOM   841  C CG    . ASP A 1 136 ? -5.781  12.663  9.162   1.00 75.97  ? 115 ASP A CG    1 
ATOM   842  O OD1   . ASP A 1 136 ? -5.960  13.759  8.564   1.00 81.60  ? 115 ASP A OD1   1 
ATOM   843  O OD2   . ASP A 1 136 ? -4.964  12.540  10.098  1.00 74.50  ? 115 ASP A OD2   1 
ATOM   844  N N     . ARG A 1 137 ? -4.695  11.302  6.583   1.00 71.77  ? 116 ARG A N     1 
ATOM   845  C CA    . ARG A 1 137 ? -3.543  11.579  5.756   1.00 67.88  ? 116 ARG A CA    1 
ATOM   846  C C     . ARG A 1 137 ? -3.860  11.160  4.321   1.00 65.05  ? 116 ARG A C     1 
ATOM   847  O O     . ARG A 1 137 ? -3.412  11.816  3.372   1.00 63.20  ? 116 ARG A O     1 
ATOM   848  C CB    . ARG A 1 137 ? -2.300  10.868  6.317   1.00 64.33  ? 116 ARG A CB    1 
ATOM   849  N N     . THR A 1 138 ? -4.666  10.103  4.168   1.00 63.46  ? 117 THR A N     1 
ATOM   850  C CA    . THR A 1 138 ? -5.140  9.690   2.846   1.00 65.49  ? 117 THR A CA    1 
ATOM   851  C C     . THR A 1 138 ? -6.000  10.799  2.199   1.00 67.75  ? 117 THR A C     1 
ATOM   852  O O     . THR A 1 138 ? -6.045  10.917  0.973   1.00 65.65  ? 117 THR A O     1 
ATOM   853  C CB    . THR A 1 138 ? -5.918  8.351   2.904   1.00 62.57  ? 117 THR A CB    1 
ATOM   854  O OG1   . THR A 1 138 ? -5.130  7.365   3.555   1.00 62.23  ? 117 THR A OG1   1 
ATOM   855  C CG2   . THR A 1 138 ? -6.200  7.816   1.533   1.00 62.46  ? 117 THR A CG2   1 
ATOM   856  N N     . LYS A 1 139 ? -6.686  11.598  3.016   1.00 71.04  ? 118 LYS A N     1 
ATOM   857  C CA    . LYS A 1 139 ? -7.486  12.730  2.508   1.00 66.89  ? 118 LYS A CA    1 
ATOM   858  C C     . LYS A 1 139 ? -6.593  13.844  1.961   1.00 60.09  ? 118 LYS A C     1 
ATOM   859  O O     . LYS A 1 139 ? -6.937  14.490  0.990   1.00 60.51  ? 118 LYS A O     1 
ATOM   860  C CB    . LYS A 1 139 ? -8.426  13.277  3.589   1.00 61.19  ? 118 LYS A CB    1 
ATOM   861  N N     . GLU A 1 140 ? -5.447  14.063  2.590   1.00 61.32  ? 119 GLU A N     1 
ATOM   862  C CA    . GLU A 1 140 ? -4.424  14.961  2.044   1.00 63.58  ? 119 GLU A CA    1 
ATOM   863  C C     . GLU A 1 140 ? -3.937  14.500  0.659   1.00 64.11  ? 119 GLU A C     1 
ATOM   864  O O     . GLU A 1 140 ? -3.767  15.305  -0.257  1.00 67.45  ? 119 GLU A O     1 
ATOM   865  C CB    . GLU A 1 140 ? -3.240  15.078  3.006   1.00 60.59  ? 119 GLU A CB    1 
ATOM   866  N N     . LEU A 1 141 ? -3.719  13.199  0.514   1.00 65.38  ? 120 LEU A N     1 
ATOM   867  C CA    . LEU A 1 141 ? -3.438  12.597  -0.804  1.00 64.08  ? 120 LEU A CA    1 
ATOM   868  C C     . LEU A 1 141 ? -4.524  12.870  -1.836  1.00 58.51  ? 120 LEU A C     1 
ATOM   869  O O     . LEU A 1 141 ? -4.249  13.155  -2.991  1.00 58.88  ? 120 LEU A O     1 
ATOM   870  C CB    . LEU A 1 141 ? -3.266  11.075  -0.697  1.00 65.47  ? 120 LEU A CB    1 
ATOM   871  C CG    . LEU A 1 141 ? -2.100  10.594  0.136   1.00 76.48  ? 120 LEU A CG    1 
ATOM   872  C CD1   . LEU A 1 141 ? -2.127  9.094   0.233   1.00 74.08  ? 120 LEU A CD1   1 
ATOM   873  C CD2   . LEU A 1 141 ? -0.824  11.038  -0.555  1.00 88.54  ? 120 LEU A CD2   1 
ATOM   874  N N     . LYS A 1 142 ? -5.770  12.774  -1.419  1.00 59.79  ? 121 LYS A N     1 
ATOM   875  C CA    . LYS A 1 142 ? -6.883  12.963  -2.337  1.00 60.94  ? 121 LYS A CA    1 
ATOM   876  C C     . LYS A 1 142 ? -6.947  14.414  -2.760  1.00 64.52  ? 121 LYS A C     1 
ATOM   877  O O     . LYS A 1 142 ? -6.707  14.726  -3.922  1.00 78.51  ? 121 LYS A O     1 
ATOM   878  C CB    . LYS A 1 142 ? -8.182  12.535  -1.679  1.00 64.16  ? 121 LYS A CB    1 
ATOM   879  C CG    . LYS A 1 142 ? -9.438  13.019  -2.376  1.00 69.82  ? 121 LYS A CG    1 
ATOM   880  C CD    . LYS A 1 142 ? -9.801  12.157  -3.567  1.00 73.56  ? 121 LYS A CD    1 
ATOM   881  C CE    . LYS A 1 142 ? -11.129 12.612  -4.131  1.00 74.24  ? 121 LYS A CE    1 
ATOM   882  N NZ    . LYS A 1 142 ? -11.614 11.723  -5.216  1.00 79.89  ? 121 LYS A NZ    1 
ATOM   883  N N     . THR A 1 143 ? -7.219  15.290  -1.799  1.00 61.87  ? 122 THR A N     1 
ATOM   884  C CA    . THR A 1 143 ? -7.191  16.731  -1.980  1.00 62.76  ? 122 THR A CA    1 
ATOM   885  C C     . THR A 1 143 ? -6.019  17.236  -2.825  1.00 62.09  ? 122 THR A C     1 
ATOM   886  O O     . THR A 1 143 ? -6.161  18.219  -3.536  1.00 67.61  ? 122 THR A O     1 
ATOM   887  C CB    . THR A 1 143 ? -7.171  17.408  -0.595  1.00 67.43  ? 122 THR A CB    1 
ATOM   888  O OG1   . THR A 1 143 ? -8.385  17.081  0.107   1.00 63.88  ? 122 THR A OG1   1 
ATOM   889  C CG2   . THR A 1 143 ? -7.048  18.926  -0.711  1.00 71.22  ? 122 THR A CG2   1 
ATOM   890  N N     . ALA A 1 144 ? -4.876  16.555  -2.766  1.00 59.77  ? 123 ALA A N     1 
ATOM   891  C CA    . ALA A 1 144 ? -3.728  16.939  -3.576  1.00 59.35  ? 123 ALA A CA    1 
ATOM   892  C C     . ALA A 1 144 ? -3.976  16.805  -5.086  1.00 60.53  ? 123 ALA A C     1 
ATOM   893  O O     . ALA A 1 144 ? -3.492  17.614  -5.865  1.00 60.09  ? 123 ALA A O     1 
ATOM   894  C CB    . ALA A 1 144 ? -2.502  16.139  -3.152  1.00 60.27  ? 123 ALA A CB    1 
ATOM   895  N N     . TYR A 1 145 ? -4.753  15.792  -5.481  1.00 64.86  ? 124 TYR A N     1 
ATOM   896  C CA    . TYR A 1 145 ? -4.942  15.425  -6.893  1.00 63.24  ? 124 TYR A CA    1 
ATOM   897  C C     . TYR A 1 145 ? -6.444  15.284  -7.141  1.00 62.84  ? 124 TYR A C     1 
ATOM   898  O O     . TYR A 1 145 ? -6.953  14.181  -7.330  1.00 61.56  ? 124 TYR A O     1 
ATOM   899  C CB    . TYR A 1 145 ? -4.240  14.101  -7.223  1.00 61.68  ? 124 TYR A CB    1 
ATOM   900  C CG    . TYR A 1 145 ? -2.786  13.941  -6.789  1.00 64.39  ? 124 TYR A CG    1 
ATOM   901  C CD1   . TYR A 1 145 ? -1.728  14.475  -7.539  1.00 61.67  ? 124 TYR A CD1   1 
ATOM   902  C CD2   . TYR A 1 145 ? -2.465  13.194  -5.654  1.00 65.88  ? 124 TYR A CD2   1 
ATOM   903  C CE1   . TYR A 1 145 ? -0.405  14.289  -7.147  1.00 59.25  ? 124 TYR A CE1   1 
ATOM   904  C CE2   . TYR A 1 145 ? -1.147  12.999  -5.269  1.00 61.41  ? 124 TYR A CE2   1 
ATOM   905  C CZ    . TYR A 1 145 ? -0.127  13.544  -6.025  1.00 58.38  ? 124 TYR A CZ    1 
ATOM   906  O OH    . TYR A 1 145 ? 1.163   13.346  -5.638  1.00 55.72  ? 124 TYR A OH    1 
ATOM   907  N N     . PRO A 1 146 ? -7.171  16.408  -7.117  1.00 63.85  ? 125 PRO A N     1 
ATOM   908  C CA    . PRO A 1 146 ? -8.619  16.334  -7.154  1.00 63.20  ? 125 PRO A CA    1 
ATOM   909  C C     . PRO A 1 146 ? -9.221  15.777  -8.437  1.00 61.38  ? 125 PRO A C     1 
ATOM   910  O O     . PRO A 1 146 ? -10.299 15.198  -8.377  1.00 65.12  ? 125 PRO A O     1 
ATOM   911  C CB    . PRO A 1 146 ? -9.052  17.788  -6.959  1.00 62.69  ? 125 PRO A CB    1 
ATOM   912  C CG    . PRO A 1 146 ? -7.910  18.594  -7.448  1.00 62.37  ? 125 PRO A CG    1 
ATOM   913  C CD    . PRO A 1 146 ? -6.698  17.804  -7.070  1.00 65.67  ? 125 PRO A CD    1 
ATOM   914  N N     . ASN A 1 147 ? -8.555  15.933  -9.572  1.00 58.31  ? 126 ASN A N     1 
ATOM   915  C CA    . ASN A 1 147 ? -9.114  15.446  -10.835 1.00 61.32  ? 126 ASN A CA    1 
ATOM   916  C C     . ASN A 1 147 ? -8.559  14.119  -11.321 1.00 63.94  ? 126 ASN A C     1 
ATOM   917  O O     . ASN A 1 147 ? -9.121  13.509  -12.244 1.00 69.74  ? 126 ASN A O     1 
ATOM   918  C CB    . ASN A 1 147 ? -8.949  16.492  -11.913 1.00 63.19  ? 126 ASN A CB    1 
ATOM   919  C CG    . ASN A 1 147 ? -9.463  17.839  -11.474 1.00 67.88  ? 126 ASN A CG    1 
ATOM   920  O OD1   . ASN A 1 147 ? -10.676 18.025  -11.334 1.00 79.11  ? 126 ASN A OD1   1 
ATOM   921  N ND2   . ASN A 1 147 ? -8.552  18.774  -11.211 1.00 70.09  ? 126 ASN A ND2   1 
ATOM   922  N N     . LEU A 1 148 ? -7.481  13.661  -10.699 1.00 60.48  ? 127 LEU A N     1 
ATOM   923  C CA    . LEU A 1 148 ? -6.833  12.433  -11.117 1.00 61.56  ? 127 LEU A CA    1 
ATOM   924  C C     . LEU A 1 148 ? -7.505  11.186  -10.481 1.00 65.16  ? 127 LEU A C     1 
ATOM   925  O O     . LEU A 1 148 ? -7.827  10.187  -11.169 1.00 66.49  ? 127 LEU A O     1 
ATOM   926  C CB    . LEU A 1 148 ? -5.335  12.532  -10.801 1.00 59.43  ? 127 LEU A CB    1 
ATOM   927  C CG    . LEU A 1 148 ? -4.411  11.358  -11.128 1.00 62.46  ? 127 LEU A CG    1 
ATOM   928  C CD1   . LEU A 1 148 ? -4.323  11.084  -12.625 1.00 63.51  ? 127 LEU A CD1   1 
ATOM   929  C CD2   . LEU A 1 148 ? -3.021  11.558  -10.545 1.00 60.75  ? 127 LEU A CD2   1 
ATOM   930  N N     . LEU A 1 149 ? -7.756  11.257  -9.180  1.00 61.65  ? 128 LEU A N     1 
ATOM   931  C CA    . LEU A 1 149 ? -8.076  10.058  -8.395  1.00 60.65  ? 128 LEU A CA    1 
ATOM   932  C C     . LEU A 1 149 ? -9.569  9.809   -8.277  1.00 62.16  ? 128 LEU A C     1 
ATOM   933  O O     . LEU A 1 149 ? -10.376 10.749  -8.267  1.00 59.62  ? 128 LEU A O     1 
ATOM   934  C CB    . LEU A 1 149 ? -7.479  10.162  -6.993  1.00 59.59  ? 128 LEU A CB    1 
ATOM   935  C CG    . LEU A 1 149 ? -5.966  10.363  -6.889  1.00 60.08  ? 128 LEU A CG    1 
ATOM   936  C CD1   . LEU A 1 149 ? -5.541  10.643  -5.454  1.00 61.61  ? 128 LEU A CD1   1 
ATOM   937  C CD2   . LEU A 1 149 ? -5.259  9.128   -7.402  1.00 62.35  ? 128 LEU A CD2   1 
ATOM   938  N N     . ILE A 1 150 ? -9.924  8.524   -8.212  1.00 62.34  ? 129 ILE A N     1 
ATOM   939  C CA    . ILE A 1 150 ? -11.257 8.095   -7.835  1.00 56.46  ? 129 ILE A CA    1 
ATOM   940  C C     . ILE A 1 150 ? -11.090 7.178   -6.638  1.00 54.84  ? 129 ILE A C     1 
ATOM   941  O O     . ILE A 1 150 ? -10.355 6.194   -6.693  1.00 56.27  ? 129 ILE A O     1 
ATOM   942  C CB    . ILE A 1 150 ? -11.998 7.396   -8.993  1.00 54.92  ? 129 ILE A CB    1 
ATOM   943  C CG1   . ILE A 1 150 ? -12.376 8.419   -10.061 1.00 56.37  ? 129 ILE A CG1   1 
ATOM   944  C CG2   . ILE A 1 150 ? -13.260 6.712   -8.489  1.00 53.43  ? 129 ILE A CG2   1 
ATOM   945  C CD1   . ILE A 1 150 ? -13.012 7.816   -11.297 1.00 60.82  ? 129 ILE A CD1   1 
ATOM   946  N N     . SER A 1 151 ? -11.802 7.485   -5.564  1.00 51.42  ? 130 SER A N     1 
ATOM   947  C CA    . SER A 1 151 ? -11.656 6.736   -4.325  1.00 55.89  ? 130 SER A CA    1 
ATOM   948  C C     . SER A 1 151 ? -12.471 5.437   -4.284  1.00 57.21  ? 130 SER A C     1 
ATOM   949  O O     . SER A 1 151 ? -13.585 5.363   -4.816  1.00 58.16  ? 130 SER A O     1 
ATOM   950  C CB    . SER A 1 151 ? -12.040 7.609   -3.134  1.00 55.91  ? 130 SER A CB    1 
ATOM   951  O OG    . SER A 1 151 ? -11.122 8.675   -2.983  1.00 64.00  ? 130 SER A OG    1 
ATOM   952  N N     . ARG A 1 152 ? -11.882 4.421   -3.663  1.00 54.54  ? 131 ARG A N     1 
ATOM   953  C CA    . ARG A 1 152 ? -12.553 3.170   -3.329  1.00 51.95  ? 131 ARG A CA    1 
ATOM   954  C C     . ARG A 1 152 ? -12.093 2.796   -1.938  1.00 55.46  ? 131 ARG A C     1 
ATOM   955  O O     . ARG A 1 152 ? -10.941 3.053   -1.559  1.00 59.86  ? 131 ARG A O     1 
ATOM   956  C CB    . ARG A 1 152 ? -12.203 2.023   -4.294  1.00 47.37  ? 131 ARG A CB    1 
ATOM   957  C CG    . ARG A 1 152 ? -12.807 2.141   -5.665  1.00 50.04  ? 131 ARG A CG    1 
ATOM   958  C CD    . ARG A 1 152 ? -14.316 1.918   -5.635  1.00 50.88  ? 131 ARG A CD    1 
ATOM   959  N NE    . ARG A 1 152 ? -14.902 2.021   -6.972  1.00 51.08  ? 131 ARG A NE    1 
ATOM   960  C CZ    . ARG A 1 152 ? -15.390 3.134   -7.519  1.00 53.90  ? 131 ARG A CZ    1 
ATOM   961  N NH1   . ARG A 1 152 ? -15.404 4.293   -6.857  1.00 55.05  ? 131 ARG A NH1   1 
ATOM   962  N NH2   . ARG A 1 152 ? -15.868 3.091   -8.759  1.00 60.20  ? 131 ARG A NH2   1 
ATOM   963  N N     . ARG A 1 153 ? -12.989 2.175   -1.187  1.00 52.96  ? 132 ARG A N     1 
ATOM   964  C CA    . ARG A 1 153 ? -12.706 1.799   0.163   1.00 54.55  ? 132 ARG A CA    1 
ATOM   965  C C     . ARG A 1 153 ? -12.413 0.288   0.274   1.00 54.32  ? 132 ARG A C     1 
ATOM   966  O O     . ARG A 1 153 ? -12.802 -0.506  -0.574  1.00 44.86  ? 132 ARG A O     1 
ATOM   967  C CB    . ARG A 1 153 ? -13.864 2.204   1.041   1.00 56.04  ? 132 ARG A CB    1 
ATOM   968  C CG    . ARG A 1 153 ? -13.517 2.272   2.508   1.00 58.46  ? 132 ARG A CG    1 
ATOM   969  C CD    . ARG A 1 153 ? -14.764 2.514   3.305   1.00 62.76  ? 132 ARG A CD    1 
ATOM   970  N NE    . ARG A 1 153 ? -15.619 1.340   3.187   1.00 65.92  ? 132 ARG A NE    1 
ATOM   971  C CZ    . ARG A 1 153 ? -16.552 0.967   4.046   1.00 71.74  ? 132 ARG A CZ    1 
ATOM   972  N NH1   . ARG A 1 153 ? -16.799 1.670   5.140   1.00 77.26  ? 132 ARG A NH1   1 
ATOM   973  N NH2   . ARG A 1 153 ? -17.239 -0.143  3.813   1.00 74.47  ? 132 ARG A NH2   1 
ATOM   974  N N     . LEU A 1 154 ? -11.689 -0.063  1.335   1.00 59.55  ? 133 LEU A N     1 
ATOM   975  C CA    . LEU A 1 154 ? -11.384 -1.434  1.730   1.00 57.80  ? 133 LEU A CA    1 
ATOM   976  C C     . LEU A 1 154 ? -11.962 -1.675  3.147   1.00 63.28  ? 133 LEU A C     1 
ATOM   977  O O     . LEU A 1 154 ? -11.248 -2.070  4.079   1.00 67.23  ? 133 LEU A O     1 
ATOM   978  C CB    . LEU A 1 154 ? -9.865  -1.655  1.752   1.00 58.22  ? 133 LEU A CB    1 
ATOM   979  C CG    . LEU A 1 154 ? -9.079  -1.442  0.457   1.00 58.64  ? 133 LEU A CG    1 
ATOM   980  C CD1   . LEU A 1 154 ? -7.581  -1.409  0.726   1.00 56.17  ? 133 LEU A CD1   1 
ATOM   981  C CD2   . LEU A 1 154 ? -9.399  -2.528  -0.555  1.00 59.28  ? 133 LEU A CD2   1 
ATOM   982  N N     . GLY A 1 155 ? -13.256 -1.410  3.311   1.00 65.57  ? 134 GLY A N     1 
ATOM   983  C CA    . GLY A 1 155 ? -13.931 -1.655  4.572   1.00 64.94  ? 134 GLY A CA    1 
ATOM   984  C C     . GLY A 1 155 ? -13.857 -0.506  5.563   1.00 68.74  ? 134 GLY A C     1 
ATOM   985  O O     . GLY A 1 155 ? -13.287 0.563   5.297   1.00 58.84  ? 134 GLY A O     1 
ATOM   986  N N     . ASP A 1 156 ? -14.401 -0.806  6.740   1.00 74.54  ? 135 ASP A N     1 
ATOM   987  C CA    . ASP A 1 156 ? -14.670 0.141   7.817   1.00 77.42  ? 135 ASP A CA    1 
ATOM   988  C C     . ASP A 1 156 ? -13.504 0.304   8.831   1.00 74.47  ? 135 ASP A C     1 
ATOM   989  O O     . ASP A 1 156 ? -13.573 1.148   9.728   1.00 77.70  ? 135 ASP A O     1 
ATOM   990  C CB    . ASP A 1 156 ? -15.989 -0.338  8.478   1.00 88.20  ? 135 ASP A CB    1 
ATOM   991  C CG    . ASP A 1 156 ? -16.464 0.525   9.686   1.00 109.83 ? 135 ASP A CG    1 
ATOM   992  O OD1   . ASP A 1 156 ? -15.943 1.665   9.958   1.00 115.56 ? 135 ASP A OD1   1 
ATOM   993  O OD2   . ASP A 1 156 ? -17.412 0.049   10.374  1.00 113.70 ? 135 ASP A OD2   1 
ATOM   994  N N     . LYS A 1 157 ? -12.405 -0.422  8.661   1.00 68.99  ? 136 LYS A N     1 
ATOM   995  C CA    . LYS A 1 157 ? -11.337 -0.411  9.674   1.00 65.84  ? 136 LYS A CA    1 
ATOM   996  C C     . LYS A 1 157 ? -9.999  -0.221  8.980   1.00 58.21  ? 136 LYS A C     1 
ATOM   997  O O     . LYS A 1 157 ? -9.829  -0.625  7.841   1.00 61.88  ? 136 LYS A O     1 
ATOM   998  C CB    . LYS A 1 157 ? -11.372 -1.701  10.526  1.00 63.76  ? 136 LYS A CB    1 
ATOM   999  N N     . GLN A 1 158 ? -9.058  0.389   9.683   1.00 54.56  ? 137 GLN A N     1 
ATOM   1000 C CA    . GLN A 1 158 ? -7.805  0.802   9.078   1.00 60.73  ? 137 GLN A CA    1 
ATOM   1001 C C     . GLN A 1 158 ? -6.795  -0.339  8.903   1.00 60.91  ? 137 GLN A C     1 
ATOM   1002 O O     . GLN A 1 158 ? -6.597  -1.157  9.800   1.00 60.80  ? 137 GLN A O     1 
ATOM   1003 C CB    . GLN A 1 158 ? -7.176  1.938   9.877   1.00 62.12  ? 137 GLN A CB    1 
ATOM   1004 C CG    . GLN A 1 158 ? -5.981  2.542   9.180   1.00 65.35  ? 137 GLN A CG    1 
ATOM   1005 C CD    . GLN A 1 158 ? -5.457  3.741   9.915   1.00 75.15  ? 137 GLN A CD    1 
ATOM   1006 O OE1   . GLN A 1 158 ? -5.113  3.653   11.107  1.00 75.92  ? 137 GLN A OE1   1 
ATOM   1007 N NE2   . GLN A 1 158 ? -5.381  4.878   9.220   1.00 81.43  ? 137 GLN A NE2   1 
ATOM   1008 N N     . MET A 1 159 ? -6.159  -0.371  7.736   1.00 58.36  ? 138 MET A N     1 
ATOM   1009 C CA    . MET A 1 159 ? -5.133  -1.364  7.424   1.00 57.47  ? 138 MET A CA    1 
ATOM   1010 C C     . MET A 1 159 ? -3.787  -0.679  7.276   1.00 57.47  ? 138 MET A C     1 
ATOM   1011 O O     . MET A 1 159 ? -3.698  0.505   6.938   1.00 59.32  ? 138 MET A O     1 
ATOM   1012 C CB    . MET A 1 159 ? -5.450  -2.088  6.109   1.00 55.50  ? 138 MET A CB    1 
ATOM   1013 C CG    . MET A 1 159 ? -6.757  -2.848  6.101   1.00 56.42  ? 138 MET A CG    1 
ATOM   1014 S SD    . MET A 1 159 ? -7.216  -3.355  4.430   1.00 54.15  ? 138 MET A SD    1 
ATOM   1015 C CE    . MET A 1 159 ? -8.546  -4.488  4.807   1.00 55.43  ? 138 MET A CE    1 
ATOM   1016 N N     . THR A 1 160 ? -2.738  -1.457  7.514   1.00 54.82  ? 139 THR A N     1 
ATOM   1017 C CA    . THR A 1 160 ? -1.389  -1.051  7.145   1.00 54.21  ? 139 THR A CA    1 
ATOM   1018 C C     . THR A 1 160 ? -1.288  -1.045  5.602   1.00 53.62  ? 139 THR A C     1 
ATOM   1019 O O     . THR A 1 160 ? -2.122  -1.625  4.901   1.00 49.49  ? 139 THR A O     1 
ATOM   1020 C CB    . THR A 1 160 ? -0.317  -1.979  7.769   1.00 49.74  ? 139 THR A CB    1 
ATOM   1021 O OG1   . THR A 1 160 ? -0.443  -3.313  7.254   1.00 48.16  ? 139 THR A OG1   1 
ATOM   1022 C CG2   . THR A 1 160 ? -0.456  -2.016  9.278   1.00 48.49  ? 139 THR A CG2   1 
ATOM   1023 N N     . THR A 1 161 ? -0.273  -0.379  5.084   1.00 51.61  ? 140 THR A N     1 
ATOM   1024 C CA    . THR A 1 161 ? -0.101  -0.303  3.657   1.00 52.11  ? 140 THR A CA    1 
ATOM   1025 C C     . THR A 1 161 ? -0.045  -1.684  3.022   1.00 49.56  ? 140 THR A C     1 
ATOM   1026 O O     . THR A 1 161 ? -0.711  -1.923  2.026   1.00 50.33  ? 140 THR A O     1 
ATOM   1027 C CB    . THR A 1 161 ? 1.156   0.502   3.314   1.00 55.09  ? 140 THR A CB    1 
ATOM   1028 O OG1   . THR A 1 161 ? 1.074   1.780   3.965   1.00 52.32  ? 140 THR A OG1   1 
ATOM   1029 C CG2   . THR A 1 161 ? 1.284   0.699   1.795   1.00 58.03  ? 140 THR A CG2   1 
ATOM   1030 N N     . ASP A 1 162 ? 0.738   -2.584  3.590   1.00 49.78  ? 141 ASP A N     1 
ATOM   1031 C CA    . ASP A 1 162 ? 0.874   -3.924  2.996   1.00 53.00  ? 141 ASP A CA    1 
ATOM   1032 C C     . ASP A 1 162 ? -0.420  -4.720  3.077   1.00 50.24  ? 141 ASP A C     1 
ATOM   1033 O O     . ASP A 1 162 ? -0.724  -5.475  2.169   1.00 52.92  ? 141 ASP A O     1 
ATOM   1034 C CB    . ASP A 1 162 ? 2.063   -4.732  3.568   1.00 52.04  ? 141 ASP A CB    1 
ATOM   1035 C CG    . ASP A 1 162 ? 1.908   -5.064  5.023   1.00 55.97  ? 141 ASP A CG    1 
ATOM   1036 O OD1   . ASP A 1 162 ? 1.836   -4.130  5.861   1.00 63.05  ? 141 ASP A OD1   1 
ATOM   1037 O OD2   . ASP A 1 162 ? 1.856   -6.263  5.342   1.00 56.92  ? 141 ASP A OD2   1 
ATOM   1038 N N     . THR A 1 163 ? -1.180  -4.555  4.145   1.00 48.39  ? 142 THR A N     1 
ATOM   1039 C CA    . THR A 1 163 ? -2.492  -5.204  4.217   1.00 51.51  ? 142 THR A CA    1 
ATOM   1040 C C     . THR A 1 163 ? -3.469  -4.633  3.162   1.00 49.71  ? 142 THR A C     1 
ATOM   1041 O O     . THR A 1 163 ? -4.207  -5.391  2.546   1.00 50.19  ? 142 THR A O     1 
ATOM   1042 C CB    . THR A 1 163 ? -3.107  -5.078  5.627   1.00 54.20  ? 142 THR A CB    1 
ATOM   1043 O OG1   . THR A 1 163 ? -2.238  -5.682  6.606   1.00 61.85  ? 142 THR A OG1   1 
ATOM   1044 C CG2   . THR A 1 163 ? -4.487  -5.738  5.684   1.00 49.40  ? 142 THR A CG2   1 
ATOM   1045 N N     . ALA A 1 164 ? -3.471  -3.311  2.972   1.00 46.57  ? 143 ALA A N     1 
ATOM   1046 C CA    . ALA A 1 164 ? -4.310  -2.668  1.964   1.00 45.09  ? 143 ALA A CA    1 
ATOM   1047 C C     . ALA A 1 164 ? -3.983  -3.130  0.572   1.00 43.67  ? 143 ALA A C     1 
ATOM   1048 O O     . ALA A 1 164 ? -4.873  -3.361  -0.232  1.00 41.27  ? 143 ALA A O     1 
ATOM   1049 C CB    . ALA A 1 164 ? -4.160  -1.170  2.036   1.00 48.94  ? 143 ALA A CB    1 
ATOM   1050 N N     . ILE A 1 165 ? -2.693  -3.261  0.297   1.00 47.47  ? 144 ILE A N     1 
ATOM   1051 C CA    . ILE A 1 165 ? -2.223  -3.767  -0.985  1.00 48.14  ? 144 ILE A CA    1 
ATOM   1052 C C     . ILE A 1 165 ? -2.543  -5.253  -1.162  1.00 51.31  ? 144 ILE A C     1 
ATOM   1053 O O     . ILE A 1 165 ? -2.934  -5.676  -2.246  1.00 49.41  ? 144 ILE A O     1 
ATOM   1054 C CB    . ILE A 1 165 ? -0.723  -3.494  -1.145  1.00 49.18  ? 144 ILE A CB    1 
ATOM   1055 C CG1   . ILE A 1 165 ? -0.527  -1.978  -1.319  1.00 51.84  ? 144 ILE A CG1   1 
ATOM   1056 C CG2   . ILE A 1 165 ? -0.139  -4.258  -2.335  1.00 47.44  ? 144 ILE A CG2   1 
ATOM   1057 C CD1   . ILE A 1 165 ? 0.904   -1.485  -1.288  1.00 50.69  ? 144 ILE A CD1   1 
ATOM   1058 N N     . ARG A 1 166 ? -2.365  -6.024  -0.096  1.00 54.61  ? 145 ARG A N     1 
ATOM   1059 C CA    . ARG A 1 166 ? -2.728  -7.439  -0.092  1.00 56.86  ? 145 ARG A CA    1 
ATOM   1060 C C     . ARG A 1 166 ? -4.206  -7.637  -0.436  1.00 55.21  ? 145 ARG A C     1 
ATOM   1061 O O     . ARG A 1 166 ? -4.547  -8.485  -1.263  1.00 58.06  ? 145 ARG A O     1 
ATOM   1062 C CB    . ARG A 1 166 ? -2.448  -8.059  1.276   1.00 53.19  ? 145 ARG A CB    1 
ATOM   1063 C CG    . ARG A 1 166 ? -1.883  -9.462  1.238   1.00 54.25  ? 145 ARG A CG    1 
ATOM   1064 C CD    . ARG A 1 166 ? -1.539  -9.905  2.645   1.00 56.08  ? 145 ARG A CD    1 
ATOM   1065 N NE    . ARG A 1 166 ? -0.717  -8.894  3.311   1.00 56.02  ? 145 ARG A NE    1 
ATOM   1066 C CZ    . ARG A 1 166 ? 0.594   -8.959  3.468   1.00 56.97  ? 145 ARG A CZ    1 
ATOM   1067 N NH1   . ARG A 1 166 ? 1.261   -10.004 3.038   1.00 60.47  ? 145 ARG A NH1   1 
ATOM   1068 N NH2   . ARG A 1 166 ? 1.243   -7.973  4.068   1.00 58.71  ? 145 ARG A NH2   1 
ATOM   1069 N N     . THR A 1 167 ? -5.063  -6.854  0.203   1.00 51.87  ? 146 THR A N     1 
ATOM   1070 C CA    . THR A 1 167 ? -6.490  -6.935  -0.028  1.00 54.74  ? 146 THR A CA    1 
ATOM   1071 C C     . THR A 1 167 ? -6.836  -6.506  -1.450  1.00 57.65  ? 146 THR A C     1 
ATOM   1072 O O     . THR A 1 167 ? -7.602  -7.179  -2.130  1.00 59.63  ? 146 THR A O     1 
ATOM   1073 C CB    . THR A 1 167 ? -7.253  -6.076  0.991   1.00 58.29  ? 146 THR A CB    1 
ATOM   1074 O OG1   . THR A 1 167 ? -6.897  -6.482  2.325   1.00 55.79  ? 146 THR A OG1   1 
ATOM   1075 C CG2   . THR A 1 167 ? -8.764  -6.206  0.789   1.00 61.99  ? 146 THR A CG2   1 
ATOM   1076 N N     . THR A 1 168 ? -6.257  -5.396  -1.900  1.00 60.68  ? 147 THR A N     1 
ATOM   1077 C CA    . THR A 1 168 ? -6.506  -4.903  -3.255  1.00 56.34  ? 147 THR A CA    1 
ATOM   1078 C C     . THR A 1 168 ? -6.135  -5.964  -4.291  1.00 56.57  ? 147 THR A C     1 
ATOM   1079 O O     . THR A 1 168 ? -6.887  -6.203  -5.235  1.00 57.62  ? 147 THR A O     1 
ATOM   1080 C CB    . THR A 1 168 ? -5.780  -3.570  -3.485  1.00 47.35  ? 147 THR A CB    1 
ATOM   1081 O OG1   . THR A 1 168 ? -6.279  -2.635  -2.542  1.00 43.89  ? 147 THR A OG1   1 
ATOM   1082 C CG2   . THR A 1 168 ? -6.035  -3.039  -4.866  1.00 47.56  ? 147 THR A CG2   1 
ATOM   1083 N N     . GLN A 1 169 ? -4.994  -6.609  -4.098  1.00 61.67  ? 148 GLN A N     1 
ATOM   1084 C CA    . GLN A 1 169 ? -4.561  -7.652  -5.020  1.00 62.05  ? 148 GLN A CA    1 
ATOM   1085 C C     . GLN A 1 169 ? -5.562  -8.802  -5.004  1.00 62.43  ? 148 GLN A C     1 
ATOM   1086 O O     . GLN A 1 169 ? -5.950  -9.318  -6.052  1.00 56.89  ? 148 GLN A O     1 
ATOM   1087 C CB    . GLN A 1 169 ? -3.158  -8.142  -4.671  1.00 62.20  ? 148 GLN A CB    1 
ATOM   1088 C CG    . GLN A 1 169 ? -2.586  -9.035  -5.754  1.00 65.29  ? 148 GLN A CG    1 
ATOM   1089 C CD    . GLN A 1 169 ? -1.080  -9.143  -5.721  1.00 65.51  ? 148 GLN A CD    1 
ATOM   1090 O OE1   . GLN A 1 169 ? -0.497  -9.580  -4.719  1.00 62.27  ? 148 GLN A OE1   1 
ATOM   1091 N NE2   . GLN A 1 169 ? -0.436  -8.767  -6.833  1.00 68.01  ? 148 GLN A NE2   1 
ATOM   1092 N N     . LEU A 1 170 ? -6.011  -9.170  -3.809  1.00 64.25  ? 149 LEU A N     1 
ATOM   1093 C CA    . LEU A 1 170 ? -6.989  -10.248 -3.663  1.00 64.52  ? 149 LEU A CA    1 
ATOM   1094 C C     . LEU A 1 170 ? -8.287  -9.935  -4.370  1.00 60.97  ? 149 LEU A C     1 
ATOM   1095 O O     . LEU A 1 170 ? -8.956  -10.833 -4.832  1.00 67.08  ? 149 LEU A O     1 
ATOM   1096 C CB    . LEU A 1 170 ? -7.267  -10.562 -2.185  1.00 65.57  ? 149 LEU A CB    1 
ATOM   1097 N N     . ILE A 1 171 ? -8.634  -8.664  -4.462  1.00 61.27  ? 150 ILE A N     1 
ATOM   1098 C CA    . ILE A 1 171 ? -9.858  -8.243  -5.146  1.00 64.20  ? 150 ILE A CA    1 
ATOM   1099 C C     . ILE A 1 171 ? -9.664  -8.078  -6.673  1.00 68.34  ? 150 ILE A C     1 
ATOM   1100 O O     . ILE A 1 171 ? -10.492 -8.516  -7.479  1.00 62.67  ? 150 ILE A O     1 
ATOM   1101 C CB    . ILE A 1 171 ? -10.399 -6.935  -4.531  1.00 61.55  ? 150 ILE A CB    1 
ATOM   1102 C CG1   . ILE A 1 171 ? -10.797 -7.165  -3.071  1.00 61.30  ? 150 ILE A CG1   1 
ATOM   1103 C CG2   . ILE A 1 171 ? -11.620 -6.452  -5.295  1.00 62.69  ? 150 ILE A CG2   1 
ATOM   1104 C CD1   . ILE A 1 171 ? -11.086 -5.910  -2.267  1.00 58.24  ? 150 ILE A CD1   1 
ATOM   1105 N N     . ILE A 1 172 ? -8.582  -7.418  -7.062  1.00 65.73  ? 151 ILE A N     1 
ATOM   1106 C CA    . ILE A 1 172 ? -8.374  -7.056  -8.453  1.00 64.73  ? 151 ILE A CA    1 
ATOM   1107 C C     . ILE A 1 172 ? -7.751  -8.206  -9.236  1.00 63.40  ? 151 ILE A C     1 
ATOM   1108 O O     . ILE A 1 172 ? -8.200  -8.517  -10.321 1.00 69.06  ? 151 ILE A O     1 
ATOM   1109 C CB    . ILE A 1 172 ? -7.510  -5.762  -8.542  1.00 63.63  ? 151 ILE A CB    1 
ATOM   1110 C CG1   . ILE A 1 172 ? -8.233  -4.588  -7.872  1.00 58.74  ? 151 ILE A CG1   1 
ATOM   1111 C CG2   . ILE A 1 172 ? -7.139  -5.417  -9.988  1.00 62.13  ? 151 ILE A CG2   1 
ATOM   1112 C CD1   . ILE A 1 172 ? -9.572  -4.214  -8.483  1.00 62.24  ? 151 ILE A CD1   1 
ATOM   1113 N N     . LYS A 1 173 ? -6.705  -8.815  -8.699  1.00 63.07  ? 152 LYS A N     1 
ATOM   1114 C CA    . LYS A 1 173 ? -6.031  -9.899  -9.397  1.00 63.35  ? 152 LYS A CA    1 
ATOM   1115 C C     . LYS A 1 173 ? -6.772  -11.227 -9.221  1.00 66.56  ? 152 LYS A C     1 
ATOM   1116 O O     . LYS A 1 173 ? -6.992  -11.946 -10.193 1.00 71.02  ? 152 LYS A O     1 
ATOM   1117 C CB    . LYS A 1 173 ? -4.589  -10.023 -8.922  1.00 64.09  ? 152 LYS A CB    1 
ATOM   1118 C CG    . LYS A 1 173 ? -3.771  -11.047 -9.692  1.00 68.88  ? 152 LYS A CG    1 
ATOM   1119 C CD    . LYS A 1 173 ? -2.373  -11.221 -9.107  1.00 72.73  ? 152 LYS A CD    1 
ATOM   1120 C CE    . LYS A 1 173 ? -1.664  -12.451 -9.660  1.00 75.21  ? 152 LYS A CE    1 
ATOM   1121 N NZ    . LYS A 1 173 ? -2.394  -13.726 -9.366  1.00 81.12  ? 152 LYS A NZ    1 
ATOM   1122 N N     . ASP A 1 174 ? -7.148  -11.541 -7.986  1.00 67.79  ? 153 ASP A N     1 
ATOM   1123 C CA    . ASP A 1 174 ? -7.795  -12.813 -7.663  1.00 66.35  ? 153 ASP A CA    1 
ATOM   1124 C C     . ASP A 1 174 ? -9.324  -12.797 -7.684  1.00 69.30  ? 153 ASP A C     1 
ATOM   1125 O O     . ASP A 1 174 ? -9.927  -13.851 -7.563  1.00 72.68  ? 153 ASP A O     1 
ATOM   1126 C CB    . ASP A 1 174 ? -7.303  -13.310 -6.304  1.00 66.58  ? 153 ASP A CB    1 
ATOM   1127 C CG    . ASP A 1 174 ? -5.787  -13.497 -6.265  1.00 68.12  ? 153 ASP A CG    1 
ATOM   1128 O OD1   . ASP A 1 174 ? -5.174  -13.870 -7.290  1.00 70.75  ? 153 ASP A OD1   1 
ATOM   1129 O OD2   . ASP A 1 174 ? -5.190  -13.254 -5.202  1.00 69.49  ? 153 ASP A OD2   1 
ATOM   1130 N N     . ARG A 1 175 ? -9.941  -11.625 -7.831  1.00 66.34  ? 154 ARG A N     1 
ATOM   1131 C CA    . ARG A 1 175 ? -11.402 -11.508 -7.977  1.00 63.75  ? 154 ARG A CA    1 
ATOM   1132 C C     . ARG A 1 175 ? -12.209 -12.065 -6.815  1.00 60.52  ? 154 ARG A C     1 
ATOM   1133 O O     . ARG A 1 175 ? -13.295 -12.603 -7.010  1.00 63.09  ? 154 ARG A O     1 
ATOM   1134 C CB    . ARG A 1 175 ? -11.864 -12.140 -9.296  1.00 65.37  ? 154 ARG A CB    1 
ATOM   1135 C CG    . ARG A 1 175 ? -11.066 -11.705 -10.513 1.00 65.68  ? 154 ARG A CG    1 
ATOM   1136 C CD    . ARG A 1 175 ? -11.293 -10.226 -10.794 1.00 64.38  ? 154 ARG A CD    1 
ATOM   1137 N NE    . ARG A 1 175 ? -10.310 -9.715  -11.745 1.00 61.61  ? 154 ARG A NE    1 
ATOM   1138 C CZ    . ARG A 1 175 ? -10.496 -9.582  -13.056 1.00 63.06  ? 154 ARG A CZ    1 
ATOM   1139 N NH1   . ARG A 1 175 ? -11.660 -9.908  -13.633 1.00 66.41  ? 154 ARG A NH1   1 
ATOM   1140 N NH2   . ARG A 1 175 ? -9.507  -9.105  -13.799 1.00 60.81  ? 154 ARG A NH2   1 
ATOM   1141 N N     . ILE A 1 176 ? -11.688 -11.911 -5.606  1.00 64.18  ? 155 ILE A N     1 
ATOM   1142 C CA    . ILE A 1 176 ? -12.435 -12.277 -4.385  1.00 64.95  ? 155 ILE A CA    1 
ATOM   1143 C C     . ILE A 1 176 ? -13.195 -11.053 -3.893  1.00 61.92  ? 155 ILE A C     1 
ATOM   1144 O O     . ILE A 1 176 ? -12.618 -9.977  -3.769  1.00 66.29  ? 155 ILE A O     1 
ATOM   1145 C CB    . ILE A 1 176 ? -11.516 -12.804 -3.254  1.00 57.87  ? 155 ILE A CB    1 
ATOM   1146 N N     . ALA A 1 177 ? -14.491 -11.210 -3.640  1.00 64.59  ? 156 ALA A N     1 
ATOM   1147 C CA    . ALA A 1 177 ? -15.286 -10.139 -3.033  1.00 63.20  ? 156 ALA A CA    1 
ATOM   1148 C C     . ALA A 1 177 ? -14.744 -9.801  -1.639  1.00 65.07  ? 156 ALA A C     1 
ATOM   1149 O O     . ALA A 1 177 ? -14.326 -10.691 -0.890  1.00 65.26  ? 156 ALA A O     1 
ATOM   1150 C CB    . ALA A 1 177 ? -16.728 -10.551 -2.941  1.00 59.32  ? 156 ALA A CB    1 
ATOM   1151 N N     . PHE A 1 178 ? -14.753 -8.516  -1.293  1.00 62.55  ? 157 PHE A N     1 
ATOM   1152 C CA    . PHE A 1 178 ? -14.230 -8.063  -0.012  1.00 63.51  ? 157 PHE A CA    1 
ATOM   1153 C C     . PHE A 1 178 ? -14.778 -8.903  1.129   1.00 65.90  ? 157 PHE A C     1 
ATOM   1154 O O     . PHE A 1 178 ? -14.044 -9.296  2.032   1.00 66.34  ? 157 PHE A O     1 
ATOM   1155 C CB    . PHE A 1 178 ? -14.553 -6.579  0.237   1.00 61.47  ? 157 PHE A CB    1 
ATOM   1156 C CG    . PHE A 1 178 ? -13.985 -6.056  1.520   1.00 67.76  ? 157 PHE A CG    1 
ATOM   1157 C CD1   . PHE A 1 178 ? -12.671 -5.594  1.575   1.00 69.31  ? 157 PHE A CD1   1 
ATOM   1158 C CD2   . PHE A 1 178 ? -14.732 -6.084  2.693   1.00 67.33  ? 157 PHE A CD2   1 
ATOM   1159 C CE1   . PHE A 1 178 ? -12.126 -5.148  2.769   1.00 65.64  ? 157 PHE A CE1   1 
ATOM   1160 C CE2   . PHE A 1 178 ? -14.190 -5.634  3.884   1.00 67.00  ? 157 PHE A CE2   1 
ATOM   1161 C CZ    . PHE A 1 178 ? -12.888 -5.164  3.923   1.00 64.98  ? 157 PHE A CZ    1 
ATOM   1162 N N     . GLU A 1 179 ? -16.062 -9.208  1.031   1.00 69.44  ? 158 GLU A N     1 
ATOM   1163 C CA    . GLU A 1 179 ? -16.826 -9.879  2.095   1.00 70.97  ? 158 GLU A CA    1 
ATOM   1164 C C     . GLU A 1 179 ? -16.453 -11.358 2.246   1.00 70.11  ? 158 GLU A C     1 
ATOM   1165 O O     . GLU A 1 179 ? -16.741 -11.950 3.285   1.00 73.27  ? 158 GLU A O     1 
ATOM   1166 C CB    . GLU A 1 179 ? -18.334 -9.739  1.865   1.00 72.36  ? 158 GLU A CB    1 
ATOM   1167 C CG    . GLU A 1 179 ? -18.737 -8.724  0.773   1.00 78.24  ? 158 GLU A CG    1 
ATOM   1168 C CD    . GLU A 1 179 ? -18.829 -7.291  1.301   1.00 77.33  ? 158 GLU A CD    1 
ATOM   1169 O OE1   . GLU A 1 179 ? -18.190 -6.956  2.338   1.00 77.42  ? 158 GLU A OE1   1 
ATOM   1170 O OE2   . GLU A 1 179 ? -19.533 -6.491  0.651   1.00 77.28  ? 158 GLU A OE2   1 
ATOM   1171 N N     . ASP A 1 180 ? -15.818 -11.944 1.237   1.00 67.76  ? 159 ASP A N     1 
ATOM   1172 C CA    . ASP A 1 180 ? -15.286 -13.301 1.369   1.00 72.55  ? 159 ASP A CA    1 
ATOM   1173 C C     . ASP A 1 180 ? -13.899 -13.382 1.975   1.00 66.45  ? 159 ASP A C     1 
ATOM   1174 O O     . ASP A 1 180 ? -13.467 -14.466 2.328   1.00 67.12  ? 159 ASP A O     1 
ATOM   1175 C CB    . ASP A 1 180 ? -15.273 -14.012 0.014   1.00 77.13  ? 159 ASP A CB    1 
ATOM   1176 C CG    . ASP A 1 180 ? -16.654 -14.485 -0.412  1.00 82.14  ? 159 ASP A CG    1 
ATOM   1177 O OD1   . ASP A 1 180 ? -17.559 -14.649 0.455   1.00 81.54  ? 159 ASP A OD1   1 
ATOM   1178 O OD2   . ASP A 1 180 ? -16.825 -14.691 -1.636  1.00 86.00  ? 159 ASP A OD2   1 
ATOM   1179 N N     . ILE A 1 181 ? -13.195 -12.262 2.085   1.00 70.29  ? 160 ILE A N     1 
ATOM   1180 C CA    . ILE A 1 181 ? -11.849 -12.264 2.695   1.00 71.28  ? 160 ILE A CA    1 
ATOM   1181 C C     . ILE A 1 181 ? -11.931 -12.336 4.229   1.00 68.88  ? 160 ILE A C     1 
ATOM   1182 O O     . ILE A 1 181 ? -12.677 -11.569 4.856   1.00 69.64  ? 160 ILE A O     1 
ATOM   1183 C CB    . ILE A 1 181 ? -11.026 -11.028 2.266   1.00 68.96  ? 160 ILE A CB    1 
ATOM   1184 C CG1   . ILE A 1 181 ? -10.821 -11.025 0.734   1.00 69.91  ? 160 ILE A CG1   1 
ATOM   1185 C CG2   . ILE A 1 181 ? -9.663  -11.012 2.955   1.00 67.00  ? 160 ILE A CG2   1 
ATOM   1186 C CD1   . ILE A 1 181 ? -10.276 -9.719  0.182   1.00 72.59  ? 160 ILE A CD1   1 
ATOM   1187 N N     . LYS A 1 182 ? -11.138 -13.238 4.813   1.00 62.78  ? 161 LYS A N     1 
ATOM   1188 C CA    . LYS A 1 182 ? -11.083 -13.415 6.263   1.00 64.85  ? 161 LYS A CA    1 
ATOM   1189 C C     . LYS A 1 182 ? -10.014 -12.566 6.955   1.00 61.37  ? 161 LYS A C     1 
ATOM   1190 O O     . LYS A 1 182 ? -8.814  -12.681 6.684   1.00 59.74  ? 161 LYS A O     1 
ATOM   1191 C CB    . LYS A 1 182 ? -10.941 -14.901 6.601   1.00 74.16  ? 161 LYS A CB    1 
ATOM   1192 C CG    . LYS A 1 182 ? -12.234 -15.636 6.256   1.00 83.37  ? 161 LYS A CG    1 
ATOM   1193 C CD    . LYS A 1 182 ? -12.408 -16.988 6.932   1.00 92.27  ? 161 LYS A CD    1 
ATOM   1194 C CE    . LYS A 1 182 ? -13.898 -17.323 7.100   1.00 106.01 ? 161 LYS A CE    1 
ATOM   1195 N NZ    . LYS A 1 182 ? -14.651 -17.439 5.806   1.00 110.49 ? 161 LYS A NZ    1 
ATOM   1196 N N     . PHE A 1 183 ? -10.486 -11.695 7.842   1.00 60.45  ? 162 PHE A N     1 
ATOM   1197 C CA    . PHE A 1 183 ? -9.644  -10.772 8.594   1.00 61.42  ? 162 PHE A CA    1 
ATOM   1198 C C     . PHE A 1 183 ? -9.609  -11.087 10.081  1.00 58.94  ? 162 PHE A C     1 
ATOM   1199 O O     . PHE A 1 183 ? -10.392 -11.878 10.591  1.00 56.79  ? 162 PHE A O     1 
ATOM   1200 C CB    . PHE A 1 183 ? -10.165 -9.336  8.434   1.00 63.25  ? 162 PHE A CB    1 
ATOM   1201 C CG    . PHE A 1 183 ? -10.146 -8.838  7.019   1.00 65.03  ? 162 PHE A CG    1 
ATOM   1202 C CD1   . PHE A 1 183 ? -8.953  -8.417  6.430   1.00 63.60  ? 162 PHE A CD1   1 
ATOM   1203 C CD2   . PHE A 1 183 ? -11.317 -8.772  6.280   1.00 61.30  ? 162 PHE A CD2   1 
ATOM   1204 C CE1   . PHE A 1 183 ? -8.922  -7.946  5.135   1.00 60.93  ? 162 PHE A CE1   1 
ATOM   1205 C CE2   . PHE A 1 183 ? -11.292 -8.301  4.981   1.00 66.66  ? 162 PHE A CE2   1 
ATOM   1206 C CZ    . PHE A 1 183 ? -10.091 -7.887  4.406   1.00 67.34  ? 162 PHE A CZ    1 
ATOM   1207 N N     . ILE A 1 184 ? -8.683  -10.428 10.765  1.00 59.69  ? 163 ILE A N     1 
ATOM   1208 C CA    . ILE A 1 184 ? -8.700  -10.327 12.218  1.00 58.48  ? 163 ILE A CA    1 
ATOM   1209 C C     . ILE A 1 184 ? -8.633  -8.860  12.553  1.00 56.66  ? 163 ILE A C     1 
ATOM   1210 O O     . ILE A 1 184 ? -7.793  -8.140  12.022  1.00 61.48  ? 163 ILE A O     1 
ATOM   1211 C CB    . ILE A 1 184 ? -7.480  -10.987 12.902  1.00 61.73  ? 163 ILE A CB    1 
ATOM   1212 C CG1   . ILE A 1 184 ? -6.834  -12.029 12.006  1.00 66.59  ? 163 ILE A CG1   1 
ATOM   1213 C CG2   . ILE A 1 184 ? -7.876  -11.576 14.259  1.00 56.75  ? 163 ILE A CG2   1 
ATOM   1214 C CD1   . ILE A 1 184 ? -5.512  -12.473 12.573  1.00 70.03  ? 163 ILE A CD1   1 
ATOM   1215 N N     . ASP A 1 185 ? -9.487  -8.435  13.458  1.00 56.48  ? 164 ASP A N     1 
ATOM   1216 C CA    . ASP A 1 185 ? -9.530  -7.059  13.885  1.00 59.92  ? 164 ASP A CA    1 
ATOM   1217 C C     . ASP A 1 185 ? -8.715  -6.930  15.127  1.00 57.87  ? 164 ASP A C     1 
ATOM   1218 O O     . ASP A 1 185 ? -8.993  -7.598  16.108  1.00 59.32  ? 164 ASP A O     1 
ATOM   1219 C CB    . ASP A 1 185 ? -10.973 -6.664  14.165  1.00 62.35  ? 164 ASP A CB    1 
ATOM   1220 C CG    . ASP A 1 185 ? -11.833 -6.807  12.953  1.00 64.27  ? 164 ASP A CG    1 
ATOM   1221 O OD1   . ASP A 1 185 ? -13.052 -7.083  13.093  1.00 69.60  ? 164 ASP A OD1   1 
ATOM   1222 O OD2   . ASP A 1 185 ? -11.264 -6.667  11.854  1.00 61.42  ? 164 ASP A OD2   1 
ATOM   1223 N N     . TYR A 1 186 ? -7.704  -6.074  15.081  1.00 63.86  ? 165 TYR A N     1 
ATOM   1224 C CA    . TYR A 1 186 ? -6.928  -5.689  16.287  1.00 64.52  ? 165 TYR A CA    1 
ATOM   1225 C C     . TYR A 1 186 ? -6.283  -6.873  17.017  1.00 59.64  ? 165 TYR A C     1 
ATOM   1226 O O     . TYR A 1 186 ? -6.483  -7.053  18.223  1.00 55.16  ? 165 TYR A O     1 
ATOM   1227 C CB    . TYR A 1 186 ? -7.830  -4.895  17.248  1.00 63.45  ? 165 TYR A CB    1 
ATOM   1228 C CG    . TYR A 1 186 ? -8.603  -3.812  16.542  1.00 64.57  ? 165 TYR A CG    1 
ATOM   1229 C CD1   . TYR A 1 186 ? -7.961  -2.927  15.693  1.00 67.31  ? 165 TYR A CD1   1 
ATOM   1230 C CD2   . TYR A 1 186 ? -9.973  -3.687  16.693  1.00 68.09  ? 165 TYR A CD2   1 
ATOM   1231 C CE1   . TYR A 1 186 ? -8.647  -1.933  15.026  1.00 68.21  ? 165 TYR A CE1   1 
ATOM   1232 C CE2   . TYR A 1 186 ? -10.680 -2.688  16.032  1.00 69.67  ? 165 TYR A CE2   1 
ATOM   1233 C CZ    . TYR A 1 186 ? -10.007 -1.813  15.189  1.00 68.40  ? 165 TYR A CZ    1 
ATOM   1234 O OH    . TYR A 1 186 ? -10.665 -0.809  14.501  1.00 69.76  ? 165 TYR A OH    1 
ATOM   1235 N N     . PRO A 1 187 ? -5.505  -7.692  16.284  1.00 62.03  ? 166 PRO A N     1 
ATOM   1236 C CA    . PRO A 1 187 ? -4.953  -8.880  16.931  1.00 61.41  ? 166 PRO A CA    1 
ATOM   1237 C C     . PRO A 1 187 ? -3.982  -8.531  18.050  1.00 59.28  ? 166 PRO A C     1 
ATOM   1238 O O     . PRO A 1 187 ? -3.287  -7.515  17.967  1.00 55.81  ? 166 PRO A O     1 
ATOM   1239 C CB    . PRO A 1 187 ? -4.223  -9.592  15.792  1.00 59.61  ? 166 PRO A CB    1 
ATOM   1240 C CG    . PRO A 1 187 ? -3.826  -8.491  14.883  1.00 62.20  ? 166 PRO A CG    1 
ATOM   1241 C CD    . PRO A 1 187 ? -5.011  -7.561  14.899  1.00 62.24  ? 166 PRO A CD    1 
ATOM   1242 N N     . GLU A 1 188 ? -3.966  -9.381  19.076  1.00 61.56  ? 167 GLU A N     1 
ATOM   1243 C CA    . GLU A 1 188 ? -2.989  -9.308  20.165  1.00 65.65  ? 167 GLU A CA    1 
ATOM   1244 C C     . GLU A 1 188 ? -1.850  -10.299 19.927  1.00 60.39  ? 167 GLU A C     1 
ATOM   1245 O O     . GLU A 1 188 ? -2.084  -11.449 19.566  1.00 61.72  ? 167 GLU A O     1 
ATOM   1246 C CB    . GLU A 1 188 ? -3.651  -9.615  21.511  1.00 67.03  ? 167 GLU A CB    1 
ATOM   1247 C CG    . GLU A 1 188 ? -2.672  -9.654  22.679  1.00 69.30  ? 167 GLU A CG    1 
ATOM   1248 C CD    . GLU A 1 188 ? -3.314  -10.095 23.967  1.00 74.34  ? 167 GLU A CD    1 
ATOM   1249 O OE1   . GLU A 1 188 ? -3.478  -9.237  24.862  1.00 77.54  ? 167 GLU A OE1   1 
ATOM   1250 O OE2   . GLU A 1 188 ? -3.652  -11.297 24.084  1.00 79.21  ? 167 GLU A OE2   1 
ATOM   1251 N N     . PHE A 1 189 ? -0.633  -9.836  20.161  1.00 56.15  ? 168 PHE A N     1 
ATOM   1252 C CA    . PHE A 1 189 ? 0.557   -10.656 20.100  1.00 56.82  ? 168 PHE A CA    1 
ATOM   1253 C C     . PHE A 1 189 ? 1.079   -10.739 21.525  1.00 61.55  ? 168 PHE A C     1 
ATOM   1254 O O     . PHE A 1 189 ? 1.536   -9.738  22.095  1.00 64.36  ? 168 PHE A O     1 
ATOM   1255 C CB    . PHE A 1 189 ? 1.582   -10.017 19.164  1.00 60.77  ? 168 PHE A CB    1 
ATOM   1256 C CG    . PHE A 1 189 ? 1.076   -9.854  17.757  1.00 61.24  ? 168 PHE A CG    1 
ATOM   1257 C CD1   . PHE A 1 189 ? 1.177   -10.894 16.847  1.00 59.55  ? 168 PHE A CD1   1 
ATOM   1258 C CD2   . PHE A 1 189 ? 0.461   -8.672  17.353  1.00 65.61  ? 168 PHE A CD2   1 
ATOM   1259 C CE1   . PHE A 1 189 ? 0.698   -10.761 15.558  1.00 59.80  ? 168 PHE A CE1   1 
ATOM   1260 C CE2   . PHE A 1 189 ? -0.032  -8.535  16.064  1.00 64.75  ? 168 PHE A CE2   1 
ATOM   1261 C CZ    . PHE A 1 189 ? 0.088   -9.588  15.165  1.00 62.49  ? 168 PHE A CZ    1 
ATOM   1262 N N     . ARG A 1 190 ? 0.947   -11.923 22.120  1.00 63.12  ? 169 ARG A N     1 
ATOM   1263 C CA    . ARG A 1 190 ? 1.379   -12.179 23.493  1.00 59.60  ? 169 ARG A CA    1 
ATOM   1264 C C     . ARG A 1 190 ? 2.670   -13.001 23.466  1.00 63.34  ? 169 ARG A C     1 
ATOM   1265 O O     . ARG A 1 190 ? 2.671   -14.185 23.119  1.00 65.66  ? 169 ARG A O     1 
ATOM   1266 C CB    . ARG A 1 190 ? 0.287   -12.899 24.281  1.00 61.90  ? 169 ARG A CB    1 
ATOM   1267 N N     . PHE A 1 191 ? 3.770   -12.337 23.798  1.00 62.09  ? 170 PHE A N     1 
ATOM   1268 C CA    . PHE A 1 191 ? 5.084   -12.964 23.924  1.00 64.92  ? 170 PHE A CA    1 
ATOM   1269 C C     . PHE A 1 191 ? 5.316   -13.606 25.299  1.00 65.29  ? 170 PHE A C     1 
ATOM   1270 O O     . PHE A 1 191 ? 6.062   -14.567 25.416  1.00 62.67  ? 170 PHE A O     1 
ATOM   1271 C CB    . PHE A 1 191 ? 6.165   -11.935 23.610  1.00 66.55  ? 170 PHE A CB    1 
ATOM   1272 C CG    . PHE A 1 191 ? 5.985   -11.295 22.273  1.00 67.02  ? 170 PHE A CG    1 
ATOM   1273 C CD1   . PHE A 1 191 ? 6.257   -12.012 21.102  1.00 66.41  ? 170 PHE A CD1   1 
ATOM   1274 C CD2   . PHE A 1 191 ? 5.492   -9.995  22.167  1.00 65.89  ? 170 PHE A CD2   1 
ATOM   1275 C CE1   . PHE A 1 191 ? 6.067   -11.429 19.854  1.00 65.45  ? 170 PHE A CE1   1 
ATOM   1276 C CE2   . PHE A 1 191 ? 5.292   -9.419  20.928  1.00 61.14  ? 170 PHE A CE2   1 
ATOM   1277 C CZ    . PHE A 1 191 ? 5.582   -10.130 19.769  1.00 61.26  ? 170 PHE A CZ    1 
ATOM   1278 N N     . ASN A 1 192 ? 4.685   -13.057 26.329  1.00 72.39  ? 171 ASN A N     1 
ATOM   1279 C CA    . ASN A 1 192 ? 4.687   -13.647 27.673  1.00 65.53  ? 171 ASN A CA    1 
ATOM   1280 C C     . ASN A 1 192 ? 3.542   -13.061 28.504  1.00 62.99  ? 171 ASN A C     1 
ATOM   1281 O O     . ASN A 1 192 ? 2.770   -12.252 28.001  1.00 64.97  ? 171 ASN A O     1 
ATOM   1282 C CB    . ASN A 1 192 ? 6.049   -13.447 28.346  1.00 65.64  ? 171 ASN A CB    1 
ATOM   1283 C CG    . ASN A 1 192 ? 6.439   -11.984 28.472  1.00 68.72  ? 171 ASN A CG    1 
ATOM   1284 O OD1   . ASN A 1 192 ? 5.801   -11.213 29.187  1.00 70.53  ? 171 ASN A OD1   1 
ATOM   1285 N ND2   . ASN A 1 192 ? 7.505   -11.600 27.796  1.00 70.85  ? 171 ASN A ND2   1 
ATOM   1286 N N     . LYS A 1 193 ? 3.439   -13.463 29.767  1.00 69.09  ? 172 LYS A N     1 
ATOM   1287 C CA    . LYS A 1 193 ? 2.331   -13.047 30.649  1.00 69.99  ? 172 LYS A CA    1 
ATOM   1288 C C     . LYS A 1 193 ? 2.532   -11.699 31.381  1.00 71.53  ? 172 LYS A C     1 
ATOM   1289 O O     . LYS A 1 193 ? 3.125   -10.762 30.837  1.00 73.69  ? 172 LYS A O     1 
ATOM   1290 C CB    . LYS A 1 193 ? 2.073   -14.154 31.675  1.00 67.26  ? 172 LYS A CB    1 
ATOM   1291 N N     . ALA A 1 196 ? 3.150   -7.861  25.653  1.00 69.29  ? 175 ALA A N     1 
ATOM   1292 C CA    . ALA A 1 196 ? 1.840   -7.914  25.023  1.00 73.54  ? 175 ALA A CA    1 
ATOM   1293 C C     . ALA A 1 196 ? 1.515   -6.639  24.258  1.00 73.49  ? 175 ALA A C     1 
ATOM   1294 O O     . ALA A 1 196 ? 1.536   -5.543  24.831  1.00 77.34  ? 175 ALA A O     1 
ATOM   1295 C CB    . ALA A 1 196 ? 0.781   -8.149  26.079  1.00 77.39  ? 175 ALA A CB    1 
ATOM   1296 N N     . THR A 1 197 ? 1.162   -6.795  22.983  1.00 69.45  ? 176 THR A N     1 
ATOM   1297 C CA    . THR A 1 197 ? 0.883   -5.653  22.109  1.00 68.45  ? 176 THR A CA    1 
ATOM   1298 C C     . THR A 1 197 ? -0.278  -6.009  21.197  1.00 66.13  ? 176 THR A C     1 
ATOM   1299 O O     . THR A 1 197 ? -0.328  -7.099  20.625  1.00 69.29  ? 176 THR A O     1 
ATOM   1300 C CB    . THR A 1 197 ? 2.131   -5.254  21.293  1.00 68.96  ? 176 THR A CB    1 
ATOM   1301 O OG1   . THR A 1 197 ? 3.141   -4.775  22.186  1.00 69.27  ? 176 THR A OG1   1 
ATOM   1302 C CG2   . THR A 1 197 ? 1.830   -4.143  20.295  1.00 68.68  ? 176 THR A CG2   1 
ATOM   1303 N N     . GLU A 1 198 ? -1.216  -5.082  21.082  1.00 65.17  ? 177 GLU A N     1 
ATOM   1304 C CA    . GLU A 1 198 ? -2.367  -5.214  20.197  1.00 64.32  ? 177 GLU A CA    1 
ATOM   1305 C C     . GLU A 1 198 ? -2.283  -4.156  19.109  1.00 63.28  ? 177 GLU A C     1 
ATOM   1306 O O     . GLU A 1 198 ? -2.129  -2.989  19.419  1.00 64.15  ? 177 GLU A O     1 
ATOM   1307 C CB    . GLU A 1 198 ? -3.637  -5.031  21.006  1.00 69.45  ? 177 GLU A CB    1 
ATOM   1308 C CG    . GLU A 1 198 ? -4.916  -5.103  20.209  1.00 79.83  ? 177 GLU A CG    1 
ATOM   1309 C CD    . GLU A 1 198 ? -6.151  -5.037  21.086  1.00 84.70  ? 177 GLU A CD    1 
ATOM   1310 O OE1   . GLU A 1 198 ? -6.701  -3.926  21.248  1.00 86.13  ? 177 GLU A OE1   1 
ATOM   1311 O OE2   . GLU A 1 198 ? -6.575  -6.096  21.598  1.00 88.31  ? 177 GLU A OE2   1 
ATOM   1312 N N     . MET A 1 199 ? -2.382  -4.568  17.845  1.00 63.16  ? 178 MET A N     1 
ATOM   1313 C CA    . MET A 1 199 ? -2.128  -3.680  16.725  1.00 60.54  ? 178 MET A CA    1 
ATOM   1314 C C     . MET A 1 199 ? -3.470  -3.160  16.278  1.00 58.78  ? 178 MET A C     1 
ATOM   1315 O O     . MET A 1 199 ? -4.307  -3.949  15.888  1.00 61.10  ? 178 MET A O     1 
ATOM   1316 C CB    . MET A 1 199 ? -1.435  -4.416  15.569  1.00 61.98  ? 178 MET A CB    1 
ATOM   1317 C CG    . MET A 1 199 ? -0.006  -4.881  15.829  1.00 65.69  ? 178 MET A CG    1 
ATOM   1318 S SD    . MET A 1 199 ? 1.297   -3.654  16.148  1.00 76.07  ? 178 MET A SD    1 
ATOM   1319 C CE    . MET A 1 199 ? 0.697   -2.150  15.395  1.00 72.78  ? 178 MET A CE    1 
ATOM   1320 N N     . PRO A 1 200 ? -3.676  -1.824  16.293  1.00 59.25  ? 179 PRO A N     1 
ATOM   1321 C CA    . PRO A 1 200 ? -4.984  -1.274  15.940  1.00 56.71  ? 179 PRO A CA    1 
ATOM   1322 C C     . PRO A 1 200 ? -5.205  -1.211  14.418  1.00 57.45  ? 179 PRO A C     1 
ATOM   1323 O O     . PRO A 1 200 ? -5.523  -0.154  13.876  1.00 60.60  ? 179 PRO A O     1 
ATOM   1324 C CB    . PRO A 1 200 ? -4.934  0.118   16.555  1.00 56.50  ? 179 PRO A CB    1 
ATOM   1325 C CG    . PRO A 1 200 ? -3.507  0.514   16.379  1.00 55.99  ? 179 PRO A CG    1 
ATOM   1326 C CD    . PRO A 1 200 ? -2.694  -0.739  16.536  1.00 56.69  ? 179 PRO A CD    1 
ATOM   1327 N N     . PHE A 1 201 ? -5.005  -2.342  13.748  1.00 55.10  ? 180 PHE A N     1 
ATOM   1328 C CA    . PHE A 1 201 ? -5.186  -2.462  12.321  1.00 56.63  ? 180 PHE A CA    1 
ATOM   1329 C C     . PHE A 1 201 ? -5.922  -3.761  12.039  1.00 56.64  ? 180 PHE A C     1 
ATOM   1330 O O     . PHE A 1 201 ? -6.018  -4.646  12.886  1.00 56.97  ? 180 PHE A O     1 
ATOM   1331 C CB    . PHE A 1 201 ? -3.845  -2.485  11.571  1.00 60.03  ? 180 PHE A CB    1 
ATOM   1332 C CG    . PHE A 1 201 ? -2.957  -1.322  11.868  1.00 60.44  ? 180 PHE A CG    1 
ATOM   1333 C CD1   . PHE A 1 201 ? -3.146  -0.098  11.227  1.00 63.34  ? 180 PHE A CD1   1 
ATOM   1334 C CD2   . PHE A 1 201 ? -1.929  -1.441  12.788  1.00 60.62  ? 180 PHE A CD2   1 
ATOM   1335 C CE1   . PHE A 1 201 ? -2.322  0.989   11.512  1.00 65.47  ? 180 PHE A CE1   1 
ATOM   1336 C CE2   . PHE A 1 201 ? -1.105  -0.358  13.078  1.00 63.90  ? 180 PHE A CE2   1 
ATOM   1337 C CZ    . PHE A 1 201 ? -1.299  0.857   12.442  1.00 64.69  ? 180 PHE A CZ    1 
ATOM   1338 N N     . ARG A 1 202 ? -6.449  -3.848  10.830  1.00 54.68  ? 181 ARG A N     1 
ATOM   1339 C CA    . ARG A 1 202 ? -7.103  -5.030  10.347  1.00 55.10  ? 181 ARG A CA    1 
ATOM   1340 C C     . ARG A 1 202 ? -6.052  -5.824  9.610   1.00 56.70  ? 181 ARG A C     1 
ATOM   1341 O O     . ARG A 1 202 ? -5.276  -5.244  8.852   1.00 64.75  ? 181 ARG A O     1 
ATOM   1342 C CB    . ARG A 1 202 ? -8.227  -4.610  9.415   1.00 60.38  ? 181 ARG A CB    1 
ATOM   1343 C CG    . ARG A 1 202 ? -8.874  -5.725  8.607   1.00 61.08  ? 181 ARG A CG    1 
ATOM   1344 C CD    . ARG A 1 202 ? -10.308 -5.889  9.005   1.00 64.49  ? 181 ARG A CD    1 
ATOM   1345 N NE    . ARG A 1 202 ? -11.092 -4.699  8.699   1.00 71.53  ? 181 ARG A NE    1 
ATOM   1346 C CZ    . ARG A 1 202 ? -12.416 -4.661  8.622   1.00 70.31  ? 181 ARG A CZ    1 
ATOM   1347 N NH1   . ARG A 1 202 ? -13.140 -5.751  8.830   1.00 68.11  ? 181 ARG A NH1   1 
ATOM   1348 N NH2   . ARG A 1 202 ? -13.015 -3.521  8.315   1.00 75.37  ? 181 ARG A NH2   1 
ATOM   1349 N N     . TYR A 1 203 ? -6.020  -7.133  9.838   1.00 53.66  ? 182 TYR A N     1 
ATOM   1350 C CA    . TYR A 1 203 ? -5.077  -8.014  9.168   1.00 50.35  ? 182 TYR A CA    1 
ATOM   1351 C C     . TYR A 1 203 ? -5.802  -9.110  8.420   1.00 51.51  ? 182 TYR A C     1 
ATOM   1352 O O     . TYR A 1 203 ? -6.896  -9.510  8.819   1.00 55.92  ? 182 TYR A O     1 
ATOM   1353 C CB    . TYR A 1 203 ? -4.117  -8.615  10.173  1.00 50.41  ? 182 TYR A CB    1 
ATOM   1354 C CG    . TYR A 1 203 ? -3.181  -7.587  10.731  1.00 52.72  ? 182 TYR A CG    1 
ATOM   1355 C CD1   . TYR A 1 203 ? -3.551  -6.801  11.816  1.00 54.26  ? 182 TYR A CD1   1 
ATOM   1356 C CD2   . TYR A 1 203 ? -1.917  -7.383  10.164  1.00 52.33  ? 182 TYR A CD2   1 
ATOM   1357 C CE1   . TYR A 1 203 ? -2.688  -5.851  12.339  1.00 54.71  ? 182 TYR A CE1   1 
ATOM   1358 C CE2   . TYR A 1 203 ? -1.058  -6.435  10.673  1.00 50.55  ? 182 TYR A CE2   1 
ATOM   1359 C CZ    . TYR A 1 203 ? -1.442  -5.665  11.760  1.00 53.09  ? 182 TYR A CZ    1 
ATOM   1360 O OH    . TYR A 1 203 ? -0.577  -4.708  12.259  1.00 58.57  ? 182 TYR A OH    1 
ATOM   1361 N N     . VAL A 1 204 ? -5.193  -9.567  7.332   1.00 50.30  ? 183 VAL A N     1 
ATOM   1362 C CA    . VAL A 1 204 ? -5.679  -10.701 6.559   1.00 52.63  ? 183 VAL A CA    1 
ATOM   1363 C C     . VAL A 1 204 ? -5.151  -12.003 7.174   1.00 56.56  ? 183 VAL A C     1 
ATOM   1364 O O     . VAL A 1 204 ? -3.997  -12.081 7.600   1.00 54.78  ? 183 VAL A O     1 
ATOM   1365 C CB    . VAL A 1 204 ? -5.249  -10.583 5.068   1.00 53.13  ? 183 VAL A CB    1 
ATOM   1366 C CG1   . VAL A 1 204 ? -5.598  -11.835 4.263   1.00 51.51  ? 183 VAL A CG1   1 
ATOM   1367 C CG2   . VAL A 1 204 ? -5.905  -9.366  4.435   1.00 53.51  ? 183 VAL A CG2   1 
ATOM   1368 N N     . LEU A 1 205 ? -6.007  -13.027 7.185   1.00 62.45  ? 184 LEU A N     1 
ATOM   1369 C CA    . LEU A 1 205 ? -5.623  -14.360 7.666   1.00 61.79  ? 184 LEU A CA    1 
ATOM   1370 C C     . LEU A 1 205 ? -5.049  -15.235 6.591   1.00 61.60  ? 184 LEU A C     1 
ATOM   1371 O O     . LEU A 1 205 ? -5.533  -15.244 5.460   1.00 61.05  ? 184 LEU A O     1 
ATOM   1372 C CB    . LEU A 1 205 ? -6.815  -15.107 8.224   1.00 61.01  ? 184 LEU A CB    1 
ATOM   1373 C CG    . LEU A 1 205 ? -7.338  -14.637 9.559   1.00 60.44  ? 184 LEU A CG    1 
ATOM   1374 C CD1   . LEU A 1 205 ? -8.581  -15.428 9.894   1.00 62.80  ? 184 LEU A CD1   1 
ATOM   1375 C CD2   . LEU A 1 205 ? -6.265  -14.929 10.567  1.00 61.20  ? 184 LEU A CD2   1 
ATOM   1376 N N     . ASP A 1 206 ? -4.032  -15.994 6.985   1.00 64.92  ? 185 ASP A N     1 
ATOM   1377 C CA    . ASP A 1 206 ? -3.448  -17.026 6.129   1.00 70.34  ? 185 ASP A CA    1 
ATOM   1378 C C     . ASP A 1 206 ? -4.298  -18.309 6.256   1.00 74.32  ? 185 ASP A C     1 
ATOM   1379 O O     . ASP A 1 206 ? -5.252  -18.342 7.047   1.00 73.17  ? 185 ASP A O     1 
ATOM   1380 C CB    . ASP A 1 206 ? -1.950  -17.214 6.464   1.00 66.51  ? 185 ASP A CB    1 
ATOM   1381 C CG    . ASP A 1 206 ? -1.709  -17.677 7.899   1.00 68.26  ? 185 ASP A CG    1 
ATOM   1382 O OD1   . ASP A 1 206 ? -2.624  -18.272 8.507   1.00 69.63  ? 185 ASP A OD1   1 
ATOM   1383 O OD2   . ASP A 1 206 ? -0.600  -17.434 8.437   1.00 65.67  ? 185 ASP A OD2   1 
ATOM   1384 N N     . LYS A 1 207 ? -3.965  -19.359 5.499   1.00 77.28  ? 186 LYS A N     1 
ATOM   1385 C CA    . LYS A 1 207 ? -4.756  -20.615 5.530   1.00 70.90  ? 186 LYS A CA    1 
ATOM   1386 C C     . LYS A 1 207 ? -4.746  -21.254 6.900   1.00 68.69  ? 186 LYS A C     1 
ATOM   1387 O O     . LYS A 1 207 ? -5.742  -21.848 7.311   1.00 73.23  ? 186 LYS A O     1 
ATOM   1388 C CB    . LYS A 1 207 ? -4.237  -21.634 4.516   1.00 68.80  ? 186 LYS A CB    1 
ATOM   1389 N N     . GLU A 1 208 ? -3.621  -21.095 7.598   1.00 65.67  ? 187 GLU A N     1 
ATOM   1390 C CA    . GLU A 1 208 ? -3.420  -21.587 8.962   1.00 64.69  ? 187 GLU A CA    1 
ATOM   1391 C C     . GLU A 1 208 ? -4.024  -20.709 10.077  1.00 69.50  ? 187 GLU A C     1 
ATOM   1392 O O     . GLU A 1 208 ? -3.740  -20.940 11.255  1.00 67.73  ? 187 GLU A O     1 
ATOM   1393 C CB    . GLU A 1 208 ? -1.922  -21.718 9.223   1.00 61.59  ? 187 GLU A CB    1 
ATOM   1394 N N     . GLY A 1 209 ? -4.804  -19.685 9.723   1.00 72.77  ? 188 GLY A N     1 
ATOM   1395 C CA    . GLY A 1 209 ? -5.479  -18.842 10.720  1.00 71.97  ? 188 GLY A CA    1 
ATOM   1396 C C     . GLY A 1 209 ? -4.630  -17.847 11.505  1.00 67.07  ? 188 GLY A C     1 
ATOM   1397 O O     . GLY A 1 209 ? -5.068  -17.361 12.538  1.00 62.73  ? 188 GLY A O     1 
ATOM   1398 N N     . LYS A 1 210 ? -3.446  -17.511 11.003  1.00 65.72  ? 189 LYS A N     1 
ATOM   1399 C CA    . LYS A 1 210 ? -2.601  -16.487 11.621  1.00 65.45  ? 189 LYS A CA    1 
ATOM   1400 C C     . LYS A 1 210 ? -2.726  -15.166 10.824  1.00 66.42  ? 189 LYS A C     1 
ATOM   1401 O O     . LYS A 1 210 ? -3.001  -15.202 9.606   1.00 66.81  ? 189 LYS A O     1 
ATOM   1402 C CB    . LYS A 1 210 ? -1.152  -16.962 11.666  1.00 65.31  ? 189 LYS A CB    1 
ATOM   1403 N N     . PRO A 1 211 ? -2.565  -14.004 11.506  1.00 58.16  ? 190 PRO A N     1 
ATOM   1404 C CA    . PRO A 1 211 ? -2.514  -12.743 10.785  1.00 53.19  ? 190 PRO A CA    1 
ATOM   1405 C C     . PRO A 1 211 ? -1.306  -12.687 9.908   1.00 50.82  ? 190 PRO A C     1 
ATOM   1406 O O     . PRO A 1 211 ? -0.225  -13.058 10.352  1.00 54.75  ? 190 PRO A O     1 
ATOM   1407 C CB    . PRO A 1 211 ? -2.377  -11.683 11.886  1.00 57.30  ? 190 PRO A CB    1 
ATOM   1408 C CG    . PRO A 1 211 ? -2.031  -12.401 13.133  1.00 55.45  ? 190 PRO A CG    1 
ATOM   1409 C CD    . PRO A 1 211 ? -2.489  -13.814 12.968  1.00 59.17  ? 190 PRO A CD    1 
ATOM   1410 N N     . ILE A 1 212 ? -1.482  -12.209 8.681   1.00 54.63  ? 191 ILE A N     1 
ATOM   1411 C CA    . ILE A 1 212 ? -0.359  -12.054 7.749   1.00 55.84  ? 191 ILE A CA    1 
ATOM   1412 C C     . ILE A 1 212 ? 0.352   -10.747 8.088   1.00 55.30  ? 191 ILE A C     1 
ATOM   1413 O O     . ILE A 1 212 ? -0.246  -9.678  7.996   1.00 57.82  ? 191 ILE A O     1 
ATOM   1414 C CB    . ILE A 1 212 ? -0.800  -12.096 6.279   1.00 52.54  ? 191 ILE A CB    1 
ATOM   1415 C CG1   . ILE A 1 212 ? -1.507  -13.425 6.002   1.00 53.70  ? 191 ILE A CG1   1 
ATOM   1416 C CG2   . ILE A 1 212 ? 0.402   -11.974 5.366   1.00 51.19  ? 191 ILE A CG2   1 
ATOM   1417 C CD1   . ILE A 1 212 ? -2.205  -13.496 4.671   1.00 54.84  ? 191 ILE A CD1   1 
ATOM   1418 N N     . LEU A 1 213 ? 1.607   -10.879 8.519   1.00 58.12  ? 192 LEU A N     1 
ATOM   1419 C CA    . LEU A 1 213 ? 2.483   -9.768  8.867   1.00 59.10  ? 192 LEU A CA    1 
ATOM   1420 C C     . LEU A 1 213 ? 3.695   -9.740  7.927   1.00 53.51  ? 192 LEU A C     1 
ATOM   1421 O O     . LEU A 1 213 ? 4.101   -10.764 7.416   1.00 55.75  ? 192 LEU A O     1 
ATOM   1422 C CB    . LEU A 1 213 ? 2.985   -9.930  10.315  1.00 61.56  ? 192 LEU A CB    1 
ATOM   1423 C CG    . LEU A 1 213 ? 2.163   -9.389  11.497  1.00 63.30  ? 192 LEU A CG    1 
ATOM   1424 C CD1   . LEU A 1 213 ? 2.859   -9.771  12.793  1.00 66.33  ? 192 LEU A CD1   1 
ATOM   1425 C CD2   . LEU A 1 213 ? 1.994   -7.884  11.439  1.00 61.59  ? 192 LEU A CD2   1 
ATOM   1426 N N     . PRO A 1 214 ? 4.289   -8.561  7.706   1.00 53.75  ? 193 PRO A N     1 
ATOM   1427 C CA    . PRO A 1 214 ? 5.545   -8.572  6.992   1.00 53.61  ? 193 PRO A CA    1 
ATOM   1428 C C     . PRO A 1 214 ? 6.557   -9.440  7.729   1.00 53.72  ? 193 PRO A C     1 
ATOM   1429 O O     . PRO A 1 214 ? 6.591   -9.469  8.968   1.00 54.71  ? 193 PRO A O     1 
ATOM   1430 C CB    . PRO A 1 214 ? 5.980   -7.091  7.024   1.00 53.83  ? 193 PRO A CB    1 
ATOM   1431 C CG    . PRO A 1 214 ? 4.722   -6.347  7.115   1.00 52.30  ? 193 PRO A CG    1 
ATOM   1432 C CD    . PRO A 1 214 ? 3.838   -7.185  7.990   1.00 55.16  ? 193 PRO A CD    1 
ATOM   1433 N N     . GLU A 1 215 ? 7.361   -10.153 6.968   1.00 53.17  ? 194 GLU A N     1 
ATOM   1434 C CA    . GLU A 1 215 ? 8.475   -10.896 7.524   1.00 54.23  ? 194 GLU A CA    1 
ATOM   1435 C C     . GLU A 1 215 ? 9.323   -9.980  8.380   1.00 51.48  ? 194 GLU A C     1 
ATOM   1436 O O     . GLU A 1 215 ? 9.634   -8.882  7.963   1.00 57.17  ? 194 GLU A O     1 
ATOM   1437 C CB    . GLU A 1 215 ? 9.309   -11.458 6.388   1.00 62.05  ? 194 GLU A CB    1 
ATOM   1438 C CG    . GLU A 1 215 ? 8.615   -12.591 5.653   1.00 61.57  ? 194 GLU A CG    1 
ATOM   1439 C CD    . GLU A 1 215 ? 9.498   -13.200 4.591   1.00 70.22  ? 194 GLU A CD    1 
ATOM   1440 O OE1   . GLU A 1 215 ? 10.744  -13.138 4.734   1.00 80.89  ? 194 GLU A OE1   1 
ATOM   1441 O OE2   . GLU A 1 215 ? 8.946   -13.730 3.606   1.00 73.35  ? 194 GLU A OE2   1 
ATOM   1442 N N     . GLY A 1 216 ? 9.665   -10.419 9.582   1.00 50.44  ? 195 GLY A N     1 
ATOM   1443 C CA    . GLY A 1 216 ? 10.447  -9.604  10.509  1.00 53.40  ? 195 GLY A CA    1 
ATOM   1444 C C     . GLY A 1 216 ? 9.668   -8.693  11.442  1.00 53.03  ? 195 GLY A C     1 
ATOM   1445 O O     . GLY A 1 216 ? 10.228  -8.170  12.401  1.00 55.90  ? 195 GLY A O     1 
ATOM   1446 N N     . MET A 1 217 ? 8.383   -8.494  11.179  1.00 55.08  ? 196 MET A N     1 
ATOM   1447 C CA    . MET A 1 217 ? 7.596   -7.541  11.954  1.00 58.12  ? 196 MET A CA    1 
ATOM   1448 C C     . MET A 1 217 ? 7.407   -7.999  13.404  1.00 59.91  ? 196 MET A C     1 
ATOM   1449 O O     . MET A 1 217 ? 7.588   -7.205  14.334  1.00 62.66  ? 196 MET A O     1 
ATOM   1450 C CB    . MET A 1 217 ? 6.253   -7.302  11.258  1.00 60.80  ? 196 MET A CB    1 
ATOM   1451 C CG    . MET A 1 217 ? 5.360   -6.221  11.883  1.00 60.16  ? 196 MET A CG    1 
ATOM   1452 S SD    . MET A 1 217 ? 5.960   -4.557  11.652  1.00 57.32  ? 196 MET A SD    1 
ATOM   1453 C CE    . MET A 1 217 ? 5.741   -4.356  9.883   1.00 60.31  ? 196 MET A CE    1 
ATOM   1454 N N     . LEU A 1 218 ? 7.086   -9.283  13.584  1.00 62.37  ? 197 LEU A N     1 
ATOM   1455 C CA    . LEU A 1 218 ? 6.856   -9.870  14.913  1.00 62.96  ? 197 LEU A CA    1 
ATOM   1456 C C     . LEU A 1 218 ? 8.011   -9.672  15.897  1.00 62.65  ? 197 LEU A C     1 
ATOM   1457 O O     . LEU A 1 218 ? 7.795   -9.381  17.087  1.00 59.78  ? 197 LEU A O     1 
ATOM   1458 C CB    . LEU A 1 218 ? 6.581   -11.366 14.784  1.00 68.06  ? 197 LEU A CB    1 
ATOM   1459 N N     . ASP A 1 219 ? 9.233   -9.847  15.399  1.00 64.67  ? 198 ASP A N     1 
ATOM   1460 C CA    . ASP A 1 219 ? 10.431  -9.598  16.221  1.00 67.11  ? 198 ASP A CA    1 
ATOM   1461 C C     . ASP A 1 219 ? 10.557  -8.132  16.631  1.00 60.79  ? 198 ASP A C     1 
ATOM   1462 O O     . ASP A 1 219 ? 10.851  -7.818  17.781  1.00 59.50  ? 198 ASP A O     1 
ATOM   1463 C CB    . ASP A 1 219 ? 11.684  -10.051 15.481  1.00 73.41  ? 198 ASP A CB    1 
ATOM   1464 C CG    . ASP A 1 219 ? 11.662  -11.551 15.155  1.00 76.49  ? 198 ASP A CG    1 
ATOM   1465 O OD1   . ASP A 1 219 ? 12.108  -12.348 16.021  1.00 75.59  ? 198 ASP A OD1   1 
ATOM   1466 O OD2   . ASP A 1 219 ? 11.169  -11.909 14.045  1.00 70.56  ? 198 ASP A OD2   1 
ATOM   1467 N N     . LEU A 1 220 ? 10.290  -7.235  15.695  1.00 60.28  ? 199 LEU A N     1 
ATOM   1468 C CA    . LEU A 1 220 ? 10.318  -5.809  15.994  1.00 65.44  ? 199 LEU A CA    1 
ATOM   1469 C C     . LEU A 1 220 ? 9.291   -5.447  17.061  1.00 69.03  ? 199 LEU A C     1 
ATOM   1470 O O     . LEU A 1 220 ? 9.570   -4.626  17.947  1.00 64.09  ? 199 LEU A O     1 
ATOM   1471 C CB    . LEU A 1 220 ? 10.051  -4.983  14.734  1.00 66.25  ? 199 LEU A CB    1 
ATOM   1472 C CG    . LEU A 1 220 ? 10.258  -3.478  14.957  1.00 65.85  ? 199 LEU A CG    1 
ATOM   1473 C CD1   . LEU A 1 220 ? 11.729  -3.127  14.838  1.00 68.75  ? 199 LEU A CD1   1 
ATOM   1474 C CD2   . LEU A 1 220 ? 9.431   -2.650  13.989  1.00 64.57  ? 199 LEU A CD2   1 
ATOM   1475 N N     . ILE A 1 221 ? 8.109   -6.056  16.960  1.00 69.08  ? 200 ILE A N     1 
ATOM   1476 C CA    . ILE A 1 221 ? 7.054   -5.877  17.960  1.00 67.29  ? 200 ILE A CA    1 
ATOM   1477 C C     . ILE A 1 221 ? 7.526   -6.357  19.344  1.00 65.42  ? 200 ILE A C     1 
ATOM   1478 O O     . ILE A 1 221 ? 7.307   -5.665  20.345  1.00 68.62  ? 200 ILE A O     1 
ATOM   1479 C CB    . ILE A 1 221 ? 5.752   -6.619  17.550  1.00 65.14  ? 200 ILE A CB    1 
ATOM   1480 C CG1   . ILE A 1 221 ? 5.158   -6.004  16.285  1.00 67.53  ? 200 ILE A CG1   1 
ATOM   1481 C CG2   . ILE A 1 221 ? 4.716   -6.542  18.667  1.00 64.72  ? 200 ILE A CG2   1 
ATOM   1482 C CD1   . ILE A 1 221 ? 4.017   -6.804  15.692  1.00 70.57  ? 200 ILE A CD1   1 
ATOM   1483 N N     . LYS A 1 222 ? 8.169   -7.528  19.398  1.00 58.95  ? 201 LYS A N     1 
ATOM   1484 C CA    . LYS A 1 222 ? 8.613   -8.107  20.675  1.00 62.42  ? 201 LYS A CA    1 
ATOM   1485 C C     . LYS A 1 222 ? 9.553   -7.171  21.438  1.00 63.12  ? 201 LYS A C     1 
ATOM   1486 O O     . LYS A 1 222 ? 10.448  -6.563  20.845  1.00 72.35  ? 201 LYS A O     1 
ATOM   1487 C CB    . LYS A 1 222 ? 9.285   -9.476  20.468  1.00 61.40  ? 201 LYS A CB    1 
HETATM 1488 C CS    . MTA B 2 .   ? -1.925  4.786   6.703   1.00 68.94  ? 301 MTA A CS    1 
HETATM 1489 S "S5'" . MTA B 2 .   ? -2.658  3.358   5.983   1.00 65.11  ? 301 MTA A "S5'" 1 
HETATM 1490 C "C5'" . MTA B 2 .   ? -1.788  3.032   4.493   1.00 61.84  ? 301 MTA A "C5'" 1 
HETATM 1491 C "C4'" . MTA B 2 .   ? -2.655  3.222   3.225   1.00 62.34  ? 301 MTA A "C4'" 1 
HETATM 1492 O "O4'" . MTA B 2 .   ? -3.399  2.049   2.877   1.00 57.99  ? 301 MTA A "O4'" 1 
HETATM 1493 C "C2'" . MTA B 2 .   ? -4.712  3.901   2.231   1.00 56.81  ? 301 MTA A "C2'" 1 
HETATM 1494 O "O2'" . MTA B 2 .   ? -4.283  4.213   0.894   1.00 52.46  ? 301 MTA A "O2'" 1 
HETATM 1495 C "C3'" . MTA B 2 .   ? -3.718  4.314   3.280   1.00 57.70  ? 301 MTA A "C3'" 1 
HETATM 1496 O "O3'" . MTA B 2 .   ? -3.168  5.584   2.973   1.00 58.80  ? 301 MTA A "O3'" 1 
HETATM 1497 C "C1'" . MTA B 2 .   ? -4.677  2.417   2.367   1.00 55.26  ? 301 MTA A "C1'" 1 
HETATM 1498 N N9    . MTA B 2 .   ? -5.726  2.011   3.311   1.00 57.99  ? 301 MTA A N9    1 
HETATM 1499 C C8    . MTA B 2 .   ? -5.520  1.702   4.596   1.00 58.35  ? 301 MTA A C8    1 
HETATM 1500 N N7    . MTA B 2 .   ? -6.677  1.355   5.208   1.00 54.96  ? 301 MTA A N7    1 
HETATM 1501 C C5    . MTA B 2 .   ? -7.641  1.427   4.282   1.00 55.77  ? 301 MTA A C5    1 
HETATM 1502 C C6    . MTA B 2 .   ? -9.099  1.188   4.254   1.00 53.86  ? 301 MTA A C6    1 
HETATM 1503 N N6    . MTA B 2 .   ? -9.830  0.785   5.316   1.00 55.55  ? 301 MTA A N6    1 
HETATM 1504 N N1    . MTA B 2 .   ? -9.738  1.396   3.088   1.00 53.24  ? 301 MTA A N1    1 
HETATM 1505 C C2    . MTA B 2 .   ? -9.101  1.803   1.968   1.00 52.29  ? 301 MTA A C2    1 
HETATM 1506 N N3    . MTA B 2 .   ? -7.790  2.040   1.917   1.00 50.12  ? 301 MTA A N3    1 
HETATM 1507 C C4    . MTA B 2 .   ? -7.023  1.871   3.022   1.00 55.25  ? 301 MTA A C4    1 
HETATM 1508 O O     . HOH C 3 .   ? 9.243   -1.237  -7.380  1.00 34.98  ? 401 HOH A O     1 
HETATM 1509 O O     . HOH C 3 .   ? -14.040 9.721   -5.201  1.00 46.49  ? 402 HOH A O     1 
HETATM 1510 O O     . HOH C 3 .   ? -5.367  16.351  -10.296 1.00 41.72  ? 403 HOH A O     1 
HETATM 1511 O O     . HOH C 3 .   ? -3.253  7.924   9.823   1.00 49.76  ? 404 HOH A O     1 
HETATM 1512 O O     . HOH C 3 .   ? -2.923  -18.485 0.791   1.00 63.73  ? 405 HOH A O     1 
# 
loop_
_pdbx_poly_seq_scheme.asym_id 
_pdbx_poly_seq_scheme.entity_id 
_pdbx_poly_seq_scheme.seq_id 
_pdbx_poly_seq_scheme.mon_id 
_pdbx_poly_seq_scheme.ndb_seq_num 
_pdbx_poly_seq_scheme.pdb_seq_num 
_pdbx_poly_seq_scheme.auth_seq_num 
_pdbx_poly_seq_scheme.pdb_mon_id 
_pdbx_poly_seq_scheme.auth_mon_id 
_pdbx_poly_seq_scheme.pdb_strand_id 
_pdbx_poly_seq_scheme.pdb_ins_code 
_pdbx_poly_seq_scheme.hetero 
A 1 1   MET 1   -20 ?   ?   ?   A . n 
A 1 2   GLY 2   -19 ?   ?   ?   A . n 
A 1 3   SER 3   -18 ?   ?   ?   A . n 
A 1 4   SER 4   -17 ?   ?   ?   A . n 
A 1 5   HIS 5   -16 ?   ?   ?   A . n 
A 1 6   HIS 6   -15 ?   ?   ?   A . n 
A 1 7   HIS 7   -14 ?   ?   ?   A . n 
A 1 8   HIS 8   -13 ?   ?   ?   A . n 
A 1 9   HIS 9   -12 ?   ?   ?   A . n 
A 1 10  HIS 10  -11 ?   ?   ?   A . n 
A 1 11  LEU 11  -10 ?   ?   ?   A . n 
A 1 12  GLU 12  -9  ?   ?   ?   A . n 
A 1 13  VAL 13  -8  ?   ?   ?   A . n 
A 1 14  LEU 14  -7  ?   ?   ?   A . n 
A 1 15  PHE 15  -6  ?   ?   ?   A . n 
A 1 16  GLN 16  -5  ?   ?   ?   A . n 
A 1 17  GLY 17  -4  ?   ?   ?   A . n 
A 1 18  PRO 18  -3  ?   ?   ?   A . n 
A 1 19  HIS 19  -2  ?   ?   ?   A . n 
A 1 20  MET 20  -1  ?   ?   ?   A . n 
A 1 21  ALA 21  0   ?   ?   ?   A . n 
A 1 22  SER 22  1   1   SER SER A . n 
A 1 23  LYS 23  2   2   LYS LYS A . n 
A 1 24  TYR 24  3   3   TYR TYR A . n 
A 1 25  ILE 25  4   4   ILE ILE A . n 
A 1 26  ILE 26  5   5   ILE ILE A . n 
A 1 27  GLU 27  6   6   GLU GLU A . n 
A 1 28  HIS 28  7   7   HIS HIS A . n 
A 1 29  MET 29  8   8   MET MET A . n 
A 1 30  GLU 30  9   9   GLU GLU A . n 
A 1 31  GLU 31  10  10  GLU GLU A . n 
A 1 32  GLY 32  11  11  GLY GLY A . n 
A 1 33  PHE 33  12  12  PHE PHE A . n 
A 1 34  SER 34  13  13  SER SER A . n 
A 1 35  GLU 35  14  14  GLU GLU A . n 
A 1 36  TRP 36  15  15  TRP TRP A . n 
A 1 37  VAL 37  16  16  VAL VAL A . n 
A 1 38  ILE 38  17  17  ILE ILE A . n 
A 1 39  LEU 39  18  18  LEU LEU A . n 
A 1 40  GLU 40  19  19  GLU GLU A . n 
A 1 41  TYR 41  20  20  TYR TYR A . n 
A 1 42  SER 42  21  21  SER SER A . n 
A 1 43  GLN 43  22  22  GLN GLN A . n 
A 1 44  ILE 44  23  23  ILE ILE A . n 
A 1 45  LEU 45  24  24  LEU LEU A . n 
A 1 46  ARG 46  25  25  ARG ARG A . n 
A 1 47  GLU 47  26  26  GLU GLU A . n 
A 1 48  VAL 48  27  27  VAL VAL A . n 
A 1 49  GLY 49  28  28  GLY GLY A . n 
A 1 50  ALA 50  29  29  ALA ALA A . n 
A 1 51  GLU 51  30  30  GLU GLU A . n 
A 1 52  ASN 52  31  31  ASN ASN A . n 
A 1 53  LEU 53  32  32  LEU LEU A . n 
A 1 54  ILE 54  33  33  ILE ILE A . n 
A 1 55  LEU 55  34  34  LEU LEU A . n 
A 1 56  SER 56  35  35  SER SER A . n 
A 1 57  SER 57  36  36  SER SER A . n 
A 1 58  LEU 58  37  37  LEU LEU A . n 
A 1 59  PRO 59  38  38  PRO PRO A . n 
A 1 60  GLU 60  39  39  GLU GLU A . n 
A 1 61  SER 61  40  40  SER SER A . n 
A 1 62  THR 62  41  41  THR THR A . n 
A 1 63  THR 63  42  42  THR THR A . n 
A 1 64  GLU 64  43  43  GLU GLU A . n 
A 1 65  LYS 65  44  44  LYS LYS A . n 
A 1 66  ASP 66  45  45  ASP ASP A . n 
A 1 67  ILE 67  46  46  ILE ILE A . n 
A 1 68  PRO 68  47  47  PRO PRO A . n 
A 1 69  GLN 69  48  48  GLN GLN A . n 
A 1 70  ARG 70  49  49  ARG ARG A . n 
A 1 71  LEU 71  50  50  LEU LEU A . n 
A 1 72  LEU 72  51  51  LEU LEU A . n 
A 1 73  LYS 73  52  52  LYS LYS A . n 
A 1 74  LEU 74  53  53  LEU LEU A . n 
A 1 75  GLY 75  54  54  GLY GLY A . n 
A 1 76  LEU 76  55  55  LEU LEU A . n 
A 1 77  ARG 77  56  56  ARG ARG A . n 
A 1 78  TRP 78  57  57  TRP TRP A . n 
A 1 79  THR 79  58  58  THR THR A . n 
A 1 80  THR 80  59  59  THR THR A . n 
A 1 81  LYS 81  60  60  LYS LYS A . n 
A 1 82  ASP 82  61  61  ASP ASP A . n 
A 1 83  LEU 83  62  62  LEU LEU A . n 
A 1 84  LYS 84  63  63  LYS LYS A . n 
A 1 85  GLY 85  64  64  GLY GLY A . n 
A 1 86  ILE 86  65  65  ILE ILE A . n 
A 1 87  ASN 87  66  66  ASN ASN A . n 
A 1 88  GLU 88  67  67  GLU GLU A . n 
A 1 89  ASP 89  68  68  ASP ASP A . n 
A 1 90  PHE 90  69  69  PHE PHE A . n 
A 1 91  LYS 91  70  70  LYS LYS A . n 
A 1 92  ASP 92  71  71  ASP ASP A . n 
A 1 93  LEU 93  72  72  LEU LEU A . n 
A 1 94  GLU 94  73  73  GLU GLU A . n 
A 1 95  LEU 95  74  74  LEU LEU A . n 
A 1 96  LEU 96  75  75  LEU LEU A . n 
A 1 97  LYS 97  76  76  LYS LYS A . n 
A 1 98  ASP 98  77  77  ASP ASP A . n 
A 1 99  GLY 99  78  78  GLY GLY A . n 
A 1 100 ARG 100 79  79  ARG ARG A . n 
A 1 101 VAL 101 80  80  VAL VAL A . n 
A 1 102 CYS 102 81  81  CYS CYS A . n 
A 1 103 LEU 103 82  82  LEU LEU A . n 
A 1 104 LEU 104 83  83  LEU LEU A . n 
A 1 105 ASP 105 84  84  ASP ASP A . n 
A 1 106 PRO 106 85  85  PRO PRO A . n 
A 1 107 ARG 107 86  86  ARG ARG A . n 
A 1 108 ALA 108 87  87  ALA ALA A . n 
A 1 109 THR 109 88  88  THR THR A . n 
A 1 110 ILE 110 89  89  ILE ILE A . n 
A 1 111 ASP 111 90  90  ASP ASP A . n 
A 1 112 LEU 112 91  91  LEU LEU A . n 
A 1 113 GLN 113 92  92  GLN GLN A . n 
A 1 114 PRO 114 93  93  PRO PRO A . n 
A 1 115 GLU 115 94  94  GLU GLU A . n 
A 1 116 ASP 116 95  95  ASP ASP A . n 
A 1 117 ALA 117 96  96  ALA ALA A . n 
A 1 118 THR 118 97  97  THR THR A . n 
A 1 119 LYS 119 98  98  LYS LYS A . n 
A 1 120 PHE 120 99  99  PHE PHE A . n 
A 1 121 ASP 121 100 100 ASP ASP A . n 
A 1 122 TYR 122 101 101 TYR TYR A . n 
A 1 123 PHE 123 102 102 PHE PHE A . n 
A 1 124 VAL 124 103 103 VAL VAL A . n 
A 1 125 PHE 125 104 104 PHE PHE A . n 
A 1 126 GLY 126 105 105 GLY GLY A . n 
A 1 127 GLY 127 106 106 GLY GLY A . n 
A 1 128 ILE 128 107 107 ILE ILE A . n 
A 1 129 LEU 129 108 108 LEU LEU A . n 
A 1 130 GLY 130 109 109 GLY GLY A . n 
A 1 131 ASP 131 110 110 ASP ASP A . n 
A 1 132 HIS 132 111 ?   ?   ?   A . n 
A 1 133 PRO 133 112 ?   ?   ?   A . n 
A 1 134 PRO 134 113 ?   ?   ?   A . n 
A 1 135 ARG 135 114 ?   ?   ?   A . n 
A 1 136 ASP 136 115 115 ASP ASP A . n 
A 1 137 ARG 137 116 116 ARG ARG A . n 
A 1 138 THR 138 117 117 THR THR A . n 
A 1 139 LYS 139 118 118 LYS LYS A . n 
A 1 140 GLU 140 119 119 GLU GLU A . n 
A 1 141 LEU 141 120 120 LEU LEU A . n 
A 1 142 LYS 142 121 121 LYS LYS A . n 
A 1 143 THR 143 122 122 THR THR A . n 
A 1 144 ALA 144 123 123 ALA ALA A . n 
A 1 145 TYR 145 124 124 TYR TYR A . n 
A 1 146 PRO 146 125 125 PRO PRO A . n 
A 1 147 ASN 147 126 126 ASN ASN A . n 
A 1 148 LEU 148 127 127 LEU LEU A . n 
A 1 149 LEU 149 128 128 LEU LEU A . n 
A 1 150 ILE 150 129 129 ILE ILE A . n 
A 1 151 SER 151 130 130 SER SER A . n 
A 1 152 ARG 152 131 131 ARG ARG A . n 
A 1 153 ARG 153 132 132 ARG ARG A . n 
A 1 154 LEU 154 133 133 LEU LEU A . n 
A 1 155 GLY 155 134 134 GLY GLY A . n 
A 1 156 ASP 156 135 135 ASP ASP A . n 
A 1 157 LYS 157 136 136 LYS LYS A . n 
A 1 158 GLN 158 137 137 GLN GLN A . n 
A 1 159 MET 159 138 138 MET MET A . n 
A 1 160 THR 160 139 139 THR THR A . n 
A 1 161 THR 161 140 140 THR THR A . n 
A 1 162 ASP 162 141 141 ASP ASP A . n 
A 1 163 THR 163 142 142 THR THR A . n 
A 1 164 ALA 164 143 143 ALA ALA A . n 
A 1 165 ILE 165 144 144 ILE ILE A . n 
A 1 166 ARG 166 145 145 ARG ARG A . n 
A 1 167 THR 167 146 146 THR THR A . n 
A 1 168 THR 168 147 147 THR THR A . n 
A 1 169 GLN 169 148 148 GLN GLN A . n 
A 1 170 LEU 170 149 149 LEU LEU A . n 
A 1 171 ILE 171 150 150 ILE ILE A . n 
A 1 172 ILE 172 151 151 ILE ILE A . n 
A 1 173 LYS 173 152 152 LYS LYS A . n 
A 1 174 ASP 174 153 153 ASP ASP A . n 
A 1 175 ARG 175 154 154 ARG ARG A . n 
A 1 176 ILE 176 155 155 ILE ILE A . n 
A 1 177 ALA 177 156 156 ALA ALA A . n 
A 1 178 PHE 178 157 157 PHE PHE A . n 
A 1 179 GLU 179 158 158 GLU GLU A . n 
A 1 180 ASP 180 159 159 ASP ASP A . n 
A 1 181 ILE 181 160 160 ILE ILE A . n 
A 1 182 LYS 182 161 161 LYS LYS A . n 
A 1 183 PHE 183 162 162 PHE PHE A . n 
A 1 184 ILE 184 163 163 ILE ILE A . n 
A 1 185 ASP 185 164 164 ASP ASP A . n 
A 1 186 TYR 186 165 165 TYR TYR A . n 
A 1 187 PRO 187 166 166 PRO PRO A . n 
A 1 188 GLU 188 167 167 GLU GLU A . n 
A 1 189 PHE 189 168 168 PHE PHE A . n 
A 1 190 ARG 190 169 169 ARG ARG A . n 
A 1 191 PHE 191 170 170 PHE PHE A . n 
A 1 192 ASN 192 171 171 ASN ASN A . n 
A 1 193 LYS 193 172 172 LYS LYS A . n 
A 1 194 ASN 194 173 ?   ?   ?   A . n 
A 1 195 GLU 195 174 ?   ?   ?   A . n 
A 1 196 ALA 196 175 175 ALA ALA A . n 
A 1 197 THR 197 176 176 THR THR A . n 
A 1 198 GLU 198 177 177 GLU GLU A . n 
A 1 199 MET 199 178 178 MET MET A . n 
A 1 200 PRO 200 179 179 PRO PRO A . n 
A 1 201 PHE 201 180 180 PHE PHE A . n 
A 1 202 ARG 202 181 181 ARG ARG A . n 
A 1 203 TYR 203 182 182 TYR TYR A . n 
A 1 204 VAL 204 183 183 VAL VAL A . n 
A 1 205 LEU 205 184 184 LEU LEU A . n 
A 1 206 ASP 206 185 185 ASP ASP A . n 
A 1 207 LYS 207 186 186 LYS LYS A . n 
A 1 208 GLU 208 187 187 GLU GLU A . n 
A 1 209 GLY 209 188 188 GLY GLY A . n 
A 1 210 LYS 210 189 189 LYS LYS A . n 
A 1 211 PRO 211 190 190 PRO PRO A . n 
A 1 212 ILE 212 191 191 ILE ILE A . n 
A 1 213 LEU 213 192 192 LEU LEU A . n 
A 1 214 PRO 214 193 193 PRO PRO A . n 
A 1 215 GLU 215 194 194 GLU GLU A . n 
A 1 216 GLY 216 195 195 GLY GLY A . n 
A 1 217 MET 217 196 196 MET MET A . n 
A 1 218 LEU 218 197 197 LEU LEU A . n 
A 1 219 ASP 219 198 198 ASP ASP A . n 
A 1 220 LEU 220 199 199 LEU LEU A . n 
A 1 221 ILE 221 200 200 ILE ILE A . n 
A 1 222 LYS 222 201 201 LYS LYS A . n 
A 1 223 LYS 223 202 ?   ?   ?   A . n 
A 1 224 ASP 224 203 ?   ?   ?   A . n 
A 1 225 SER 225 204 ?   ?   ?   A . n 
A 1 226 ALA 226 205 ?   ?   ?   A . n 
A 1 227 GLN 227 206 ?   ?   ?   A . n 
A 1 228 SER 228 207 ?   ?   ?   A . n 
A 1 229 LEU 229 208 ?   ?   ?   A . n 
A 1 230 ASP 230 209 ?   ?   ?   A . n 
A 1 231 ASP 231 210 ?   ?   ?   A . n 
A 1 232 LEU 232 211 ?   ?   ?   A . n 
A 1 233 LEU 233 212 ?   ?   ?   A . n 
A 1 234 MET 234 213 ?   ?   ?   A . n 
# 
loop_
_pdbx_nonpoly_scheme.asym_id 
_pdbx_nonpoly_scheme.entity_id 
_pdbx_nonpoly_scheme.mon_id 
_pdbx_nonpoly_scheme.ndb_seq_num 
_pdbx_nonpoly_scheme.pdb_seq_num 
_pdbx_nonpoly_scheme.auth_seq_num 
_pdbx_nonpoly_scheme.pdb_mon_id 
_pdbx_nonpoly_scheme.auth_mon_id 
_pdbx_nonpoly_scheme.pdb_strand_id 
_pdbx_nonpoly_scheme.pdb_ins_code 
B 2 MTA 1 301 1 MTA MTA A . 
C 3 HOH 1 401 1 HOH HOH A . 
C 3 HOH 2 402 3 HOH HOH A . 
C 3 HOH 3 403 8 HOH HOH A . 
C 3 HOH 4 404 5 HOH HOH A . 
C 3 HOH 5 405 7 HOH HOH A . 
# 
_pdbx_struct_assembly.id                   1 
_pdbx_struct_assembly.details              author_defined_assembly 
_pdbx_struct_assembly.method_details       ? 
_pdbx_struct_assembly.oligomeric_details   monomeric 
_pdbx_struct_assembly.oligomeric_count     1 
# 
_pdbx_struct_assembly_gen.assembly_id       1 
_pdbx_struct_assembly_gen.oper_expression   1 
_pdbx_struct_assembly_gen.asym_id_list      A,B,C 
# 
_pdbx_struct_oper_list.id                   1 
_pdbx_struct_oper_list.type                 'identity operation' 
_pdbx_struct_oper_list.name                 1_555 
_pdbx_struct_oper_list.symmetry_operation   x,y,z 
_pdbx_struct_oper_list.matrix[1][1]         1.0000000000 
_pdbx_struct_oper_list.matrix[1][2]         0.0000000000 
_pdbx_struct_oper_list.matrix[1][3]         0.0000000000 
_pdbx_struct_oper_list.vector[1]            0.0000000000 
_pdbx_struct_oper_list.matrix[2][1]         0.0000000000 
_pdbx_struct_oper_list.matrix[2][2]         1.0000000000 
_pdbx_struct_oper_list.matrix[2][3]         0.0000000000 
_pdbx_struct_oper_list.vector[2]            0.0000000000 
_pdbx_struct_oper_list.matrix[3][1]         0.0000000000 
_pdbx_struct_oper_list.matrix[3][2]         0.0000000000 
_pdbx_struct_oper_list.matrix[3][3]         1.0000000000 
_pdbx_struct_oper_list.vector[3]            0.0000000000 
# 
loop_
_pdbx_audit_revision_history.ordinal 
_pdbx_audit_revision_history.data_content_type 
_pdbx_audit_revision_history.major_revision 
_pdbx_audit_revision_history.minor_revision 
_pdbx_audit_revision_history.revision_date 
1 'Structure model' 1 0 2017-01-18 
2 'Structure model' 1 1 2017-04-05 
3 'Structure model' 1 2 2017-08-30 
4 'Structure model' 1 3 2023-11-08 
# 
_pdbx_audit_revision_details.ordinal             1 
_pdbx_audit_revision_details.revision_ordinal    1 
_pdbx_audit_revision_details.data_content_type   'Structure model' 
_pdbx_audit_revision_details.provider            repository 
_pdbx_audit_revision_details.type                'Initial release' 
_pdbx_audit_revision_details.description         ? 
_pdbx_audit_revision_details.details             ? 
# 
loop_
_pdbx_audit_revision_group.ordinal 
_pdbx_audit_revision_group.revision_ordinal 
_pdbx_audit_revision_group.data_content_type 
_pdbx_audit_revision_group.group 
1 2 'Structure model' 'Database references'    
2 3 'Structure model' 'Data collection'        
3 4 'Structure model' 'Data collection'        
4 4 'Structure model' 'Database references'    
5 4 'Structure model' 'Refinement description' 
# 
loop_
_pdbx_audit_revision_category.ordinal 
_pdbx_audit_revision_category.revision_ordinal 
_pdbx_audit_revision_category.data_content_type 
_pdbx_audit_revision_category.category 
1 3 'Structure model' diffrn_detector               
2 4 'Structure model' chem_comp_atom                
3 4 'Structure model' chem_comp_bond                
4 4 'Structure model' database_2                    
5 4 'Structure model' pdbx_initial_refinement_model 
# 
loop_
_pdbx_audit_revision_item.ordinal 
_pdbx_audit_revision_item.revision_ordinal 
_pdbx_audit_revision_item.data_content_type 
_pdbx_audit_revision_item.item 
1 3 'Structure model' '_diffrn_detector.detector'           
2 4 'Structure model' '_database_2.pdbx_DOI'                
3 4 'Structure model' '_database_2.pdbx_database_accession' 
# 
loop_
_software.citation_id 
_software.classification 
_software.compiler_name 
_software.compiler_version 
_software.contact_author 
_software.contact_author_email 
_software.date 
_software.description 
_software.dependencies 
_software.hardware 
_software.language 
_software.location 
_software.mods 
_software.name 
_software.os 
_software.os_version 
_software.type 
_software.version 
_software.pdbx_ordinal 
? refinement       ? ? ? ? ? ? ? ? ? ? ? REFMAC   ? ? ? 5.8.0135 1 
? 'data reduction' ? ? ? ? ? ? ? ? ? ? ? HKL-3000 ? ? ? .        2 
? 'data scaling'   ? ? ? ? ? ? ? ? ? ? ? HKL-3000 ? ? ? .        3 
? phasing          ? ? ? ? ? ? ? ? ? ? ? PHASER   ? ? ? .        4 
# 
_pdbx_validate_close_contact.id               1 
_pdbx_validate_close_contact.PDB_model_num    1 
_pdbx_validate_close_contact.auth_atom_id_1   OE1 
_pdbx_validate_close_contact.auth_asym_id_1   A 
_pdbx_validate_close_contact.auth_comp_id_1   GLU 
_pdbx_validate_close_contact.auth_seq_id_1    26 
_pdbx_validate_close_contact.PDB_ins_code_1   ? 
_pdbx_validate_close_contact.label_alt_id_1   ? 
_pdbx_validate_close_contact.auth_atom_id_2   NH1 
_pdbx_validate_close_contact.auth_asym_id_2   A 
_pdbx_validate_close_contact.auth_comp_id_2   ARG 
_pdbx_validate_close_contact.auth_seq_id_2    145 
_pdbx_validate_close_contact.PDB_ins_code_2   ? 
_pdbx_validate_close_contact.label_alt_id_2   ? 
_pdbx_validate_close_contact.dist             2.02 
# 
loop_
_pdbx_validate_torsion.id 
_pdbx_validate_torsion.PDB_model_num 
_pdbx_validate_torsion.auth_comp_id 
_pdbx_validate_torsion.auth_asym_id 
_pdbx_validate_torsion.auth_seq_id 
_pdbx_validate_torsion.PDB_ins_code 
_pdbx_validate_torsion.label_alt_id 
_pdbx_validate_torsion.phi 
_pdbx_validate_torsion.psi 
1 1 GLU A 10  ? ? -70.42  -72.81 
2 1 LYS A 63  ? ? -69.76  11.02  
3 1 LEU A 133 ? ? -119.72 54.21  
# 
loop_
_pdbx_unobs_or_zero_occ_atoms.id 
_pdbx_unobs_or_zero_occ_atoms.PDB_model_num 
_pdbx_unobs_or_zero_occ_atoms.polymer_flag 
_pdbx_unobs_or_zero_occ_atoms.occupancy_flag 
_pdbx_unobs_or_zero_occ_atoms.auth_asym_id 
_pdbx_unobs_or_zero_occ_atoms.auth_comp_id 
_pdbx_unobs_or_zero_occ_atoms.auth_seq_id 
_pdbx_unobs_or_zero_occ_atoms.PDB_ins_code 
_pdbx_unobs_or_zero_occ_atoms.auth_atom_id 
_pdbx_unobs_or_zero_occ_atoms.label_alt_id 
_pdbx_unobs_or_zero_occ_atoms.label_asym_id 
_pdbx_unobs_or_zero_occ_atoms.label_comp_id 
_pdbx_unobs_or_zero_occ_atoms.label_seq_id 
_pdbx_unobs_or_zero_occ_atoms.label_atom_id 
1   1 Y 1 A SER 1   ? OG  ? A SER 22  OG  
2   1 Y 1 A LYS 2   ? CG  ? A LYS 23  CG  
3   1 Y 1 A LYS 2   ? CD  ? A LYS 23  CD  
4   1 Y 1 A LYS 2   ? CE  ? A LYS 23  CE  
5   1 Y 1 A LYS 2   ? NZ  ? A LYS 23  NZ  
6   1 Y 1 A GLU 39  ? CG  ? A GLU 60  CG  
7   1 Y 1 A GLU 39  ? CD  ? A GLU 60  CD  
8   1 Y 1 A GLU 39  ? OE1 ? A GLU 60  OE1 
9   1 Y 1 A GLU 39  ? OE2 ? A GLU 60  OE2 
10  1 Y 1 A LYS 44  ? CG  ? A LYS 65  CG  
11  1 Y 1 A LYS 44  ? CD  ? A LYS 65  CD  
12  1 Y 1 A LYS 44  ? CE  ? A LYS 65  CE  
13  1 Y 1 A LYS 44  ? NZ  ? A LYS 65  NZ  
14  1 Y 1 A LYS 63  ? CG  ? A LYS 84  CG  
15  1 Y 1 A LYS 63  ? CD  ? A LYS 84  CD  
16  1 Y 1 A LYS 63  ? CE  ? A LYS 84  CE  
17  1 Y 1 A LYS 63  ? NZ  ? A LYS 84  NZ  
18  1 Y 1 A LYS 70  ? CG  ? A LYS 91  CG  
19  1 Y 1 A LYS 70  ? CD  ? A LYS 91  CD  
20  1 Y 1 A LYS 70  ? CE  ? A LYS 91  CE  
21  1 Y 1 A LYS 70  ? NZ  ? A LYS 91  NZ  
22  1 Y 1 A ASP 71  ? CG  ? A ASP 92  CG  
23  1 Y 1 A ASP 71  ? OD1 ? A ASP 92  OD1 
24  1 Y 1 A ASP 71  ? OD2 ? A ASP 92  OD2 
25  1 Y 1 A GLU 73  ? CG  ? A GLU 94  CG  
26  1 Y 1 A GLU 73  ? CD  ? A GLU 94  CD  
27  1 Y 1 A GLU 73  ? OE1 ? A GLU 94  OE1 
28  1 Y 1 A GLU 73  ? OE2 ? A GLU 94  OE2 
29  1 Y 1 A LEU 74  ? CG  ? A LEU 95  CG  
30  1 Y 1 A LEU 74  ? CD1 ? A LEU 95  CD1 
31  1 Y 1 A LEU 74  ? CD2 ? A LEU 95  CD2 
32  1 Y 1 A LYS 76  ? CG  ? A LYS 97  CG  
33  1 Y 1 A LYS 76  ? CD  ? A LYS 97  CD  
34  1 Y 1 A LYS 76  ? CE  ? A LYS 97  CE  
35  1 Y 1 A LYS 76  ? NZ  ? A LYS 97  NZ  
36  1 Y 1 A ARG 86  ? CG  ? A ARG 107 CG  
37  1 Y 1 A ARG 86  ? CD  ? A ARG 107 CD  
38  1 Y 1 A ARG 86  ? NE  ? A ARG 107 NE  
39  1 Y 1 A ARG 86  ? CZ  ? A ARG 107 CZ  
40  1 Y 1 A ARG 86  ? NH1 ? A ARG 107 NH1 
41  1 Y 1 A ARG 86  ? NH2 ? A ARG 107 NH2 
42  1 Y 1 A GLN 92  ? CG  ? A GLN 113 CG  
43  1 Y 1 A GLN 92  ? CD  ? A GLN 113 CD  
44  1 Y 1 A GLN 92  ? OE1 ? A GLN 113 OE1 
45  1 Y 1 A GLN 92  ? NE2 ? A GLN 113 NE2 
46  1 Y 1 A LYS 98  ? CG  ? A LYS 119 CG  
47  1 Y 1 A LYS 98  ? CD  ? A LYS 119 CD  
48  1 Y 1 A LYS 98  ? CE  ? A LYS 119 CE  
49  1 Y 1 A LYS 98  ? NZ  ? A LYS 119 NZ  
50  1 Y 1 A ILE 107 ? CG1 ? A ILE 128 CG1 
51  1 Y 1 A ILE 107 ? CG2 ? A ILE 128 CG2 
52  1 Y 1 A ILE 107 ? CD1 ? A ILE 128 CD1 
53  1 Y 1 A LEU 108 ? CG  ? A LEU 129 CG  
54  1 Y 1 A LEU 108 ? CD1 ? A LEU 129 CD1 
55  1 Y 1 A LEU 108 ? CD2 ? A LEU 129 CD2 
56  1 Y 1 A ARG 116 ? CG  ? A ARG 137 CG  
57  1 Y 1 A ARG 116 ? CD  ? A ARG 137 CD  
58  1 Y 1 A ARG 116 ? NE  ? A ARG 137 NE  
59  1 Y 1 A ARG 116 ? CZ  ? A ARG 137 CZ  
60  1 Y 1 A ARG 116 ? NH1 ? A ARG 137 NH1 
61  1 Y 1 A ARG 116 ? NH2 ? A ARG 137 NH2 
62  1 Y 1 A LYS 118 ? CG  ? A LYS 139 CG  
63  1 Y 1 A LYS 118 ? CD  ? A LYS 139 CD  
64  1 Y 1 A LYS 118 ? CE  ? A LYS 139 CE  
65  1 Y 1 A LYS 118 ? NZ  ? A LYS 139 NZ  
66  1 Y 1 A GLU 119 ? CG  ? A GLU 140 CG  
67  1 Y 1 A GLU 119 ? CD  ? A GLU 140 CD  
68  1 Y 1 A GLU 119 ? OE1 ? A GLU 140 OE1 
69  1 Y 1 A GLU 119 ? OE2 ? A GLU 140 OE2 
70  1 Y 1 A LYS 136 ? CG  ? A LYS 157 CG  
71  1 Y 1 A LYS 136 ? CD  ? A LYS 157 CD  
72  1 Y 1 A LYS 136 ? CE  ? A LYS 157 CE  
73  1 Y 1 A LYS 136 ? NZ  ? A LYS 157 NZ  
74  1 Y 1 A LEU 149 ? CG  ? A LEU 170 CG  
75  1 Y 1 A LEU 149 ? CD1 ? A LEU 170 CD1 
76  1 Y 1 A LEU 149 ? CD2 ? A LEU 170 CD2 
77  1 Y 1 A ILE 155 ? CG1 ? A ILE 176 CG1 
78  1 Y 1 A ILE 155 ? CG2 ? A ILE 176 CG2 
79  1 Y 1 A ILE 155 ? CD1 ? A ILE 176 CD1 
80  1 Y 1 A ARG 169 ? CG  ? A ARG 190 CG  
81  1 Y 1 A ARG 169 ? CD  ? A ARG 190 CD  
82  1 Y 1 A ARG 169 ? NE  ? A ARG 190 NE  
83  1 Y 1 A ARG 169 ? CZ  ? A ARG 190 CZ  
84  1 Y 1 A ARG 169 ? NH1 ? A ARG 190 NH1 
85  1 Y 1 A ARG 169 ? NH2 ? A ARG 190 NH2 
86  1 Y 1 A LYS 172 ? CG  ? A LYS 193 CG  
87  1 Y 1 A LYS 172 ? CD  ? A LYS 193 CD  
88  1 Y 1 A LYS 172 ? CE  ? A LYS 193 CE  
89  1 Y 1 A LYS 172 ? NZ  ? A LYS 193 NZ  
90  1 Y 1 A LYS 186 ? CG  ? A LYS 207 CG  
91  1 Y 1 A LYS 186 ? CD  ? A LYS 207 CD  
92  1 Y 1 A LYS 186 ? CE  ? A LYS 207 CE  
93  1 Y 1 A LYS 186 ? NZ  ? A LYS 207 NZ  
94  1 Y 1 A GLU 187 ? CG  ? A GLU 208 CG  
95  1 Y 1 A GLU 187 ? CD  ? A GLU 208 CD  
96  1 Y 1 A GLU 187 ? OE1 ? A GLU 208 OE1 
97  1 Y 1 A GLU 187 ? OE2 ? A GLU 208 OE2 
98  1 Y 1 A LYS 189 ? CG  ? A LYS 210 CG  
99  1 Y 1 A LYS 189 ? CD  ? A LYS 210 CD  
100 1 Y 1 A LYS 189 ? CE  ? A LYS 210 CE  
101 1 Y 1 A LYS 189 ? NZ  ? A LYS 210 NZ  
102 1 Y 1 A LEU 197 ? CG  ? A LEU 218 CG  
103 1 Y 1 A LEU 197 ? CD1 ? A LEU 218 CD1 
104 1 Y 1 A LEU 197 ? CD2 ? A LEU 218 CD2 
105 1 Y 1 A LYS 201 ? CG  ? A LYS 222 CG  
106 1 Y 1 A LYS 201 ? CD  ? A LYS 222 CD  
107 1 Y 1 A LYS 201 ? CE  ? A LYS 222 CE  
108 1 Y 1 A LYS 201 ? NZ  ? A LYS 222 NZ  
# 
loop_
_pdbx_unobs_or_zero_occ_residues.id 
_pdbx_unobs_or_zero_occ_residues.PDB_model_num 
_pdbx_unobs_or_zero_occ_residues.polymer_flag 
_pdbx_unobs_or_zero_occ_residues.occupancy_flag 
_pdbx_unobs_or_zero_occ_residues.auth_asym_id 
_pdbx_unobs_or_zero_occ_residues.auth_comp_id 
_pdbx_unobs_or_zero_occ_residues.auth_seq_id 
_pdbx_unobs_or_zero_occ_residues.PDB_ins_code 
_pdbx_unobs_or_zero_occ_residues.label_asym_id 
_pdbx_unobs_or_zero_occ_residues.label_comp_id 
_pdbx_unobs_or_zero_occ_residues.label_seq_id 
1  1 Y 1 A MET -20 ? A MET 1   
2  1 Y 1 A GLY -19 ? A GLY 2   
3  1 Y 1 A SER -18 ? A SER 3   
4  1 Y 1 A SER -17 ? A SER 4   
5  1 Y 1 A HIS -16 ? A HIS 5   
6  1 Y 1 A HIS -15 ? A HIS 6   
7  1 Y 1 A HIS -14 ? A HIS 7   
8  1 Y 1 A HIS -13 ? A HIS 8   
9  1 Y 1 A HIS -12 ? A HIS 9   
10 1 Y 1 A HIS -11 ? A HIS 10  
11 1 Y 1 A LEU -10 ? A LEU 11  
12 1 Y 1 A GLU -9  ? A GLU 12  
13 1 Y 1 A VAL -8  ? A VAL 13  
14 1 Y 1 A LEU -7  ? A LEU 14  
15 1 Y 1 A PHE -6  ? A PHE 15  
16 1 Y 1 A GLN -5  ? A GLN 16  
17 1 Y 1 A GLY -4  ? A GLY 17  
18 1 Y 1 A PRO -3  ? A PRO 18  
19 1 Y 1 A HIS -2  ? A HIS 19  
20 1 Y 1 A MET -1  ? A MET 20  
21 1 Y 1 A ALA 0   ? A ALA 21  
22 1 Y 1 A HIS 111 ? A HIS 132 
23 1 Y 1 A PRO 112 ? A PRO 133 
24 1 Y 1 A PRO 113 ? A PRO 134 
25 1 Y 1 A ARG 114 ? A ARG 135 
26 1 Y 1 A ASN 173 ? A ASN 194 
27 1 Y 1 A GLU 174 ? A GLU 195 
28 1 Y 1 A LYS 202 ? A LYS 223 
29 1 Y 1 A ASP 203 ? A ASP 224 
30 1 Y 1 A SER 204 ? A SER 225 
31 1 Y 1 A ALA 205 ? A ALA 226 
32 1 Y 1 A GLN 206 ? A GLN 227 
33 1 Y 1 A SER 207 ? A SER 228 
34 1 Y 1 A LEU 208 ? A LEU 229 
35 1 Y 1 A ASP 209 ? A ASP 230 
36 1 Y 1 A ASP 210 ? A ASP 231 
37 1 Y 1 A LEU 211 ? A LEU 232 
38 1 Y 1 A LEU 212 ? A LEU 233 
39 1 Y 1 A MET 213 ? A MET 234 
# 
loop_
_chem_comp_atom.comp_id 
_chem_comp_atom.atom_id 
_chem_comp_atom.type_symbol 
_chem_comp_atom.pdbx_aromatic_flag 
_chem_comp_atom.pdbx_stereo_config 
_chem_comp_atom.pdbx_ordinal 
ALA N      N N N 1   
ALA CA     C N S 2   
ALA C      C N N 3   
ALA O      O N N 4   
ALA CB     C N N 5   
ALA OXT    O N N 6   
ALA H      H N N 7   
ALA H2     H N N 8   
ALA HA     H N N 9   
ALA HB1    H N N 10  
ALA HB2    H N N 11  
ALA HB3    H N N 12  
ALA HXT    H N N 13  
ARG N      N N N 14  
ARG CA     C N S 15  
ARG C      C N N 16  
ARG O      O N N 17  
ARG CB     C N N 18  
ARG CG     C N N 19  
ARG CD     C N N 20  
ARG NE     N N N 21  
ARG CZ     C N N 22  
ARG NH1    N N N 23  
ARG NH2    N N N 24  
ARG OXT    O N N 25  
ARG H      H N N 26  
ARG H2     H N N 27  
ARG HA     H N N 28  
ARG HB2    H N N 29  
ARG HB3    H N N 30  
ARG HG2    H N N 31  
ARG HG3    H N N 32  
ARG HD2    H N N 33  
ARG HD3    H N N 34  
ARG HE     H N N 35  
ARG HH11   H N N 36  
ARG HH12   H N N 37  
ARG HH21   H N N 38  
ARG HH22   H N N 39  
ARG HXT    H N N 40  
ASN N      N N N 41  
ASN CA     C N S 42  
ASN C      C N N 43  
ASN O      O N N 44  
ASN CB     C N N 45  
ASN CG     C N N 46  
ASN OD1    O N N 47  
ASN ND2    N N N 48  
ASN OXT    O N N 49  
ASN H      H N N 50  
ASN H2     H N N 51  
ASN HA     H N N 52  
ASN HB2    H N N 53  
ASN HB3    H N N 54  
ASN HD21   H N N 55  
ASN HD22   H N N 56  
ASN HXT    H N N 57  
ASP N      N N N 58  
ASP CA     C N S 59  
ASP C      C N N 60  
ASP O      O N N 61  
ASP CB     C N N 62  
ASP CG     C N N 63  
ASP OD1    O N N 64  
ASP OD2    O N N 65  
ASP OXT    O N N 66  
ASP H      H N N 67  
ASP H2     H N N 68  
ASP HA     H N N 69  
ASP HB2    H N N 70  
ASP HB3    H N N 71  
ASP HD2    H N N 72  
ASP HXT    H N N 73  
CYS N      N N N 74  
CYS CA     C N R 75  
CYS C      C N N 76  
CYS O      O N N 77  
CYS CB     C N N 78  
CYS SG     S N N 79  
CYS OXT    O N N 80  
CYS H      H N N 81  
CYS H2     H N N 82  
CYS HA     H N N 83  
CYS HB2    H N N 84  
CYS HB3    H N N 85  
CYS HG     H N N 86  
CYS HXT    H N N 87  
GLN N      N N N 88  
GLN CA     C N S 89  
GLN C      C N N 90  
GLN O      O N N 91  
GLN CB     C N N 92  
GLN CG     C N N 93  
GLN CD     C N N 94  
GLN OE1    O N N 95  
GLN NE2    N N N 96  
GLN OXT    O N N 97  
GLN H      H N N 98  
GLN H2     H N N 99  
GLN HA     H N N 100 
GLN HB2    H N N 101 
GLN HB3    H N N 102 
GLN HG2    H N N 103 
GLN HG3    H N N 104 
GLN HE21   H N N 105 
GLN HE22   H N N 106 
GLN HXT    H N N 107 
GLU N      N N N 108 
GLU CA     C N S 109 
GLU C      C N N 110 
GLU O      O N N 111 
GLU CB     C N N 112 
GLU CG     C N N 113 
GLU CD     C N N 114 
GLU OE1    O N N 115 
GLU OE2    O N N 116 
GLU OXT    O N N 117 
GLU H      H N N 118 
GLU H2     H N N 119 
GLU HA     H N N 120 
GLU HB2    H N N 121 
GLU HB3    H N N 122 
GLU HG2    H N N 123 
GLU HG3    H N N 124 
GLU HE2    H N N 125 
GLU HXT    H N N 126 
GLY N      N N N 127 
GLY CA     C N N 128 
GLY C      C N N 129 
GLY O      O N N 130 
GLY OXT    O N N 131 
GLY H      H N N 132 
GLY H2     H N N 133 
GLY HA2    H N N 134 
GLY HA3    H N N 135 
GLY HXT    H N N 136 
HIS N      N N N 137 
HIS CA     C N S 138 
HIS C      C N N 139 
HIS O      O N N 140 
HIS CB     C N N 141 
HIS CG     C Y N 142 
HIS ND1    N Y N 143 
HIS CD2    C Y N 144 
HIS CE1    C Y N 145 
HIS NE2    N Y N 146 
HIS OXT    O N N 147 
HIS H      H N N 148 
HIS H2     H N N 149 
HIS HA     H N N 150 
HIS HB2    H N N 151 
HIS HB3    H N N 152 
HIS HD1    H N N 153 
HIS HD2    H N N 154 
HIS HE1    H N N 155 
HIS HE2    H N N 156 
HIS HXT    H N N 157 
HOH O      O N N 158 
HOH H1     H N N 159 
HOH H2     H N N 160 
ILE N      N N N 161 
ILE CA     C N S 162 
ILE C      C N N 163 
ILE O      O N N 164 
ILE CB     C N S 165 
ILE CG1    C N N 166 
ILE CG2    C N N 167 
ILE CD1    C N N 168 
ILE OXT    O N N 169 
ILE H      H N N 170 
ILE H2     H N N 171 
ILE HA     H N N 172 
ILE HB     H N N 173 
ILE HG12   H N N 174 
ILE HG13   H N N 175 
ILE HG21   H N N 176 
ILE HG22   H N N 177 
ILE HG23   H N N 178 
ILE HD11   H N N 179 
ILE HD12   H N N 180 
ILE HD13   H N N 181 
ILE HXT    H N N 182 
LEU N      N N N 183 
LEU CA     C N S 184 
LEU C      C N N 185 
LEU O      O N N 186 
LEU CB     C N N 187 
LEU CG     C N N 188 
LEU CD1    C N N 189 
LEU CD2    C N N 190 
LEU OXT    O N N 191 
LEU H      H N N 192 
LEU H2     H N N 193 
LEU HA     H N N 194 
LEU HB2    H N N 195 
LEU HB3    H N N 196 
LEU HG     H N N 197 
LEU HD11   H N N 198 
LEU HD12   H N N 199 
LEU HD13   H N N 200 
LEU HD21   H N N 201 
LEU HD22   H N N 202 
LEU HD23   H N N 203 
LEU HXT    H N N 204 
LYS N      N N N 205 
LYS CA     C N S 206 
LYS C      C N N 207 
LYS O      O N N 208 
LYS CB     C N N 209 
LYS CG     C N N 210 
LYS CD     C N N 211 
LYS CE     C N N 212 
LYS NZ     N N N 213 
LYS OXT    O N N 214 
LYS H      H N N 215 
LYS H2     H N N 216 
LYS HA     H N N 217 
LYS HB2    H N N 218 
LYS HB3    H N N 219 
LYS HG2    H N N 220 
LYS HG3    H N N 221 
LYS HD2    H N N 222 
LYS HD3    H N N 223 
LYS HE2    H N N 224 
LYS HE3    H N N 225 
LYS HZ1    H N N 226 
LYS HZ2    H N N 227 
LYS HZ3    H N N 228 
LYS HXT    H N N 229 
MET N      N N N 230 
MET CA     C N S 231 
MET C      C N N 232 
MET O      O N N 233 
MET CB     C N N 234 
MET CG     C N N 235 
MET SD     S N N 236 
MET CE     C N N 237 
MET OXT    O N N 238 
MET H      H N N 239 
MET H2     H N N 240 
MET HA     H N N 241 
MET HB2    H N N 242 
MET HB3    H N N 243 
MET HG2    H N N 244 
MET HG3    H N N 245 
MET HE1    H N N 246 
MET HE2    H N N 247 
MET HE3    H N N 248 
MET HXT    H N N 249 
MTA CS     C N N 250 
MTA "S5'"  S N N 251 
MTA "C5'"  C N N 252 
MTA "C4'"  C N S 253 
MTA "O4'"  O N N 254 
MTA "C2'"  C N R 255 
MTA "O2'"  O N N 256 
MTA "C3'"  C N S 257 
MTA "O3'"  O N N 258 
MTA "C1'"  C N R 259 
MTA N9     N Y N 260 
MTA C8     C Y N 261 
MTA N7     N Y N 262 
MTA C5     C Y N 263 
MTA C6     C Y N 264 
MTA N6     N N N 265 
MTA N1     N Y N 266 
MTA C2     C Y N 267 
MTA N3     N Y N 268 
MTA C4     C Y N 269 
MTA HCS1   H N N 270 
MTA HCS2   H N N 271 
MTA HCS3   H N N 272 
MTA "H5'1" H N N 273 
MTA "H5'2" H N N 274 
MTA "H4'"  H N N 275 
MTA "H2'"  H N N 276 
MTA "HO2'" H N N 277 
MTA "H3'"  H N N 278 
MTA H3T    H N N 279 
MTA "H1'"  H N N 280 
MTA H8     H N N 281 
MTA H61    H N N 282 
MTA H62    H N N 283 
MTA H2     H N N 284 
PHE N      N N N 285 
PHE CA     C N S 286 
PHE C      C N N 287 
PHE O      O N N 288 
PHE CB     C N N 289 
PHE CG     C Y N 290 
PHE CD1    C Y N 291 
PHE CD2    C Y N 292 
PHE CE1    C Y N 293 
PHE CE2    C Y N 294 
PHE CZ     C Y N 295 
PHE OXT    O N N 296 
PHE H      H N N 297 
PHE H2     H N N 298 
PHE HA     H N N 299 
PHE HB2    H N N 300 
PHE HB3    H N N 301 
PHE HD1    H N N 302 
PHE HD2    H N N 303 
PHE HE1    H N N 304 
PHE HE2    H N N 305 
PHE HZ     H N N 306 
PHE HXT    H N N 307 
PRO N      N N N 308 
PRO CA     C N S 309 
PRO C      C N N 310 
PRO O      O N N 311 
PRO CB     C N N 312 
PRO CG     C N N 313 
PRO CD     C N N 314 
PRO OXT    O N N 315 
PRO H      H N N 316 
PRO HA     H N N 317 
PRO HB2    H N N 318 
PRO HB3    H N N 319 
PRO HG2    H N N 320 
PRO HG3    H N N 321 
PRO HD2    H N N 322 
PRO HD3    H N N 323 
PRO HXT    H N N 324 
SER N      N N N 325 
SER CA     C N S 326 
SER C      C N N 327 
SER O      O N N 328 
SER CB     C N N 329 
SER OG     O N N 330 
SER OXT    O N N 331 
SER H      H N N 332 
SER H2     H N N 333 
SER HA     H N N 334 
SER HB2    H N N 335 
SER HB3    H N N 336 
SER HG     H N N 337 
SER HXT    H N N 338 
THR N      N N N 339 
THR CA     C N S 340 
THR C      C N N 341 
THR O      O N N 342 
THR CB     C N R 343 
THR OG1    O N N 344 
THR CG2    C N N 345 
THR OXT    O N N 346 
THR H      H N N 347 
THR H2     H N N 348 
THR HA     H N N 349 
THR HB     H N N 350 
THR HG1    H N N 351 
THR HG21   H N N 352 
THR HG22   H N N 353 
THR HG23   H N N 354 
THR HXT    H N N 355 
TRP N      N N N 356 
TRP CA     C N S 357 
TRP C      C N N 358 
TRP O      O N N 359 
TRP CB     C N N 360 
TRP CG     C Y N 361 
TRP CD1    C Y N 362 
TRP CD2    C Y N 363 
TRP NE1    N Y N 364 
TRP CE2    C Y N 365 
TRP CE3    C Y N 366 
TRP CZ2    C Y N 367 
TRP CZ3    C Y N 368 
TRP CH2    C Y N 369 
TRP OXT    O N N 370 
TRP H      H N N 371 
TRP H2     H N N 372 
TRP HA     H N N 373 
TRP HB2    H N N 374 
TRP HB3    H N N 375 
TRP HD1    H N N 376 
TRP HE1    H N N 377 
TRP HE3    H N N 378 
TRP HZ2    H N N 379 
TRP HZ3    H N N 380 
TRP HH2    H N N 381 
TRP HXT    H N N 382 
TYR N      N N N 383 
TYR CA     C N S 384 
TYR C      C N N 385 
TYR O      O N N 386 
TYR CB     C N N 387 
TYR CG     C Y N 388 
TYR CD1    C Y N 389 
TYR CD2    C Y N 390 
TYR CE1    C Y N 391 
TYR CE2    C Y N 392 
TYR CZ     C Y N 393 
TYR OH     O N N 394 
TYR OXT    O N N 395 
TYR H      H N N 396 
TYR H2     H N N 397 
TYR HA     H N N 398 
TYR HB2    H N N 399 
TYR HB3    H N N 400 
TYR HD1    H N N 401 
TYR HD2    H N N 402 
TYR HE1    H N N 403 
TYR HE2    H N N 404 
TYR HH     H N N 405 
TYR HXT    H N N 406 
VAL N      N N N 407 
VAL CA     C N S 408 
VAL C      C N N 409 
VAL O      O N N 410 
VAL CB     C N N 411 
VAL CG1    C N N 412 
VAL CG2    C N N 413 
VAL OXT    O N N 414 
VAL H      H N N 415 
VAL H2     H N N 416 
VAL HA     H N N 417 
VAL HB     H N N 418 
VAL HG11   H N N 419 
VAL HG12   H N N 420 
VAL HG13   H N N 421 
VAL HG21   H N N 422 
VAL HG22   H N N 423 
VAL HG23   H N N 424 
VAL HXT    H N N 425 
# 
loop_
_chem_comp_bond.comp_id 
_chem_comp_bond.atom_id_1 
_chem_comp_bond.atom_id_2 
_chem_comp_bond.value_order 
_chem_comp_bond.pdbx_aromatic_flag 
_chem_comp_bond.pdbx_stereo_config 
_chem_comp_bond.pdbx_ordinal 
ALA N     CA     sing N N 1   
ALA N     H      sing N N 2   
ALA N     H2     sing N N 3   
ALA CA    C      sing N N 4   
ALA CA    CB     sing N N 5   
ALA CA    HA     sing N N 6   
ALA C     O      doub N N 7   
ALA C     OXT    sing N N 8   
ALA CB    HB1    sing N N 9   
ALA CB    HB2    sing N N 10  
ALA CB    HB3    sing N N 11  
ALA OXT   HXT    sing N N 12  
ARG N     CA     sing N N 13  
ARG N     H      sing N N 14  
ARG N     H2     sing N N 15  
ARG CA    C      sing N N 16  
ARG CA    CB     sing N N 17  
ARG CA    HA     sing N N 18  
ARG C     O      doub N N 19  
ARG C     OXT    sing N N 20  
ARG CB    CG     sing N N 21  
ARG CB    HB2    sing N N 22  
ARG CB    HB3    sing N N 23  
ARG CG    CD     sing N N 24  
ARG CG    HG2    sing N N 25  
ARG CG    HG3    sing N N 26  
ARG CD    NE     sing N N 27  
ARG CD    HD2    sing N N 28  
ARG CD    HD3    sing N N 29  
ARG NE    CZ     sing N N 30  
ARG NE    HE     sing N N 31  
ARG CZ    NH1    sing N N 32  
ARG CZ    NH2    doub N N 33  
ARG NH1   HH11   sing N N 34  
ARG NH1   HH12   sing N N 35  
ARG NH2   HH21   sing N N 36  
ARG NH2   HH22   sing N N 37  
ARG OXT   HXT    sing N N 38  
ASN N     CA     sing N N 39  
ASN N     H      sing N N 40  
ASN N     H2     sing N N 41  
ASN CA    C      sing N N 42  
ASN CA    CB     sing N N 43  
ASN CA    HA     sing N N 44  
ASN C     O      doub N N 45  
ASN C     OXT    sing N N 46  
ASN CB    CG     sing N N 47  
ASN CB    HB2    sing N N 48  
ASN CB    HB3    sing N N 49  
ASN CG    OD1    doub N N 50  
ASN CG    ND2    sing N N 51  
ASN ND2   HD21   sing N N 52  
ASN ND2   HD22   sing N N 53  
ASN OXT   HXT    sing N N 54  
ASP N     CA     sing N N 55  
ASP N     H      sing N N 56  
ASP N     H2     sing N N 57  
ASP CA    C      sing N N 58  
ASP CA    CB     sing N N 59  
ASP CA    HA     sing N N 60  
ASP C     O      doub N N 61  
ASP C     OXT    sing N N 62  
ASP CB    CG     sing N N 63  
ASP CB    HB2    sing N N 64  
ASP CB    HB3    sing N N 65  
ASP CG    OD1    doub N N 66  
ASP CG    OD2    sing N N 67  
ASP OD2   HD2    sing N N 68  
ASP OXT   HXT    sing N N 69  
CYS N     CA     sing N N 70  
CYS N     H      sing N N 71  
CYS N     H2     sing N N 72  
CYS CA    C      sing N N 73  
CYS CA    CB     sing N N 74  
CYS CA    HA     sing N N 75  
CYS C     O      doub N N 76  
CYS C     OXT    sing N N 77  
CYS CB    SG     sing N N 78  
CYS CB    HB2    sing N N 79  
CYS CB    HB3    sing N N 80  
CYS SG    HG     sing N N 81  
CYS OXT   HXT    sing N N 82  
GLN N     CA     sing N N 83  
GLN N     H      sing N N 84  
GLN N     H2     sing N N 85  
GLN CA    C      sing N N 86  
GLN CA    CB     sing N N 87  
GLN CA    HA     sing N N 88  
GLN C     O      doub N N 89  
GLN C     OXT    sing N N 90  
GLN CB    CG     sing N N 91  
GLN CB    HB2    sing N N 92  
GLN CB    HB3    sing N N 93  
GLN CG    CD     sing N N 94  
GLN CG    HG2    sing N N 95  
GLN CG    HG3    sing N N 96  
GLN CD    OE1    doub N N 97  
GLN CD    NE2    sing N N 98  
GLN NE2   HE21   sing N N 99  
GLN NE2   HE22   sing N N 100 
GLN OXT   HXT    sing N N 101 
GLU N     CA     sing N N 102 
GLU N     H      sing N N 103 
GLU N     H2     sing N N 104 
GLU CA    C      sing N N 105 
GLU CA    CB     sing N N 106 
GLU CA    HA     sing N N 107 
GLU C     O      doub N N 108 
GLU C     OXT    sing N N 109 
GLU CB    CG     sing N N 110 
GLU CB    HB2    sing N N 111 
GLU CB    HB3    sing N N 112 
GLU CG    CD     sing N N 113 
GLU CG    HG2    sing N N 114 
GLU CG    HG3    sing N N 115 
GLU CD    OE1    doub N N 116 
GLU CD    OE2    sing N N 117 
GLU OE2   HE2    sing N N 118 
GLU OXT   HXT    sing N N 119 
GLY N     CA     sing N N 120 
GLY N     H      sing N N 121 
GLY N     H2     sing N N 122 
GLY CA    C      sing N N 123 
GLY CA    HA2    sing N N 124 
GLY CA    HA3    sing N N 125 
GLY C     O      doub N N 126 
GLY C     OXT    sing N N 127 
GLY OXT   HXT    sing N N 128 
HIS N     CA     sing N N 129 
HIS N     H      sing N N 130 
HIS N     H2     sing N N 131 
HIS CA    C      sing N N 132 
HIS CA    CB     sing N N 133 
HIS CA    HA     sing N N 134 
HIS C     O      doub N N 135 
HIS C     OXT    sing N N 136 
HIS CB    CG     sing N N 137 
HIS CB    HB2    sing N N 138 
HIS CB    HB3    sing N N 139 
HIS CG    ND1    sing Y N 140 
HIS CG    CD2    doub Y N 141 
HIS ND1   CE1    doub Y N 142 
HIS ND1   HD1    sing N N 143 
HIS CD2   NE2    sing Y N 144 
HIS CD2   HD2    sing N N 145 
HIS CE1   NE2    sing Y N 146 
HIS CE1   HE1    sing N N 147 
HIS NE2   HE2    sing N N 148 
HIS OXT   HXT    sing N N 149 
HOH O     H1     sing N N 150 
HOH O     H2     sing N N 151 
ILE N     CA     sing N N 152 
ILE N     H      sing N N 153 
ILE N     H2     sing N N 154 
ILE CA    C      sing N N 155 
ILE CA    CB     sing N N 156 
ILE CA    HA     sing N N 157 
ILE C     O      doub N N 158 
ILE C     OXT    sing N N 159 
ILE CB    CG1    sing N N 160 
ILE CB    CG2    sing N N 161 
ILE CB    HB     sing N N 162 
ILE CG1   CD1    sing N N 163 
ILE CG1   HG12   sing N N 164 
ILE CG1   HG13   sing N N 165 
ILE CG2   HG21   sing N N 166 
ILE CG2   HG22   sing N N 167 
ILE CG2   HG23   sing N N 168 
ILE CD1   HD11   sing N N 169 
ILE CD1   HD12   sing N N 170 
ILE CD1   HD13   sing N N 171 
ILE OXT   HXT    sing N N 172 
LEU N     CA     sing N N 173 
LEU N     H      sing N N 174 
LEU N     H2     sing N N 175 
LEU CA    C      sing N N 176 
LEU CA    CB     sing N N 177 
LEU CA    HA     sing N N 178 
LEU C     O      doub N N 179 
LEU C     OXT    sing N N 180 
LEU CB    CG     sing N N 181 
LEU CB    HB2    sing N N 182 
LEU CB    HB3    sing N N 183 
LEU CG    CD1    sing N N 184 
LEU CG    CD2    sing N N 185 
LEU CG    HG     sing N N 186 
LEU CD1   HD11   sing N N 187 
LEU CD1   HD12   sing N N 188 
LEU CD1   HD13   sing N N 189 
LEU CD2   HD21   sing N N 190 
LEU CD2   HD22   sing N N 191 
LEU CD2   HD23   sing N N 192 
LEU OXT   HXT    sing N N 193 
LYS N     CA     sing N N 194 
LYS N     H      sing N N 195 
LYS N     H2     sing N N 196 
LYS CA    C      sing N N 197 
LYS CA    CB     sing N N 198 
LYS CA    HA     sing N N 199 
LYS C     O      doub N N 200 
LYS C     OXT    sing N N 201 
LYS CB    CG     sing N N 202 
LYS CB    HB2    sing N N 203 
LYS CB    HB3    sing N N 204 
LYS CG    CD     sing N N 205 
LYS CG    HG2    sing N N 206 
LYS CG    HG3    sing N N 207 
LYS CD    CE     sing N N 208 
LYS CD    HD2    sing N N 209 
LYS CD    HD3    sing N N 210 
LYS CE    NZ     sing N N 211 
LYS CE    HE2    sing N N 212 
LYS CE    HE3    sing N N 213 
LYS NZ    HZ1    sing N N 214 
LYS NZ    HZ2    sing N N 215 
LYS NZ    HZ3    sing N N 216 
LYS OXT   HXT    sing N N 217 
MET N     CA     sing N N 218 
MET N     H      sing N N 219 
MET N     H2     sing N N 220 
MET CA    C      sing N N 221 
MET CA    CB     sing N N 222 
MET CA    HA     sing N N 223 
MET C     O      doub N N 224 
MET C     OXT    sing N N 225 
MET CB    CG     sing N N 226 
MET CB    HB2    sing N N 227 
MET CB    HB3    sing N N 228 
MET CG    SD     sing N N 229 
MET CG    HG2    sing N N 230 
MET CG    HG3    sing N N 231 
MET SD    CE     sing N N 232 
MET CE    HE1    sing N N 233 
MET CE    HE2    sing N N 234 
MET CE    HE3    sing N N 235 
MET OXT   HXT    sing N N 236 
MTA CS    "S5'"  sing N N 237 
MTA CS    HCS1   sing N N 238 
MTA CS    HCS2   sing N N 239 
MTA CS    HCS3   sing N N 240 
MTA "S5'" "C5'"  sing N N 241 
MTA "C5'" "C4'"  sing N N 242 
MTA "C5'" "H5'1" sing N N 243 
MTA "C5'" "H5'2" sing N N 244 
MTA "C4'" "O4'"  sing N N 245 
MTA "C4'" "C3'"  sing N N 246 
MTA "C4'" "H4'"  sing N N 247 
MTA "O4'" "C1'"  sing N N 248 
MTA "C2'" "O2'"  sing N N 249 
MTA "C2'" "C3'"  sing N N 250 
MTA "C2'" "C1'"  sing N N 251 
MTA "C2'" "H2'"  sing N N 252 
MTA "O2'" "HO2'" sing N N 253 
MTA "C3'" "O3'"  sing N N 254 
MTA "C3'" "H3'"  sing N N 255 
MTA "O3'" H3T    sing N N 256 
MTA "C1'" N9     sing N N 257 
MTA "C1'" "H1'"  sing N N 258 
MTA N9    C8     sing Y N 259 
MTA N9    C4     sing Y N 260 
MTA C8    N7     doub Y N 261 
MTA C8    H8     sing N N 262 
MTA N7    C5     sing Y N 263 
MTA C5    C6     sing Y N 264 
MTA C5    C4     doub Y N 265 
MTA C6    N6     sing N N 266 
MTA C6    N1     doub Y N 267 
MTA N6    H61    sing N N 268 
MTA N6    H62    sing N N 269 
MTA N1    C2     sing Y N 270 
MTA C2    N3     doub Y N 271 
MTA C2    H2     sing N N 272 
MTA N3    C4     sing Y N 273 
PHE N     CA     sing N N 274 
PHE N     H      sing N N 275 
PHE N     H2     sing N N 276 
PHE CA    C      sing N N 277 
PHE CA    CB     sing N N 278 
PHE CA    HA     sing N N 279 
PHE C     O      doub N N 280 
PHE C     OXT    sing N N 281 
PHE CB    CG     sing N N 282 
PHE CB    HB2    sing N N 283 
PHE CB    HB3    sing N N 284 
PHE CG    CD1    doub Y N 285 
PHE CG    CD2    sing Y N 286 
PHE CD1   CE1    sing Y N 287 
PHE CD1   HD1    sing N N 288 
PHE CD2   CE2    doub Y N 289 
PHE CD2   HD2    sing N N 290 
PHE CE1   CZ     doub Y N 291 
PHE CE1   HE1    sing N N 292 
PHE CE2   CZ     sing Y N 293 
PHE CE2   HE2    sing N N 294 
PHE CZ    HZ     sing N N 295 
PHE OXT   HXT    sing N N 296 
PRO N     CA     sing N N 297 
PRO N     CD     sing N N 298 
PRO N     H      sing N N 299 
PRO CA    C      sing N N 300 
PRO CA    CB     sing N N 301 
PRO CA    HA     sing N N 302 
PRO C     O      doub N N 303 
PRO C     OXT    sing N N 304 
PRO CB    CG     sing N N 305 
PRO CB    HB2    sing N N 306 
PRO CB    HB3    sing N N 307 
PRO CG    CD     sing N N 308 
PRO CG    HG2    sing N N 309 
PRO CG    HG3    sing N N 310 
PRO CD    HD2    sing N N 311 
PRO CD    HD3    sing N N 312 
PRO OXT   HXT    sing N N 313 
SER N     CA     sing N N 314 
SER N     H      sing N N 315 
SER N     H2     sing N N 316 
SER CA    C      sing N N 317 
SER CA    CB     sing N N 318 
SER CA    HA     sing N N 319 
SER C     O      doub N N 320 
SER C     OXT    sing N N 321 
SER CB    OG     sing N N 322 
SER CB    HB2    sing N N 323 
SER CB    HB3    sing N N 324 
SER OG    HG     sing N N 325 
SER OXT   HXT    sing N N 326 
THR N     CA     sing N N 327 
THR N     H      sing N N 328 
THR N     H2     sing N N 329 
THR CA    C      sing N N 330 
THR CA    CB     sing N N 331 
THR CA    HA     sing N N 332 
THR C     O      doub N N 333 
THR C     OXT    sing N N 334 
THR CB    OG1    sing N N 335 
THR CB    CG2    sing N N 336 
THR CB    HB     sing N N 337 
THR OG1   HG1    sing N N 338 
THR CG2   HG21   sing N N 339 
THR CG2   HG22   sing N N 340 
THR CG2   HG23   sing N N 341 
THR OXT   HXT    sing N N 342 
TRP N     CA     sing N N 343 
TRP N     H      sing N N 344 
TRP N     H2     sing N N 345 
TRP CA    C      sing N N 346 
TRP CA    CB     sing N N 347 
TRP CA    HA     sing N N 348 
TRP C     O      doub N N 349 
TRP C     OXT    sing N N 350 
TRP CB    CG     sing N N 351 
TRP CB    HB2    sing N N 352 
TRP CB    HB3    sing N N 353 
TRP CG    CD1    doub Y N 354 
TRP CG    CD2    sing Y N 355 
TRP CD1   NE1    sing Y N 356 
TRP CD1   HD1    sing N N 357 
TRP CD2   CE2    doub Y N 358 
TRP CD2   CE3    sing Y N 359 
TRP NE1   CE2    sing Y N 360 
TRP NE1   HE1    sing N N 361 
TRP CE2   CZ2    sing Y N 362 
TRP CE3   CZ3    doub Y N 363 
TRP CE3   HE3    sing N N 364 
TRP CZ2   CH2    doub Y N 365 
TRP CZ2   HZ2    sing N N 366 
TRP CZ3   CH2    sing Y N 367 
TRP CZ3   HZ3    sing N N 368 
TRP CH2   HH2    sing N N 369 
TRP OXT   HXT    sing N N 370 
TYR N     CA     sing N N 371 
TYR N     H      sing N N 372 
TYR N     H2     sing N N 373 
TYR CA    C      sing N N 374 
TYR CA    CB     sing N N 375 
TYR CA    HA     sing N N 376 
TYR C     O      doub N N 377 
TYR C     OXT    sing N N 378 
TYR CB    CG     sing N N 379 
TYR CB    HB2    sing N N 380 
TYR CB    HB3    sing N N 381 
TYR CG    CD1    doub Y N 382 
TYR CG    CD2    sing Y N 383 
TYR CD1   CE1    sing Y N 384 
TYR CD1   HD1    sing N N 385 
TYR CD2   CE2    doub Y N 386 
TYR CD2   HD2    sing N N 387 
TYR CE1   CZ     doub Y N 388 
TYR CE1   HE1    sing N N 389 
TYR CE2   CZ     sing Y N 390 
TYR CE2   HE2    sing N N 391 
TYR CZ    OH     sing N N 392 
TYR OH    HH     sing N N 393 
TYR OXT   HXT    sing N N 394 
VAL N     CA     sing N N 395 
VAL N     H      sing N N 396 
VAL N     H2     sing N N 397 
VAL CA    C      sing N N 398 
VAL CA    CB     sing N N 399 
VAL CA    HA     sing N N 400 
VAL C     O      doub N N 401 
VAL C     OXT    sing N N 402 
VAL CB    CG1    sing N N 403 
VAL CB    CG2    sing N N 404 
VAL CB    HB     sing N N 405 
VAL CG1   HG11   sing N N 406 
VAL CG1   HG12   sing N N 407 
VAL CG1   HG13   sing N N 408 
VAL CG2   HG21   sing N N 409 
VAL CG2   HG22   sing N N 410 
VAL CG2   HG23   sing N N 411 
VAL OXT   HXT    sing N N 412 
# 
loop_
_pdbx_entity_nonpoly.entity_id 
_pdbx_entity_nonpoly.name 
_pdbx_entity_nonpoly.comp_id 
2 "5'-DEOXY-5'-METHYLTHIOADENOSINE" MTA 
3 water                             HOH 
# 
_pdbx_initial_refinement_model.id               1 
_pdbx_initial_refinement_model.entity_id_list   ? 
_pdbx_initial_refinement_model.type             'experimental model' 
_pdbx_initial_refinement_model.source_name      PDB 
_pdbx_initial_refinement_model.accession_code   5C77 
_pdbx_initial_refinement_model.details          ? 
# 
